data_8G3M
#
_entry.id   8G3M
#
_cell.length_a   1.00
_cell.length_b   1.00
_cell.length_c   1.00
_cell.angle_alpha   90.00
_cell.angle_beta   90.00
_cell.angle_gamma   90.00
#
_symmetry.space_group_name_H-M   'P 1'
#
loop_
_entity.id
_entity.type
_entity.pdbx_description
1 polymer Neuraminidase
2 polymer 'FNI9 Fab heavy chain'
3 polymer 'FNI9 Fab light chain'
4 branched beta-D-mannopyranose-(1-4)-2-acetamido-2-deoxy-beta-D-glucopyranose-(1-4)-2-acetamido-2-deoxy-beta-D-glucopyranose
5 branched alpha-D-mannopyranose-(1-6)-beta-D-mannopyranose-(1-4)-2-acetamido-2-deoxy-beta-D-glucopyranose-(1-4)-2-acetamido-2-deoxy-beta-D-glucopyranose
6 branched alpha-D-mannopyranose-(1-2)-alpha-D-mannopyranose-(1-3)-[alpha-D-mannopyranose-(1-3)-[alpha-D-mannopyranose-(1-6)]alpha-D-mannopyranose-(1-6)]beta-D-mannopyranose-(1-4)-2-acetamido-2-deoxy-beta-D-glucopyranose-(1-4)-2-acetamido-2-deoxy-beta-D-glucopyranose
7 branched beta-D-mannopyranose-(1-4)-2-acetamido-2-deoxy-beta-D-glucopyranose-(1-4)-[alpha-L-fucopyranose-(1-6)]2-acetamido-2-deoxy-beta-D-glucopyranose
8 branched 2-acetamido-2-deoxy-beta-D-glucopyranose-(1-4)-2-acetamido-2-deoxy-beta-D-glucopyranose
9 non-polymer 'CALCIUM ION'
#
loop_
_entity_poly.entity_id
_entity_poly.type
_entity_poly.pdbx_seq_one_letter_code
_entity_poly.pdbx_strand_id
1 'polypeptide(L)'
;METDTLLLWVLLLWVPGSTGDHHHHHHGSGLNDIFEAQKIEWHEGSIINETADDIVYRLTVIIDDRYESLKNLITLRADR
LEMIINDNVSTILASGENLYFQGSAEYRNWSKPQCDITGFAPFSKDNSIRLSAGGDIWVTREPYVSCDPDKCYQFALGQG
TTLNNVHSNNTVRDRTPYRTLLMNELGVPFHLGTKQVCIAWSSSSCHDGKAWLHVCITGDDKNATASFIYNGRLVDSVVS
WSKEILRTQESECVCINGTCTVVMTDGSASGKADTKILFIEEGKIVHTSTLSGSAQHVEECSCYPRYPGVRCVCRDNWKG
SNRPIVDINIKDHSIVSSYVCSGLVGDTPRKNDSSSSSHCLDPNNEEGGHGVKGWAFDDGNDVWMGRTINETSRLGYETF
KVIEGWSNPKSKLQINRQVIVDRGNRSGYSGIFSVEGKSCINRCFYVELIRGRKEETEVLWTSNSIVVFCGTSGTYGTGS
WPDGADLNLMPI
;
G,J,K,L
2 'polypeptide(L)'
;QVHLVQSGAEVKEPGSSVTVSCKASGGSFNNQAISWVRQAPGQGLEWMGGIFPISGTPTSAQRFQGRVTFTADESTTTVY
MDLSSLRSDDTAVYYCARAGSDYFNRDLGWENYYFASWGQGTLVTVSSASTKGPSVFPLAPSSKSTSGGTAALGCLVKDY
FPEPVTVSWNSGALTSGVHTFPAVLQSSGLYSLSSVVTVPSSSLGTQTYICNVNHKPSNTKVDKKVEPKSC
;
E,A,C
3 'polypeptide(L)'
;EIVMTQSPATLSLSSGERATLSCRASRSVSSNLAWYQQKPGQAPRLLIYDASTRATGFSARFAGSGSGTEFTLTISSLQS
EDSAIYYCQQYNNWPPWTFGQGTKVEIKRTVAAPSVFIFPPSDEQLKSGTASVVCLLNNFYPREAKVQWKVDNALQSGNS
QESVTEQDSKDSTYSLSSTLTLSKADYEKHKVYACEVTHQGLSSPVTKSFNRGEC
;
F,D,I
#
# COMPACT_ATOMS: atom_id res chain seq x y z
N ALA A 105 -32.20 -8.35 3.71
CA ALA A 105 -31.89 -6.89 3.69
C ALA A 105 -33.05 -6.08 3.10
N GLU A 106 -33.12 -4.79 3.44
CA GLU A 106 -34.14 -3.83 2.93
C GLU A 106 -33.46 -2.51 2.56
N TYR A 107 -34.06 -1.73 1.66
CA TYR A 107 -33.52 -0.39 1.31
C TYR A 107 -33.61 0.55 2.54
N ARG A 108 -32.64 1.46 2.66
CA ARG A 108 -32.65 2.50 3.73
C ARG A 108 -33.85 3.46 3.56
N ASN A 109 -34.39 3.97 4.68
CA ASN A 109 -35.43 5.04 4.61
C ASN A 109 -35.16 6.26 5.53
N TRP A 110 -34.21 6.21 6.47
CA TRP A 110 -33.84 7.33 7.38
C TRP A 110 -35.04 7.95 8.13
N SER A 111 -36.11 7.21 8.42
CA SER A 111 -37.35 7.77 9.02
C SER A 111 -37.26 7.99 10.54
N LYS A 112 -36.10 7.84 11.17
CA LYS A 112 -35.89 8.19 12.62
C LYS A 112 -35.68 9.69 12.80
N PRO A 113 -36.01 10.27 13.99
CA PRO A 113 -35.76 11.69 14.26
C PRO A 113 -34.27 12.03 14.45
N GLN A 114 -33.90 13.29 14.29
CA GLN A 114 -32.48 13.75 14.46
C GLN A 114 -32.13 13.74 15.97
N CYS A 115 -30.91 13.35 16.31
CA CYS A 115 -30.40 13.28 17.72
C CYS A 115 -30.21 14.69 18.32
N ASP A 116 -30.33 14.82 19.64
CA ASP A 116 -30.16 16.10 20.38
C ASP A 116 -28.67 16.45 20.55
N ILE A 117 -28.10 17.08 19.55
CA ILE A 117 -26.65 17.45 19.54
C ILE A 117 -26.37 18.64 20.49
N THR A 118 -25.32 18.53 21.32
CA THR A 118 -24.78 19.59 22.21
C THR A 118 -23.39 20.03 21.77
N GLY A 119 -22.83 19.35 20.78
CA GLY A 119 -21.50 19.65 20.19
C GLY A 119 -20.92 18.40 19.55
N PHE A 120 -19.63 18.41 19.24
CA PHE A 120 -18.98 17.33 18.46
C PHE A 120 -17.78 16.75 19.23
N ALA A 121 -17.67 15.42 19.27
CA ALA A 121 -16.59 14.64 19.93
C ALA A 121 -15.69 13.98 18.89
N PRO A 122 -14.36 13.78 19.13
CA PRO A 122 -13.47 13.16 18.14
C PRO A 122 -13.84 11.71 17.81
N PHE A 123 -13.69 11.31 16.55
CA PHE A 123 -14.05 9.96 16.05
C PHE A 123 -12.90 9.27 15.29
N SER A 124 -12.09 9.95 14.46
CA SER A 124 -11.00 9.27 13.71
C SER A 124 -9.99 10.23 13.10
N LYS A 125 -8.81 9.73 12.77
CA LYS A 125 -7.71 10.49 12.13
C LYS A 125 -6.84 9.51 11.32
N ASP A 126 -6.21 9.92 10.22
CA ASP A 126 -5.53 8.96 9.31
C ASP A 126 -3.99 9.02 9.44
N ASN A 127 -3.42 10.19 9.68
CA ASN A 127 -1.94 10.40 9.80
C ASN A 127 -1.21 10.12 8.48
N SER A 128 -1.89 10.16 7.33
CA SER A 128 -1.32 9.81 6.00
C SER A 128 0.02 10.51 5.69
N ILE A 129 0.16 11.82 5.89
CA ILE A 129 1.42 12.49 5.46
C ILE A 129 2.58 12.04 6.38
N ARG A 130 2.36 11.86 7.70
CA ARG A 130 3.45 11.41 8.63
C ARG A 130 3.91 10.00 8.26
N LEU A 131 2.97 9.07 7.97
CA LEU A 131 3.30 7.69 7.53
C LEU A 131 4.05 7.70 6.18
N SER A 132 3.70 8.59 5.25
CA SER A 132 4.28 8.69 3.89
C SER A 132 5.80 8.92 3.93
N ALA A 133 6.36 9.51 4.98
CA ALA A 133 7.82 9.79 5.04
C ALA A 133 8.64 8.49 5.16
N GLY A 134 7.99 7.34 5.43
CA GLY A 134 8.63 6.02 5.48
C GLY A 134 7.60 4.92 5.26
N GLY A 135 7.07 4.83 4.04
CA GLY A 135 5.99 3.91 3.65
C GLY A 135 5.46 4.20 2.25
N ASP A 136 4.73 3.25 1.64
CA ASP A 136 4.12 3.42 0.29
C ASP A 136 2.65 3.81 0.44
N ILE A 137 2.38 5.12 0.41
CA ILE A 137 1.02 5.71 0.58
C ILE A 137 0.66 6.49 -0.70
N TRP A 138 -0.60 6.38 -1.14
CA TRP A 138 -1.17 7.09 -2.32
C TRP A 138 -1.21 8.63 -2.15
N VAL A 139 -0.93 9.42 -3.18
CA VAL A 139 -1.21 10.89 -3.24
C VAL A 139 -2.70 11.12 -3.52
N THR A 140 -3.36 11.98 -2.74
CA THR A 140 -4.82 12.25 -2.86
C THR A 140 -5.22 13.72 -2.64
N ARG A 141 -6.45 14.05 -3.01
CA ARG A 141 -7.21 15.28 -2.63
C ARG A 141 -8.71 14.96 -2.73
N GLU A 142 -9.55 15.88 -2.25
CA GLU A 142 -11.03 15.81 -2.31
C GLU A 142 -11.55 14.53 -1.65
N PRO A 143 -11.19 14.24 -0.39
CA PRO A 143 -11.72 13.07 0.33
C PRO A 143 -13.15 13.25 0.83
N TYR A 144 -13.75 12.14 1.19
CA TYR A 144 -15.09 12.11 1.81
C TYR A 144 -15.33 10.80 2.56
N VAL A 145 -16.37 10.75 3.38
CA VAL A 145 -16.71 9.58 4.22
C VAL A 145 -18.15 9.20 3.96
N SER A 146 -18.44 7.90 3.94
CA SER A 146 -19.80 7.37 3.84
C SER A 146 -19.86 6.01 4.57
N CYS A 147 -21.02 5.55 4.96
CA CYS A 147 -21.14 4.32 5.78
C CYS A 147 -22.23 3.40 5.23
N ASP A 148 -21.95 2.10 5.20
CA ASP A 148 -23.00 1.08 4.94
C ASP A 148 -23.70 0.80 6.26
N PRO A 149 -24.70 -0.12 6.34
CA PRO A 149 -25.39 -0.43 7.60
C PRO A 149 -24.52 -0.96 8.74
N ASP A 150 -23.30 -1.45 8.45
CA ASP A 150 -22.39 -2.10 9.42
C ASP A 150 -21.15 -1.25 9.74
N LYS A 151 -20.54 -0.56 8.76
CA LYS A 151 -19.30 0.22 9.02
C LYS A 151 -19.05 1.37 8.02
N CYS A 152 -18.13 2.26 8.38
CA CYS A 152 -17.81 3.47 7.59
C CYS A 152 -16.55 3.27 6.74
N TYR A 153 -16.56 3.92 5.58
CA TYR A 153 -15.47 3.88 4.58
C TYR A 153 -14.98 5.28 4.29
N GLN A 154 -13.72 5.41 4.00
CA GLN A 154 -13.11 6.66 3.54
C GLN A 154 -12.88 6.55 2.03
N PHE A 155 -13.20 7.60 1.28
CA PHE A 155 -13.02 7.71 -0.19
C PHE A 155 -12.11 8.88 -0.52
N ALA A 156 -11.38 8.79 -1.61
CA ALA A 156 -10.52 9.91 -2.08
C ALA A 156 -10.22 9.77 -3.58
N LEU A 157 -9.95 10.88 -4.26
CA LEU A 157 -9.56 10.83 -5.68
C LEU A 157 -8.04 10.76 -5.72
N GLY A 158 -7.49 9.60 -6.08
CA GLY A 158 -6.04 9.44 -6.20
C GLY A 158 -5.47 10.20 -7.37
N GLN A 159 -4.17 10.45 -7.36
CA GLN A 159 -3.45 11.09 -8.49
C GLN A 159 -2.66 10.00 -9.26
N GLY A 160 -3.06 8.72 -9.19
CA GLY A 160 -2.37 7.62 -9.89
C GLY A 160 -0.88 7.48 -9.51
N THR A 161 -0.48 7.74 -8.27
CA THR A 161 0.95 7.64 -7.80
C THR A 161 1.03 7.55 -6.27
N THR A 162 2.11 6.99 -5.76
CA THR A 162 2.46 7.04 -4.30
C THR A 162 3.24 8.32 -4.06
N LEU A 163 3.45 8.71 -2.80
CA LEU A 163 4.04 10.04 -2.48
C LEU A 163 5.55 10.02 -2.72
N ASN A 164 6.30 9.05 -2.22
CA ASN A 164 7.76 8.97 -2.46
C ASN A 164 8.01 8.28 -3.81
N ASN A 165 7.74 8.99 -4.91
CA ASN A 165 7.69 8.46 -6.30
C ASN A 165 7.97 9.61 -7.29
N VAL A 166 8.64 9.38 -8.42
CA VAL A 166 8.90 10.47 -9.43
C VAL A 166 7.59 11.01 -9.99
N HIS A 167 6.53 10.20 -10.05
CA HIS A 167 5.21 10.62 -10.59
C HIS A 167 4.44 11.51 -9.61
N SER A 168 4.93 11.75 -8.39
CA SER A 168 4.29 12.64 -7.39
C SER A 168 4.48 14.13 -7.75
N ASN A 169 5.47 14.49 -8.57
CA ASN A 169 5.72 15.89 -9.01
C ASN A 169 4.51 16.45 -9.81
N ASN A 170 4.23 17.75 -9.69
CA ASN A 170 3.13 18.47 -10.40
C ASN A 170 1.75 17.86 -10.11
N THR A 171 1.51 17.26 -8.94
CA THR A 171 0.20 16.64 -8.58
C THR A 171 -0.87 17.68 -8.19
N VAL A 172 -0.70 18.94 -8.59
CA VAL A 172 -1.60 20.06 -8.21
C VAL A 172 -2.87 20.09 -9.09
N ARG A 173 -2.81 19.67 -10.36
CA ARG A 173 -3.97 19.75 -11.30
C ARG A 173 -5.10 18.82 -10.89
N ASP A 174 -6.33 19.28 -11.03
CA ASP A 174 -7.52 18.54 -10.53
C ASP A 174 -8.00 17.53 -11.57
N ARG A 175 -7.74 17.75 -12.87
CA ARG A 175 -8.23 16.85 -13.96
C ARG A 175 -7.04 16.31 -14.77
N THR A 176 -6.88 14.98 -14.78
CA THR A 176 -5.89 14.19 -15.57
C THR A 176 -6.49 12.83 -15.91
N PRO A 177 -5.95 12.07 -16.90
CA PRO A 177 -6.54 10.77 -17.27
C PRO A 177 -6.39 9.65 -16.22
N TYR A 178 -5.47 9.83 -15.25
CA TYR A 178 -4.98 8.80 -14.30
C TYR A 178 -5.77 8.78 -12.99
N ARG A 179 -6.59 9.79 -12.69
CA ARG A 179 -7.29 9.86 -11.40
C ARG A 179 -8.30 8.73 -11.29
N THR A 180 -8.37 8.11 -10.12
CA THR A 180 -9.30 6.98 -9.82
C THR A 180 -9.90 7.17 -8.43
N LEU A 181 -11.07 6.63 -8.20
CA LEU A 181 -11.71 6.70 -6.86
C LEU A 181 -11.15 5.58 -6.00
N LEU A 182 -10.42 5.91 -4.91
CA LEU A 182 -9.91 4.94 -3.88
C LEU A 182 -11.00 4.66 -2.82
N MET A 183 -11.04 3.46 -2.27
CA MET A 183 -12.00 3.08 -1.19
C MET A 183 -11.32 2.19 -0.14
N ASN A 184 -11.46 2.51 1.15
CA ASN A 184 -10.91 1.75 2.31
C ASN A 184 -11.90 1.82 3.49
N GLU A 185 -11.84 0.89 4.44
CA GLU A 185 -12.56 1.06 5.72
C GLU A 185 -11.95 2.27 6.49
N LEU A 186 -12.81 2.98 7.24
CA LEU A 186 -12.36 4.24 7.90
C LEU A 186 -11.22 3.94 8.88
N GLY A 187 -10.12 4.65 8.75
CA GLY A 187 -8.97 4.48 9.65
C GLY A 187 -7.81 3.73 9.04
N VAL A 188 -8.04 2.92 7.99
CA VAL A 188 -6.94 2.22 7.25
C VAL A 188 -6.34 3.17 6.22
N PRO A 189 -5.08 3.61 6.33
CA PRO A 189 -4.51 4.56 5.38
C PRO A 189 -4.45 4.00 3.95
N PHE A 190 -4.35 4.86 2.94
CA PHE A 190 -4.31 4.41 1.52
C PHE A 190 -2.90 3.88 1.17
N HIS A 191 -2.68 2.59 1.47
CA HIS A 191 -1.45 1.79 1.14
C HIS A 191 -1.62 1.10 -0.24
N LEU A 192 -0.57 0.42 -0.75
CA LEU A 192 -0.59 -0.19 -2.12
C LEU A 192 -1.69 -1.25 -2.29
N GLY A 193 -2.25 -1.84 -1.24
CA GLY A 193 -3.34 -2.82 -1.38
C GLY A 193 -4.71 -2.21 -1.55
N THR A 194 -4.83 -0.88 -1.63
CA THR A 194 -6.15 -0.16 -1.71
C THR A 194 -6.88 -0.51 -3.01
N LYS A 195 -8.20 -0.70 -2.98
CA LYS A 195 -9.04 -0.90 -4.20
C LYS A 195 -9.39 0.41 -4.95
N GLN A 196 -9.17 0.46 -6.27
CA GLN A 196 -9.62 1.55 -7.18
C GLN A 196 -10.99 1.18 -7.74
N VAL A 197 -12.09 1.87 -7.38
CA VAL A 197 -13.45 1.38 -7.78
C VAL A 197 -13.89 1.90 -9.16
N CYS A 198 -13.31 3.00 -9.71
CA CYS A 198 -13.65 3.54 -11.05
C CYS A 198 -12.66 4.59 -11.54
N ILE A 199 -12.67 4.92 -12.82
CA ILE A 199 -11.83 6.05 -13.35
C ILE A 199 -12.61 7.33 -13.09
N ALA A 200 -11.99 8.35 -12.46
CA ALA A 200 -12.75 9.57 -12.07
C ALA A 200 -11.84 10.76 -11.74
N TRP A 201 -12.17 11.97 -12.23
CA TRP A 201 -11.58 13.21 -11.63
C TRP A 201 -12.65 13.99 -10.83
N SER A 202 -13.87 13.47 -10.70
CA SER A 202 -14.92 13.99 -9.82
C SER A 202 -15.84 12.82 -9.45
N SER A 203 -16.46 12.78 -8.27
CA SER A 203 -17.29 11.61 -7.89
C SER A 203 -18.24 11.82 -6.71
N SER A 204 -19.08 10.84 -6.49
CA SER A 204 -20.01 10.76 -5.36
C SER A 204 -20.36 9.28 -5.15
N SER A 205 -20.65 8.87 -3.92
CA SER A 205 -20.95 7.45 -3.60
C SER A 205 -22.03 7.38 -2.53
N CYS A 206 -22.81 6.31 -2.51
CA CYS A 206 -23.73 6.05 -1.40
C CYS A 206 -24.17 4.58 -1.40
N HIS A 207 -24.71 4.09 -0.30
CA HIS A 207 -25.19 2.71 -0.15
C HIS A 207 -26.70 2.74 0.09
N ASP A 208 -27.47 2.02 -0.71
CA ASP A 208 -28.94 2.13 -0.70
C ASP A 208 -29.58 1.20 0.34
N GLY A 209 -28.79 0.43 1.07
CA GLY A 209 -29.29 -0.60 2.01
C GLY A 209 -29.10 -2.02 1.46
N LYS A 210 -28.87 -2.16 0.15
CA LYS A 210 -28.56 -3.45 -0.52
C LYS A 210 -27.17 -3.43 -1.16
N ALA A 211 -26.75 -2.35 -1.80
CA ALA A 211 -25.42 -2.27 -2.49
C ALA A 211 -24.94 -0.83 -2.73
N TRP A 212 -23.66 -0.69 -3.01
CA TRP A 212 -23.05 0.62 -3.28
C TRP A 212 -23.42 1.14 -4.69
N LEU A 213 -23.65 2.44 -4.80
CA LEU A 213 -23.73 3.22 -6.06
C LEU A 213 -22.53 4.15 -6.12
N HIS A 214 -21.80 4.14 -7.22
CA HIS A 214 -20.72 5.12 -7.46
C HIS A 214 -21.03 5.93 -8.72
N VAL A 215 -20.84 7.23 -8.67
CA VAL A 215 -21.03 8.16 -9.82
C VAL A 215 -19.65 8.66 -10.14
N CYS A 216 -19.16 8.38 -11.34
CA CYS A 216 -17.74 8.63 -11.69
C CYS A 216 -17.68 9.49 -12.96
N ILE A 217 -16.88 10.55 -12.97
CA ILE A 217 -16.85 11.49 -14.13
C ILE A 217 -15.43 11.53 -14.68
N THR A 218 -15.28 11.36 -15.99
CA THR A 218 -13.95 11.43 -16.66
C THR A 218 -14.10 11.80 -18.13
N GLY A 219 -12.99 12.17 -18.76
CA GLY A 219 -12.95 12.50 -20.19
C GLY A 219 -12.40 13.88 -20.46
N ASP A 220 -12.63 14.38 -21.68
CA ASP A 220 -12.17 15.73 -22.11
C ASP A 220 -12.96 16.81 -21.38
N ASP A 221 -12.34 17.96 -21.08
CA ASP A 221 -13.00 19.11 -20.38
C ASP A 221 -14.32 19.49 -21.06
N LYS A 222 -14.32 19.53 -22.40
CA LYS A 222 -15.50 19.98 -23.18
C LYS A 222 -16.35 18.82 -23.70
N ASN A 223 -16.05 17.56 -23.35
CA ASN A 223 -16.90 16.41 -23.74
C ASN A 223 -16.79 15.25 -22.74
N ALA A 224 -17.00 15.51 -21.46
CA ALA A 224 -16.86 14.50 -20.37
C ALA A 224 -18.07 13.56 -20.29
N THR A 225 -17.86 12.39 -19.68
CA THR A 225 -18.86 11.31 -19.49
C THR A 225 -19.05 11.04 -18.00
N ALA A 226 -20.27 10.76 -17.58
CA ALA A 226 -20.59 10.31 -16.22
C ALA A 226 -21.05 8.86 -16.27
N SER A 227 -20.36 7.97 -15.56
CA SER A 227 -20.66 6.51 -15.47
C SER A 227 -21.35 6.17 -14.16
N PHE A 228 -22.41 5.41 -14.20
CA PHE A 228 -23.17 4.96 -13.00
C PHE A 228 -22.88 3.48 -12.77
N ILE A 229 -22.17 3.19 -11.69
CA ILE A 229 -21.72 1.81 -11.32
C ILE A 229 -22.50 1.37 -10.08
N TYR A 230 -23.23 0.28 -10.16
CA TYR A 230 -24.06 -0.22 -9.05
C TYR A 230 -23.87 -1.72 -8.89
N ASN A 231 -23.70 -2.16 -7.66
CA ASN A 231 -23.45 -3.59 -7.29
C ASN A 231 -22.27 -4.13 -8.12
N GLY A 232 -21.23 -3.34 -8.32
CA GLY A 232 -19.98 -3.84 -8.92
C GLY A 232 -19.91 -3.68 -10.43
N ARG A 233 -20.98 -3.25 -11.11
CA ARG A 233 -21.01 -3.23 -12.61
C ARG A 233 -21.60 -1.96 -13.19
N LEU A 234 -21.14 -1.54 -14.37
CA LEU A 234 -21.63 -0.32 -15.05
C LEU A 234 -23.07 -0.53 -15.54
N VAL A 235 -24.01 0.32 -15.13
CA VAL A 235 -25.47 0.18 -15.42
C VAL A 235 -25.99 1.29 -16.32
N ASP A 236 -25.35 2.47 -16.34
CA ASP A 236 -25.85 3.64 -17.13
C ASP A 236 -24.74 4.66 -17.38
N SER A 237 -24.95 5.58 -18.33
CA SER A 237 -24.00 6.68 -18.59
C SER A 237 -24.68 7.87 -19.29
N VAL A 238 -24.12 9.06 -19.07
CA VAL A 238 -24.67 10.34 -19.63
C VAL A 238 -23.51 11.28 -19.96
N VAL A 239 -23.72 12.18 -20.91
CA VAL A 239 -22.63 13.06 -21.46
C VAL A 239 -22.91 14.53 -21.11
N SER A 240 -21.84 15.30 -20.95
CA SER A 240 -21.85 16.75 -20.66
C SER A 240 -22.89 17.49 -21.51
N TRP A 241 -23.88 18.15 -20.90
CA TRP A 241 -25.00 18.84 -21.61
C TRP A 241 -24.63 20.28 -21.99
N SER A 242 -23.68 20.92 -21.32
CA SER A 242 -23.28 22.33 -21.62
C SER A 242 -21.83 22.42 -22.09
N LYS A 243 -21.16 21.29 -22.27
CA LYS A 243 -19.77 21.19 -22.84
C LYS A 243 -18.76 22.05 -22.08
N GLU A 244 -18.85 22.11 -20.74
CA GLU A 244 -17.89 22.94 -19.95
C GLU A 244 -17.72 22.39 -18.54
N ILE A 245 -16.93 21.33 -18.42
CA ILE A 245 -16.48 20.66 -17.16
C ILE A 245 -17.69 20.16 -16.33
N LEU A 246 -18.27 19.05 -16.74
CA LEU A 246 -19.37 18.37 -15.99
C LEU A 246 -18.80 18.00 -14.61
N ARG A 247 -19.54 18.23 -13.52
CA ARG A 247 -19.01 18.00 -12.14
C ARG A 247 -20.13 17.64 -11.15
N THR A 248 -19.74 17.05 -10.01
CA THR A 248 -20.70 16.60 -8.96
C THR A 248 -20.19 16.92 -7.53
N GLN A 249 -20.80 16.30 -6.51
CA GLN A 249 -20.75 16.68 -5.07
C GLN A 249 -19.40 16.52 -4.34
N GLU A 250 -18.45 15.68 -4.78
CA GLU A 250 -17.21 15.35 -4.03
C GLU A 250 -17.55 14.92 -2.58
N SER A 251 -18.68 14.24 -2.39
CA SER A 251 -19.21 13.84 -1.06
C SER A 251 -20.37 12.85 -1.26
N GLU A 252 -20.89 12.26 -0.22
CA GLU A 252 -21.88 11.18 -0.40
C GLU A 252 -23.21 11.67 -0.98
N CYS A 253 -23.84 10.81 -1.78
CA CYS A 253 -25.22 10.99 -2.28
C CYS A 253 -26.19 10.49 -1.20
N VAL A 254 -27.51 10.59 -1.40
CA VAL A 254 -28.50 10.16 -0.39
C VAL A 254 -29.55 9.30 -1.07
N CYS A 255 -29.98 8.20 -0.44
CA CYS A 255 -30.95 7.25 -1.01
C CYS A 255 -32.09 7.00 -0.04
N ILE A 256 -33.34 7.07 -0.52
CA ILE A 256 -34.55 6.76 0.29
C ILE A 256 -35.42 5.79 -0.52
N ASN A 257 -35.87 4.68 0.10
CA ASN A 257 -36.70 3.64 -0.55
C ASN A 257 -36.08 3.16 -1.87
N GLY A 258 -34.76 3.08 -1.97
CA GLY A 258 -34.10 2.58 -3.19
C GLY A 258 -33.78 3.66 -4.22
N THR A 259 -34.37 4.84 -4.12
CA THR A 259 -34.14 5.94 -5.10
C THR A 259 -33.02 6.84 -4.57
N CYS A 260 -31.89 6.87 -5.23
CA CYS A 260 -30.76 7.74 -4.87
C CYS A 260 -30.88 9.07 -5.61
N THR A 261 -30.30 10.14 -5.06
CA THR A 261 -30.31 11.47 -5.72
C THR A 261 -28.92 12.05 -5.74
N VAL A 262 -28.61 12.75 -6.82
CA VAL A 262 -27.27 13.38 -6.96
C VAL A 262 -27.43 14.70 -7.69
N VAL A 263 -26.64 15.69 -7.29
CA VAL A 263 -26.64 17.05 -7.88
C VAL A 263 -25.47 17.11 -8.83
N MET A 264 -25.73 17.61 -10.05
CA MET A 264 -24.69 17.73 -11.10
C MET A 264 -24.77 19.10 -11.77
N THR A 265 -23.62 19.67 -12.11
CA THR A 265 -23.53 21.01 -12.72
C THR A 265 -22.64 20.94 -13.96
N ASP A 266 -22.98 21.76 -14.95
CA ASP A 266 -22.17 21.96 -16.18
C ASP A 266 -22.16 23.46 -16.49
N GLY A 267 -21.10 24.01 -17.06
CA GLY A 267 -21.03 25.45 -17.37
C GLY A 267 -20.08 26.25 -16.51
N SER A 268 -20.14 27.58 -16.63
CA SER A 268 -19.18 28.56 -16.03
C SER A 268 -19.18 28.58 -14.50
N ALA A 269 -18.01 28.86 -13.91
CA ALA A 269 -17.83 29.07 -12.46
C ALA A 269 -18.05 30.55 -12.06
N SER A 270 -18.00 31.49 -13.00
CA SER A 270 -18.10 32.97 -12.74
C SER A 270 -19.26 33.58 -13.55
N GLY A 271 -20.35 32.83 -13.72
CA GLY A 271 -21.55 33.23 -14.45
C GLY A 271 -22.64 32.18 -14.35
N LYS A 272 -23.77 32.36 -15.05
CA LYS A 272 -24.89 31.40 -14.99
C LYS A 272 -24.43 30.01 -15.47
N ALA A 273 -24.88 28.95 -14.80
CA ALA A 273 -24.52 27.55 -15.11
C ALA A 273 -25.77 26.65 -15.09
N ASP A 274 -25.67 25.47 -15.69
CA ASP A 274 -26.81 24.50 -15.78
C ASP A 274 -26.69 23.43 -14.69
N THR A 275 -27.60 23.46 -13.71
CA THR A 275 -27.59 22.48 -12.60
C THR A 275 -28.82 21.57 -12.72
N LYS A 276 -28.59 20.26 -12.62
CA LYS A 276 -29.66 19.25 -12.69
C LYS A 276 -29.58 18.29 -11.50
N ILE A 277 -30.72 17.75 -11.14
CA ILE A 277 -30.85 16.76 -10.05
C ILE A 277 -31.29 15.46 -10.74
N LEU A 278 -30.48 14.42 -10.60
CA LEU A 278 -30.72 13.10 -11.24
C LEU A 278 -31.27 12.13 -10.20
N PHE A 279 -32.32 11.42 -10.54
CA PHE A 279 -32.94 10.39 -9.67
C PHE A 279 -32.53 9.03 -10.24
N ILE A 280 -31.94 8.17 -9.42
CA ILE A 280 -31.31 6.89 -9.86
C ILE A 280 -31.89 5.71 -9.06
N GLU A 281 -32.18 4.60 -9.74
CA GLU A 281 -32.69 3.35 -9.10
C GLU A 281 -31.84 2.17 -9.58
N GLU A 282 -31.08 1.57 -8.68
CA GLU A 282 -30.17 0.41 -8.95
C GLU A 282 -29.23 0.73 -10.13
N GLY A 283 -28.74 1.97 -10.17
CA GLY A 283 -27.79 2.45 -11.19
C GLY A 283 -28.44 3.03 -12.44
N LYS A 284 -29.73 2.74 -12.71
CA LYS A 284 -30.49 3.26 -13.89
C LYS A 284 -30.99 4.70 -13.63
N ILE A 285 -30.74 5.67 -14.51
CA ILE A 285 -31.32 7.04 -14.38
C ILE A 285 -32.84 6.96 -14.68
N VAL A 286 -33.71 7.31 -13.73
CA VAL A 286 -35.19 7.19 -13.91
C VAL A 286 -35.86 8.55 -14.14
N HIS A 287 -35.26 9.66 -13.70
CA HIS A 287 -35.84 11.02 -13.84
C HIS A 287 -34.75 12.09 -13.78
N THR A 288 -35.04 13.28 -14.31
CA THR A 288 -34.14 14.45 -14.17
C THR A 288 -34.96 15.72 -13.97
N SER A 289 -34.57 16.56 -13.01
CA SER A 289 -35.19 17.87 -12.71
C SER A 289 -34.14 18.97 -12.87
N THR A 290 -34.50 20.10 -13.47
CA THR A 290 -33.61 21.30 -13.56
C THR A 290 -33.72 22.10 -12.26
N LEU A 291 -32.65 22.77 -11.83
CA LEU A 291 -32.65 23.62 -10.61
C LEU A 291 -33.75 24.69 -10.71
N SER A 292 -34.42 24.96 -9.60
CA SER A 292 -35.53 25.95 -9.47
C SER A 292 -35.40 26.74 -8.15
N GLY A 293 -36.07 27.89 -8.04
CA GLY A 293 -35.98 28.82 -6.89
C GLY A 293 -34.92 29.91 -7.08
N SER A 294 -34.48 30.56 -6.00
CA SER A 294 -33.65 31.78 -6.05
C SER A 294 -32.15 31.51 -5.97
N ALA A 295 -31.67 30.27 -5.81
CA ALA A 295 -30.21 29.99 -5.85
C ALA A 295 -29.66 30.34 -7.24
N GLN A 296 -28.59 31.13 -7.32
CA GLN A 296 -28.04 31.59 -8.62
C GLN A 296 -26.78 30.83 -9.04
N HIS A 297 -26.09 30.17 -8.12
CA HIS A 297 -24.88 29.35 -8.43
C HIS A 297 -24.87 28.15 -7.48
N VAL A 298 -24.60 26.95 -7.95
CA VAL A 298 -24.66 25.71 -7.10
C VAL A 298 -23.52 24.77 -7.47
N GLU A 299 -22.55 24.64 -6.58
CA GLU A 299 -21.34 23.79 -6.71
C GLU A 299 -21.17 22.92 -5.45
N GLU A 300 -20.61 21.72 -5.60
CA GLU A 300 -20.03 20.89 -4.49
C GLU A 300 -21.01 20.71 -3.31
N CYS A 301 -22.28 20.48 -3.57
CA CYS A 301 -23.25 20.33 -2.46
C CYS A 301 -22.87 19.23 -1.45
N SER A 302 -23.21 19.50 -0.18
CA SER A 302 -23.16 18.57 0.96
C SER A 302 -24.60 18.25 1.33
N CYS A 303 -25.01 17.01 1.31
CA CYS A 303 -26.45 16.64 1.42
C CYS A 303 -26.72 15.72 2.61
N TYR A 304 -27.92 15.81 3.19
CA TYR A 304 -28.30 14.96 4.34
C TYR A 304 -29.77 14.58 4.28
N PRO A 305 -30.13 13.37 4.70
CA PRO A 305 -31.52 12.92 4.71
C PRO A 305 -32.31 13.69 5.78
N ARG A 306 -33.50 14.12 5.37
CA ARG A 306 -34.46 14.90 6.17
C ARG A 306 -35.84 14.41 5.79
N TYR A 307 -36.11 13.17 6.15
CA TYR A 307 -37.32 12.41 5.75
C TYR A 307 -38.57 13.29 5.92
N PRO A 308 -39.52 13.31 4.96
CA PRO A 308 -39.50 12.50 3.72
C PRO A 308 -38.63 12.98 2.55
N GLY A 309 -37.91 14.09 2.69
CA GLY A 309 -37.06 14.60 1.59
C GLY A 309 -35.57 14.56 1.86
N VAL A 310 -34.84 15.28 1.02
CA VAL A 310 -33.37 15.45 1.13
C VAL A 310 -33.06 16.93 1.11
N ARG A 311 -32.06 17.37 1.87
CA ARG A 311 -31.66 18.80 1.96
C ARG A 311 -30.17 18.91 1.68
N CYS A 312 -29.76 19.95 0.98
CA CYS A 312 -28.34 20.15 0.57
C CYS A 312 -27.89 21.58 0.81
N VAL A 313 -26.67 21.77 1.29
CA VAL A 313 -26.05 23.11 1.46
C VAL A 313 -24.82 23.14 0.57
N CYS A 314 -24.60 24.22 -0.19
CA CYS A 314 -23.68 24.18 -1.36
C CYS A 314 -22.71 25.38 -1.38
N ARG A 315 -21.91 25.48 -2.43
CA ARG A 315 -20.86 26.52 -2.64
C ARG A 315 -21.36 27.44 -3.76
N ASP A 316 -21.22 28.75 -3.59
CA ASP A 316 -21.55 29.79 -4.61
C ASP A 316 -20.25 30.50 -4.97
N ASN A 317 -19.71 30.19 -6.15
CA ASN A 317 -18.41 30.72 -6.63
C ASN A 317 -18.59 32.09 -7.29
N TRP A 318 -19.83 32.53 -7.52
CA TRP A 318 -20.14 33.70 -8.39
C TRP A 318 -20.38 34.99 -7.58
N LYS A 319 -21.35 35.01 -6.67
CA LYS A 319 -21.78 36.28 -5.99
C LYS A 319 -22.04 36.17 -4.48
N GLY A 320 -22.41 35.00 -3.95
CA GLY A 320 -22.69 34.84 -2.50
C GLY A 320 -21.46 34.46 -1.67
N SER A 321 -21.32 35.03 -0.47
CA SER A 321 -20.46 34.47 0.61
C SER A 321 -21.36 33.77 1.64
N ASN A 322 -22.66 33.99 1.55
CA ASN A 322 -23.68 33.17 2.21
C ASN A 322 -23.86 31.87 1.39
N ARG A 323 -24.23 30.75 1.99
CA ARG A 323 -24.32 29.45 1.26
C ARG A 323 -25.72 29.21 0.69
N PRO A 324 -25.87 28.70 -0.56
CA PRO A 324 -27.18 28.28 -1.08
C PRO A 324 -27.70 27.01 -0.43
N ILE A 325 -29.01 26.89 -0.40
CA ILE A 325 -29.74 25.70 0.13
C ILE A 325 -30.59 25.14 -1.01
N VAL A 326 -30.68 23.82 -1.14
CA VAL A 326 -31.55 23.14 -2.13
C VAL A 326 -32.35 22.07 -1.40
N ASP A 327 -33.67 22.11 -1.53
CA ASP A 327 -34.56 21.07 -0.99
C ASP A 327 -35.10 20.21 -2.14
N ILE A 328 -35.05 18.89 -1.98
CA ILE A 328 -35.39 17.93 -3.05
C ILE A 328 -36.55 17.05 -2.56
N ASN A 329 -37.59 16.92 -3.36
CA ASN A 329 -38.73 16.03 -3.06
C ASN A 329 -38.55 14.68 -3.78
N ILE A 330 -38.52 13.57 -3.05
CA ILE A 330 -38.28 12.22 -3.63
C ILE A 330 -39.58 11.64 -4.24
N LYS A 331 -40.76 12.06 -3.80
CA LYS A 331 -42.04 11.46 -4.27
C LYS A 331 -42.54 12.09 -5.57
N ASP A 332 -42.20 13.35 -5.87
CA ASP A 332 -42.70 14.04 -7.09
C ASP A 332 -41.59 14.75 -7.88
N HIS A 333 -40.33 14.56 -7.49
CA HIS A 333 -39.11 15.07 -8.15
C HIS A 333 -39.06 16.61 -8.19
N SER A 334 -39.91 17.33 -7.43
CA SER A 334 -39.89 18.82 -7.39
C SER A 334 -38.67 19.37 -6.63
N ILE A 335 -38.24 20.57 -6.99
CA ILE A 335 -37.01 21.23 -6.44
C ILE A 335 -37.34 22.67 -6.01
N VAL A 336 -36.77 23.14 -4.90
CA VAL A 336 -36.82 24.57 -4.46
C VAL A 336 -35.46 24.97 -3.88
N SER A 337 -35.15 26.26 -3.86
CA SER A 337 -33.84 26.73 -3.37
C SER A 337 -33.90 28.14 -2.76
N SER A 338 -32.88 28.48 -1.96
CA SER A 338 -32.76 29.72 -1.18
C SER A 338 -31.34 29.87 -0.65
N TYR A 339 -31.11 30.72 0.35
CA TYR A 339 -29.77 30.89 0.99
C TYR A 339 -29.87 30.78 2.53
N VAL A 340 -28.75 30.45 3.17
CA VAL A 340 -28.63 30.38 4.67
C VAL A 340 -28.79 31.80 5.24
N CYS A 341 -29.81 31.99 6.06
CA CYS A 341 -30.19 33.30 6.65
C CYS A 341 -29.09 33.91 7.55
N SER A 342 -28.44 33.13 8.40
CA SER A 342 -27.42 33.54 9.42
C SER A 342 -26.57 34.76 9.02
N GLY A 343 -26.44 35.74 9.92
CA GLY A 343 -25.59 36.92 9.71
C GLY A 343 -24.11 36.57 9.73
N LEU A 344 -23.80 35.47 10.41
CA LEU A 344 -22.45 34.84 10.42
C LEU A 344 -22.39 33.91 9.22
N VAL A 345 -21.62 34.26 8.20
CA VAL A 345 -21.61 33.50 6.90
C VAL A 345 -20.50 32.44 6.89
N GLY A 346 -20.73 31.36 6.12
CA GLY A 346 -19.92 30.12 6.09
C GLY A 346 -18.86 29.99 4.97
N ASP A 347 -18.84 30.85 3.95
CA ASP A 347 -17.91 30.70 2.80
C ASP A 347 -16.57 31.39 3.08
N THR A 348 -15.58 31.15 2.22
CA THR A 348 -14.23 31.75 2.30
C THR A 348 -13.78 32.05 0.88
N PRO A 349 -13.41 33.30 0.51
CA PRO A 349 -13.36 34.47 1.40
C PRO A 349 -14.74 35.00 1.81
N ARG A 350 -14.74 35.87 2.84
CA ARG A 350 -15.93 36.54 3.41
C ARG A 350 -15.50 37.82 4.15
N LYS A 351 -16.46 38.69 4.49
CA LYS A 351 -16.19 39.87 5.37
C LYS A 351 -16.17 39.41 6.82
N ASN A 352 -15.51 40.19 7.70
CA ASN A 352 -15.42 39.86 9.16
C ASN A 352 -16.80 39.91 9.82
N ASP A 353 -16.96 39.27 10.98
CA ASP A 353 -18.29 39.13 11.65
C ASP A 353 -18.83 40.50 12.09
N SER A 354 -17.96 41.49 12.28
CA SER A 354 -18.31 42.89 12.64
C SER A 354 -19.05 43.61 11.50
N SER A 355 -18.92 43.16 10.24
CA SER A 355 -19.45 43.89 9.05
C SER A 355 -20.19 42.99 8.05
N SER A 356 -20.10 41.65 8.15
CA SER A 356 -20.82 40.71 7.25
C SER A 356 -22.34 40.85 7.39
N SER A 357 -23.06 40.50 6.33
CA SER A 357 -24.56 40.43 6.31
C SER A 357 -25.02 39.28 5.41
N SER A 358 -26.30 38.96 5.47
CA SER A 358 -26.89 37.86 4.67
C SER A 358 -28.35 38.18 4.32
N HIS A 359 -28.90 37.40 3.40
CA HIS A 359 -30.28 37.49 2.89
C HIS A 359 -30.80 36.07 2.76
N CYS A 360 -32.07 35.82 3.07
CA CYS A 360 -32.65 34.45 3.02
C CYS A 360 -32.89 34.00 1.56
N LEU A 361 -32.97 34.91 0.59
CA LEU A 361 -33.31 34.57 -0.83
C LEU A 361 -32.19 34.87 -1.82
N ASP A 362 -31.32 35.85 -1.60
CA ASP A 362 -30.35 36.33 -2.61
C ASP A 362 -28.90 36.22 -2.15
N PRO A 363 -27.92 36.14 -3.07
CA PRO A 363 -26.52 36.22 -2.69
C PRO A 363 -26.26 37.59 -2.04
N ASN A 364 -25.52 37.58 -0.93
CA ASN A 364 -25.26 38.80 -0.15
C ASN A 364 -24.35 39.81 -0.90
N ASN A 365 -23.70 39.44 -2.00
CA ASN A 365 -22.80 40.32 -2.81
C ASN A 365 -21.61 40.86 -1.99
N GLU A 366 -21.20 40.18 -0.92
CA GLU A 366 -20.02 40.58 -0.09
C GLU A 366 -18.91 39.56 -0.35
N GLU A 367 -17.77 39.96 -0.92
CA GLU A 367 -16.64 39.01 -1.22
C GLU A 367 -17.18 37.73 -1.90
N GLY A 368 -18.11 37.88 -2.85
CA GLY A 368 -18.89 36.78 -3.43
C GLY A 368 -18.07 35.79 -4.24
N GLY A 369 -17.12 36.27 -5.06
CA GLY A 369 -16.32 35.44 -5.97
C GLY A 369 -15.50 34.40 -5.24
N HIS A 370 -15.35 33.21 -5.82
CA HIS A 370 -14.60 32.06 -5.24
C HIS A 370 -15.35 31.52 -4.00
N GLY A 371 -14.79 30.47 -3.38
CA GLY A 371 -15.42 29.83 -2.22
C GLY A 371 -14.71 28.56 -1.76
N VAL A 372 -15.34 27.81 -0.88
CA VAL A 372 -14.81 26.50 -0.40
C VAL A 372 -15.97 25.58 -0.01
N LYS A 373 -15.82 24.27 -0.21
CA LYS A 373 -16.90 23.30 0.08
C LYS A 373 -17.11 23.27 1.60
N GLY A 374 -18.36 23.32 2.05
CA GLY A 374 -18.66 23.31 3.49
C GLY A 374 -19.98 22.67 3.81
N TRP A 375 -20.51 22.91 5.00
CA TRP A 375 -21.77 22.28 5.48
C TRP A 375 -22.45 23.17 6.53
N ALA A 376 -23.73 22.94 6.76
CA ALA A 376 -24.55 23.53 7.83
C ALA A 376 -25.80 22.69 7.98
N PHE A 377 -26.45 22.66 9.15
CA PHE A 377 -27.72 21.90 9.24
C PHE A 377 -28.68 22.56 10.24
N ASP A 378 -29.96 22.34 10.03
CA ASP A 378 -31.03 22.97 10.85
C ASP A 378 -31.23 22.20 12.16
N ASP A 379 -31.55 22.95 13.20
CA ASP A 379 -31.86 22.46 14.57
C ASP A 379 -33.00 23.35 15.10
N GLY A 380 -34.23 23.09 14.67
CA GLY A 380 -35.38 24.01 14.86
C GLY A 380 -35.10 25.33 14.14
N ASN A 381 -35.11 26.46 14.84
CA ASN A 381 -34.76 27.77 14.22
C ASN A 381 -33.25 28.01 14.25
N ASP A 382 -32.48 27.23 15.01
CA ASP A 382 -31.02 27.42 15.11
C ASP A 382 -30.29 26.72 13.96
N VAL A 383 -29.05 27.11 13.72
CA VAL A 383 -28.22 26.43 12.70
C VAL A 383 -26.85 26.05 13.30
N TRP A 384 -26.43 24.81 13.06
CA TRP A 384 -25.07 24.33 13.36
C TRP A 384 -24.23 24.47 12.09
N MET A 385 -23.03 24.96 12.19
CA MET A 385 -22.20 25.10 10.98
C MET A 385 -20.70 25.12 11.30
N GLY A 386 -19.86 24.87 10.30
CA GLY A 386 -18.40 24.93 10.44
C GLY A 386 -17.78 25.82 9.40
N ARG A 387 -16.63 26.42 9.68
CA ARG A 387 -15.93 27.32 8.71
C ARG A 387 -14.44 27.48 9.05
N THR A 388 -13.66 27.98 8.11
CA THR A 388 -12.24 28.28 8.36
C THR A 388 -12.16 29.40 9.41
N ILE A 389 -11.18 29.36 10.30
CA ILE A 389 -11.05 30.42 11.35
C ILE A 389 -10.66 31.74 10.68
N ASN A 390 -9.76 31.69 9.72
CA ASN A 390 -9.33 32.88 8.97
C ASN A 390 -10.38 33.22 7.91
N GLU A 391 -10.56 34.48 7.57
CA GLU A 391 -11.64 34.96 6.63
C GLU A 391 -11.18 34.98 5.16
N THR A 392 -9.88 34.98 4.87
CA THR A 392 -9.36 35.17 3.48
C THR A 392 -8.37 34.08 3.05
N SER A 393 -8.25 32.99 3.81
CA SER A 393 -7.37 31.83 3.50
C SER A 393 -7.88 30.58 4.20
N ARG A 394 -7.50 29.40 3.73
CA ARG A 394 -8.01 28.12 4.31
C ARG A 394 -7.13 27.72 5.51
N LEU A 395 -7.13 28.55 6.56
CA LEU A 395 -6.38 28.29 7.82
C LEU A 395 -7.35 28.10 9.00
N GLY A 396 -7.05 27.12 9.85
CA GLY A 396 -7.84 26.74 11.02
C GLY A 396 -9.22 26.24 10.65
N TYR A 397 -9.94 25.79 11.65
CA TYR A 397 -11.34 25.34 11.47
C TYR A 397 -12.09 25.40 12.80
N GLU A 398 -13.29 25.94 12.77
CA GLU A 398 -14.15 26.12 13.97
C GLU A 398 -15.58 25.69 13.67
N THR A 399 -16.32 25.31 14.70
CA THR A 399 -17.77 25.03 14.57
C THR A 399 -18.52 25.78 15.67
N PHE A 400 -19.80 26.09 15.47
CA PHE A 400 -20.66 26.75 16.48
C PHE A 400 -22.13 26.69 16.13
N LYS A 401 -22.96 27.05 17.09
CA LYS A 401 -24.43 27.16 16.88
C LYS A 401 -24.79 28.64 16.80
N VAL A 402 -25.65 29.02 15.86
CA VAL A 402 -26.18 30.43 15.76
C VAL A 402 -27.65 30.40 16.14
N ILE A 403 -28.03 31.19 17.13
CA ILE A 403 -29.44 31.21 17.65
C ILE A 403 -30.33 31.86 16.59
N GLU A 404 -31.42 31.20 16.20
CA GLU A 404 -32.36 31.63 15.12
C GLU A 404 -31.66 31.78 13.75
N GLY A 405 -30.41 31.33 13.56
CA GLY A 405 -29.67 31.56 12.30
C GLY A 405 -30.27 30.85 11.09
N TRP A 406 -31.22 29.93 11.24
CA TRP A 406 -31.90 29.29 10.09
C TRP A 406 -33.09 30.11 9.58
N SER A 407 -33.64 31.04 10.37
CA SER A 407 -34.88 31.79 10.00
C SER A 407 -34.76 33.32 10.15
N ASN A 408 -33.82 33.83 10.94
CA ASN A 408 -33.65 35.28 11.19
C ASN A 408 -32.38 35.76 10.47
N PRO A 409 -32.48 36.60 9.40
CA PRO A 409 -31.29 37.03 8.66
C PRO A 409 -30.41 38.06 9.35
N LYS A 410 -30.84 38.59 10.50
CA LYS A 410 -30.08 39.64 11.24
C LYS A 410 -29.35 39.07 12.46
N SER A 411 -29.59 37.80 12.83
CA SER A 411 -29.00 37.16 14.03
C SER A 411 -27.48 36.96 13.90
N LYS A 412 -26.73 37.33 14.95
CA LYS A 412 -25.27 37.06 15.10
C LYS A 412 -24.95 36.53 16.51
N LEU A 413 -25.92 35.87 17.13
CA LEU A 413 -25.81 35.35 18.51
C LEU A 413 -25.26 33.92 18.47
N GLN A 414 -23.93 33.75 18.63
CA GLN A 414 -23.34 32.38 18.62
C GLN A 414 -23.10 31.80 20.02
N ILE A 415 -23.07 30.47 20.11
CA ILE A 415 -22.82 29.69 21.35
C ILE A 415 -22.17 28.34 21.02
N ASN A 416 -21.57 27.67 22.01
CA ASN A 416 -21.00 26.30 21.86
C ASN A 416 -19.88 26.26 20.80
N ARG A 417 -19.06 27.29 20.68
CA ARG A 417 -17.89 27.24 19.78
C ARG A 417 -16.95 26.09 20.18
N GLN A 418 -16.38 25.40 19.18
CA GLN A 418 -15.23 24.45 19.32
C GLN A 418 -14.20 24.75 18.26
N VAL A 419 -12.92 24.84 18.62
CA VAL A 419 -11.81 24.77 17.64
C VAL A 419 -11.52 23.32 17.29
N ILE A 420 -11.41 22.99 16.01
CA ILE A 420 -11.02 21.62 15.55
C ILE A 420 -9.54 21.66 15.12
N VAL A 421 -9.16 22.69 14.38
CA VAL A 421 -7.77 22.92 13.95
C VAL A 421 -7.47 24.38 14.29
N ASP A 422 -6.37 24.67 14.94
CA ASP A 422 -6.07 26.05 15.34
C ASP A 422 -5.65 26.92 14.13
N ARG A 423 -5.76 28.25 14.29
CA ARG A 423 -5.56 29.26 13.23
C ARG A 423 -4.17 29.21 12.56
N GLY A 424 -3.17 28.50 13.10
CA GLY A 424 -1.83 28.47 12.44
C GLY A 424 -1.67 27.30 11.49
N ASN A 425 -2.66 26.40 11.41
CA ASN A 425 -2.57 25.12 10.66
C ASN A 425 -3.58 25.08 9.49
N ARG A 426 -3.18 24.50 8.35
CA ARG A 426 -3.98 24.44 7.10
C ARG A 426 -5.20 23.55 7.22
N SER A 427 -6.28 23.95 6.54
CA SER A 427 -7.52 23.13 6.44
C SER A 427 -7.86 22.94 4.94
N GLY A 428 -9.14 22.77 4.59
CA GLY A 428 -9.52 22.45 3.20
C GLY A 428 -11.00 22.16 3.10
N TYR A 429 -11.39 21.26 2.21
CA TYR A 429 -12.83 20.91 2.07
C TYR A 429 -13.36 20.26 3.35
N SER A 430 -14.65 20.32 3.56
CA SER A 430 -15.31 19.68 4.71
C SER A 430 -16.73 19.31 4.32
N GLY A 431 -17.32 18.30 4.95
CA GLY A 431 -18.65 17.85 4.54
C GLY A 431 -19.33 17.01 5.56
N ILE A 432 -20.64 16.97 5.50
CA ILE A 432 -21.44 16.26 6.52
C ILE A 432 -21.64 14.79 6.06
N PHE A 433 -21.86 13.87 7.00
CA PHE A 433 -22.43 12.53 6.74
C PHE A 433 -23.32 12.14 7.89
N SER A 434 -24.25 11.26 7.64
CA SER A 434 -25.27 10.83 8.62
C SER A 434 -25.09 9.37 8.97
N VAL A 435 -25.29 9.07 10.24
CA VAL A 435 -25.14 7.69 10.78
C VAL A 435 -26.42 7.34 11.51
N GLU A 436 -26.98 6.18 11.26
CA GLU A 436 -28.22 5.76 11.94
C GLU A 436 -27.90 5.09 13.29
N GLY A 437 -28.49 5.59 14.36
CA GLY A 437 -28.38 5.02 15.72
C GLY A 437 -29.55 4.12 16.07
N LYS A 438 -29.60 3.69 17.33
CA LYS A 438 -30.65 2.78 17.85
C LYS A 438 -32.02 3.50 17.85
N SER A 439 -32.06 4.82 18.02
CA SER A 439 -33.33 5.58 18.12
C SER A 439 -33.35 6.93 17.41
N CYS A 440 -32.25 7.38 16.79
CA CYS A 440 -32.16 8.72 16.15
C CYS A 440 -31.05 8.74 15.09
N ILE A 441 -31.09 9.72 14.18
CA ILE A 441 -30.05 9.91 13.13
C ILE A 441 -29.03 10.92 13.66
N ASN A 442 -27.77 10.56 13.70
CA ASN A 442 -26.69 11.48 14.12
C ASN A 442 -26.04 12.15 12.90
N ARG A 443 -25.46 13.34 13.09
CA ARG A 443 -24.71 14.09 12.05
C ARG A 443 -23.25 14.11 12.47
N CYS A 444 -22.36 13.86 11.52
CA CYS A 444 -20.90 13.79 11.72
C CYS A 444 -20.26 14.58 10.58
N PHE A 445 -19.01 14.96 10.70
CA PHE A 445 -18.38 15.74 9.61
C PHE A 445 -16.89 15.38 9.53
N TYR A 446 -16.28 15.69 8.41
CA TYR A 446 -14.85 15.40 8.15
C TYR A 446 -14.16 16.70 7.69
N VAL A 447 -12.86 16.80 7.81
CA VAL A 447 -12.11 18.00 7.39
C VAL A 447 -10.85 17.55 6.64
N GLU A 448 -10.64 18.09 5.44
CA GLU A 448 -9.47 17.78 4.61
C GLU A 448 -8.32 18.63 5.13
N LEU A 449 -7.16 18.03 5.36
CA LEU A 449 -5.98 18.78 5.88
C LEU A 449 -4.95 18.81 4.75
N ILE A 450 -5.01 19.85 3.92
CA ILE A 450 -4.16 19.92 2.68
C ILE A 450 -2.74 20.32 3.06
N ARG A 451 -1.73 19.72 2.44
CA ARG A 451 -0.29 20.10 2.64
C ARG A 451 0.44 20.15 1.30
N GLY A 452 1.56 20.86 1.24
CA GLY A 452 2.43 20.96 0.06
C GLY A 452 2.10 22.12 -0.87
N ARG A 453 2.46 22.00 -2.15
CA ARG A 453 2.27 23.05 -3.20
C ARG A 453 0.80 23.45 -3.31
N LYS A 454 0.49 24.73 -3.61
CA LYS A 454 1.39 25.79 -4.05
C LYS A 454 1.95 26.66 -2.90
N GLU A 455 1.34 26.61 -1.71
CA GLU A 455 1.70 27.45 -0.54
C GLU A 455 3.03 26.98 0.07
N GLU A 456 3.20 25.67 0.27
CA GLU A 456 4.38 25.09 0.93
C GLU A 456 5.35 24.62 -0.16
N THR A 457 6.29 25.49 -0.54
CA THR A 457 7.28 25.21 -1.64
C THR A 457 8.47 24.34 -1.19
N GLU A 458 8.47 23.83 0.05
CA GLU A 458 9.55 22.92 0.54
C GLU A 458 9.52 21.57 -0.20
N VAL A 459 8.40 21.24 -0.85
CA VAL A 459 8.17 19.93 -1.54
C VAL A 459 7.65 20.16 -2.96
N LEU A 460 7.64 19.15 -3.82
CA LEU A 460 7.11 19.24 -5.21
C LEU A 460 5.66 18.73 -5.28
N TRP A 461 5.18 18.04 -4.26
CA TRP A 461 3.86 17.36 -4.30
C TRP A 461 2.78 18.17 -3.56
N THR A 462 1.52 17.77 -3.73
CA THR A 462 0.36 18.29 -3.00
C THR A 462 -0.41 17.06 -2.53
N SER A 463 -0.84 17.00 -1.27
CA SER A 463 -1.62 15.85 -0.77
C SER A 463 -2.42 16.22 0.48
N ASN A 464 -3.19 15.29 1.07
CA ASN A 464 -3.97 15.62 2.27
C ASN A 464 -4.03 14.48 3.31
N SER A 465 -4.24 14.85 4.57
CA SER A 465 -4.67 13.95 5.68
C SER A 465 -6.15 14.22 5.95
N ILE A 466 -6.77 13.52 6.89
CA ILE A 466 -8.16 13.83 7.32
C ILE A 466 -8.34 13.65 8.83
N VAL A 467 -9.39 14.29 9.35
CA VAL A 467 -9.86 14.14 10.75
C VAL A 467 -11.37 14.09 10.73
N VAL A 468 -11.97 13.33 11.62
CA VAL A 468 -13.44 13.11 11.62
C VAL A 468 -14.01 13.32 13.04
N PHE A 469 -15.17 13.98 13.14
CA PHE A 469 -15.90 14.29 14.40
C PHE A 469 -17.37 13.87 14.31
N CYS A 470 -18.00 13.50 15.41
CA CYS A 470 -19.43 13.12 15.42
C CYS A 470 -20.21 13.90 16.49
N GLY A 471 -21.48 14.18 16.21
CA GLY A 471 -22.38 14.86 17.15
C GLY A 471 -22.60 14.04 18.40
N THR A 472 -22.58 14.70 19.55
CA THR A 472 -22.74 14.06 20.89
C THR A 472 -23.85 14.77 21.65
N SER A 473 -24.62 14.03 22.44
CA SER A 473 -25.60 14.60 23.40
C SER A 473 -24.99 14.70 24.79
N GLY A 474 -23.77 14.18 24.98
CA GLY A 474 -23.00 14.19 26.23
C GLY A 474 -22.17 15.44 26.38
N THR A 475 -20.97 15.29 26.91
CA THR A 475 -20.06 16.44 27.24
C THR A 475 -18.68 16.25 26.61
N TYR A 476 -17.93 17.32 26.55
CA TYR A 476 -16.65 17.35 25.80
C TYR A 476 -15.76 18.47 26.30
N GLY A 477 -14.48 18.41 25.97
CA GLY A 477 -13.47 19.32 26.48
C GLY A 477 -12.93 20.20 25.36
N THR A 478 -11.61 20.29 25.22
CA THR A 478 -10.96 21.10 24.20
C THR A 478 -9.71 20.39 23.63
N GLY A 479 -9.26 20.84 22.46
CA GLY A 479 -8.00 20.40 21.83
C GLY A 479 -7.80 20.98 20.43
N SER A 480 -6.77 20.53 19.74
CA SER A 480 -6.48 20.86 18.33
C SER A 480 -5.86 19.63 17.68
N TRP A 481 -6.33 19.23 16.51
CA TRP A 481 -5.83 18.01 15.83
C TRP A 481 -5.40 18.31 14.39
N PRO A 482 -4.25 18.97 14.21
CA PRO A 482 -3.74 19.28 12.88
C PRO A 482 -3.15 18.05 12.15
N ASP A 483 -2.63 18.28 10.96
CA ASP A 483 -1.95 17.26 10.12
C ASP A 483 -0.70 16.74 10.87
N GLY A 484 0.22 17.60 11.25
CA GLY A 484 1.38 17.21 12.07
C GLY A 484 2.64 16.79 11.32
N ALA A 485 2.68 16.82 9.99
CA ALA A 485 3.89 16.37 9.24
C ALA A 485 4.93 17.48 9.15
N ASP A 486 6.22 17.12 9.14
CA ASP A 486 7.34 18.09 9.06
C ASP A 486 7.92 18.12 7.64
N LEU A 487 7.36 19.00 6.80
CA LEU A 487 7.71 19.07 5.36
C LEU A 487 9.16 19.52 5.20
N ASN A 488 9.79 20.10 6.22
CA ASN A 488 11.20 20.53 6.11
C ASN A 488 12.15 19.32 6.05
N LEU A 489 11.72 18.17 6.58
CA LEU A 489 12.58 16.96 6.73
C LEU A 489 12.24 15.85 5.73
N MET A 490 10.96 15.62 5.45
CA MET A 490 10.50 14.46 4.64
C MET A 490 10.75 14.68 3.13
N PRO A 491 10.59 13.64 2.26
CA PRO A 491 10.94 13.73 0.84
C PRO A 491 10.29 14.85 0.01
N ILE A 492 11.13 15.46 -0.83
CA ILE A 492 10.78 16.63 -1.71
C ILE A 492 9.97 16.13 -2.91
N GLN B 1 6.76 34.99 -37.32
CA GLN B 1 6.68 35.12 -35.82
C GLN B 1 5.24 34.83 -35.36
N VAL B 2 5.06 34.54 -34.06
CA VAL B 2 3.78 34.15 -33.39
C VAL B 2 2.70 35.25 -33.48
N HIS B 3 3.08 36.52 -33.44
CA HIS B 3 2.21 37.72 -33.19
C HIS B 3 0.79 37.66 -33.78
N LEU B 4 -0.12 38.22 -32.99
CA LEU B 4 -1.58 38.32 -33.26
C LEU B 4 -1.86 39.38 -34.34
N VAL B 5 -2.86 39.12 -35.18
CA VAL B 5 -3.34 40.05 -36.25
C VAL B 5 -4.86 40.20 -36.11
N GLN B 6 -5.35 41.45 -36.07
CA GLN B 6 -6.79 41.76 -35.84
C GLN B 6 -7.51 42.23 -37.12
N SER B 7 -8.84 42.13 -37.10
CA SER B 7 -9.77 42.61 -38.16
C SER B 7 -9.83 44.16 -38.21
N GLY B 8 -10.27 44.73 -39.34
CA GLY B 8 -10.36 46.19 -39.57
C GLY B 8 -11.44 46.91 -38.75
N ALA B 9 -11.40 48.24 -38.75
CA ALA B 9 -12.31 49.15 -38.00
C ALA B 9 -13.77 49.07 -38.51
N GLU B 10 -14.74 49.49 -37.67
CA GLU B 10 -16.20 49.40 -38.01
C GLU B 10 -17.05 50.55 -37.42
N VAL B 11 -18.10 50.91 -38.18
CA VAL B 11 -19.19 51.83 -37.72
C VAL B 11 -20.48 51.02 -37.65
N LYS B 12 -21.18 51.08 -36.52
CA LYS B 12 -22.46 50.33 -36.34
C LYS B 12 -23.53 51.24 -35.72
N GLU B 13 -24.79 51.04 -36.09
CA GLU B 13 -25.92 51.84 -35.55
C GLU B 13 -26.26 51.33 -34.15
N PRO B 14 -26.78 52.18 -33.23
CA PRO B 14 -27.24 51.70 -31.92
C PRO B 14 -28.24 50.54 -32.00
N GLY B 15 -28.20 49.66 -31.01
CA GLY B 15 -29.03 48.43 -30.94
C GLY B 15 -28.50 47.28 -31.80
N SER B 16 -27.51 47.53 -32.66
CA SER B 16 -26.86 46.50 -33.53
C SER B 16 -25.85 45.66 -32.76
N SER B 17 -25.20 44.70 -33.45
CA SER B 17 -24.09 43.85 -32.92
C SER B 17 -22.86 43.94 -33.83
N VAL B 18 -21.66 43.69 -33.28
CA VAL B 18 -20.36 43.77 -34.01
C VAL B 18 -19.52 42.51 -33.76
N THR B 19 -18.83 42.03 -34.78
CA THR B 19 -17.89 40.89 -34.67
C THR B 19 -16.47 41.38 -34.89
N VAL B 20 -15.57 41.06 -33.97
CA VAL B 20 -14.11 41.38 -34.09
C VAL B 20 -13.37 40.04 -34.08
N SER B 21 -12.26 39.93 -34.79
CA SER B 21 -11.49 38.66 -34.82
C SER B 21 -9.98 38.89 -34.67
N CYS B 22 -9.30 37.84 -34.23
CA CYS B 22 -7.85 37.85 -33.90
C CYS B 22 -7.24 36.51 -34.33
N LYS B 23 -6.15 36.54 -35.11
CA LYS B 23 -5.48 35.34 -35.69
C LYS B 23 -3.99 35.32 -35.33
N ALA B 24 -3.42 34.15 -35.04
CA ALA B 24 -1.98 34.00 -34.75
C ALA B 24 -1.20 33.85 -36.05
N SER B 25 -0.22 34.72 -36.32
CA SER B 25 0.61 34.68 -37.55
C SER B 25 1.43 33.38 -37.64
N GLY B 26 1.84 32.82 -36.50
CA GLY B 26 2.67 31.59 -36.44
C GLY B 26 1.89 30.29 -36.53
N GLY B 27 0.55 30.33 -36.57
CA GLY B 27 -0.29 29.10 -36.56
C GLY B 27 -0.25 28.35 -35.23
N SER B 28 0.38 28.94 -34.20
CA SER B 28 0.75 28.28 -32.92
C SER B 28 -0.29 28.55 -31.81
N PHE B 29 -1.58 28.21 -32.02
CA PHE B 29 -2.61 28.32 -30.95
C PHE B 29 -2.43 27.16 -29.95
N ASN B 30 -1.49 27.34 -29.00
CA ASN B 30 -1.36 26.45 -27.81
C ASN B 30 -2.53 26.76 -26.86
N ASN B 31 -2.65 26.11 -25.72
CA ASN B 31 -3.85 26.35 -24.87
C ASN B 31 -3.75 27.66 -24.07
N GLN B 32 -2.75 28.52 -24.26
CA GLN B 32 -2.71 29.85 -23.57
C GLN B 32 -3.94 30.68 -23.94
N ALA B 33 -4.65 31.21 -22.95
CA ALA B 33 -5.93 31.95 -23.15
C ALA B 33 -5.73 33.22 -23.99
N ILE B 34 -6.68 33.45 -24.90
CA ILE B 34 -6.78 34.70 -25.69
C ILE B 34 -7.87 35.53 -25.03
N SER B 35 -7.54 36.78 -24.71
CA SER B 35 -8.40 37.70 -23.93
C SER B 35 -8.68 38.99 -24.72
N TRP B 36 -9.85 39.59 -24.47
CA TRP B 36 -10.23 40.89 -25.09
C TRP B 36 -10.23 41.99 -24.04
N VAL B 37 -9.51 43.07 -24.35
CA VAL B 37 -9.35 44.27 -23.47
C VAL B 37 -9.68 45.52 -24.30
N ARG B 38 -10.44 46.47 -23.75
CA ARG B 38 -10.80 47.69 -24.51
C ARG B 38 -10.32 48.98 -23.82
N GLN B 39 -10.22 50.02 -24.63
CA GLN B 39 -9.74 51.35 -24.21
C GLN B 39 -10.61 52.43 -24.85
N ALA B 40 -11.51 53.04 -24.07
CA ALA B 40 -12.35 54.17 -24.51
C ALA B 40 -11.46 55.42 -24.65
N PRO B 41 -11.81 56.42 -25.50
CA PRO B 41 -10.98 57.62 -25.67
C PRO B 41 -10.69 58.36 -24.36
N GLY B 42 -9.41 58.61 -24.08
CA GLY B 42 -8.92 59.30 -22.88
C GLY B 42 -9.26 58.59 -21.58
N GLN B 43 -9.32 57.25 -21.60
CA GLN B 43 -9.71 56.43 -20.41
C GLN B 43 -8.82 55.18 -20.26
N GLY B 44 -8.81 54.60 -19.06
CA GLY B 44 -7.99 53.42 -18.69
C GLY B 44 -8.45 52.11 -19.33
N LEU B 45 -7.64 51.07 -19.16
CA LEU B 45 -7.84 49.71 -19.75
C LEU B 45 -8.95 48.95 -19.01
N GLU B 46 -9.68 48.10 -19.74
CA GLU B 46 -10.83 47.33 -19.21
C GLU B 46 -10.87 45.92 -19.83
N TRP B 47 -10.71 44.89 -18.99
CA TRP B 47 -10.81 43.48 -19.41
C TRP B 47 -12.29 43.10 -19.64
N MET B 48 -12.58 42.40 -20.73
CA MET B 48 -13.97 42.02 -21.11
C MET B 48 -14.21 40.51 -21.00
N GLY B 49 -13.20 39.69 -21.26
CA GLY B 49 -13.34 38.22 -21.23
C GLY B 49 -12.25 37.51 -22.03
N GLY B 50 -12.44 36.22 -22.30
CA GLY B 50 -11.44 35.42 -23.03
C GLY B 50 -11.84 33.97 -23.17
N ILE B 51 -10.98 33.19 -23.86
CA ILE B 51 -11.20 31.73 -24.07
C ILE B 51 -9.85 30.99 -24.26
N PHE B 52 -9.79 29.75 -23.80
CA PHE B 52 -8.64 28.84 -24.08
C PHE B 52 -8.85 28.26 -25.47
N PRO B 53 -7.92 28.47 -26.45
CA PRO B 53 -8.12 27.99 -27.83
C PRO B 53 -8.38 26.48 -28.01
N ILE B 54 -7.81 25.59 -27.20
CA ILE B 54 -7.98 24.11 -27.38
C ILE B 54 -9.06 23.58 -26.43
N SER B 55 -8.95 23.82 -25.12
CA SER B 55 -9.88 23.25 -24.11
C SER B 55 -11.26 23.95 -24.16
N GLY B 56 -11.35 25.16 -24.73
CA GLY B 56 -12.62 25.84 -25.05
C GLY B 56 -13.43 26.38 -23.88
N THR B 57 -12.86 26.69 -22.70
CA THR B 57 -13.63 27.28 -21.57
C THR B 57 -13.67 28.81 -21.73
N PRO B 58 -14.85 29.44 -22.04
CA PRO B 58 -14.95 30.90 -22.14
C PRO B 58 -15.20 31.57 -20.79
N THR B 59 -14.90 32.88 -20.70
CA THR B 59 -15.11 33.69 -19.47
C THR B 59 -15.40 35.14 -19.85
N SER B 60 -16.22 35.84 -19.06
CA SER B 60 -16.68 37.23 -19.34
C SER B 60 -16.77 38.10 -18.08
N ALA B 61 -16.40 39.37 -18.20
CA ALA B 61 -16.52 40.36 -17.11
C ALA B 61 -18.00 40.60 -16.81
N GLN B 62 -18.34 40.87 -15.55
CA GLN B 62 -19.77 40.93 -15.11
C GLN B 62 -20.57 41.99 -15.88
N ARG B 63 -19.97 43.15 -16.16
CA ARG B 63 -20.61 44.28 -16.87
C ARG B 63 -21.03 43.91 -18.30
N PHE B 64 -20.36 42.94 -18.92
CA PHE B 64 -20.59 42.51 -20.33
C PHE B 64 -21.22 41.12 -20.42
N GLN B 65 -21.57 40.49 -19.30
CA GLN B 65 -21.95 39.04 -19.27
C GLN B 65 -23.21 38.73 -20.10
N GLY B 66 -24.17 39.65 -20.18
CA GLY B 66 -25.39 39.49 -21.01
C GLY B 66 -25.19 39.85 -22.49
N ARG B 67 -24.15 40.63 -22.80
CA ARG B 67 -23.94 41.32 -24.11
C ARG B 67 -22.87 40.64 -24.98
N VAL B 68 -21.89 39.92 -24.41
CA VAL B 68 -20.70 39.43 -25.17
C VAL B 68 -20.64 37.89 -25.19
N THR B 69 -20.14 37.34 -26.30
CA THR B 69 -19.87 35.89 -26.48
C THR B 69 -18.56 35.70 -27.25
N PHE B 70 -17.86 34.62 -26.95
CA PHE B 70 -16.53 34.27 -27.53
C PHE B 70 -16.57 32.88 -28.16
N THR B 71 -15.83 32.69 -29.25
CA THR B 71 -15.68 31.38 -29.93
C THR B 71 -14.32 31.32 -30.63
N ALA B 72 -13.83 30.11 -30.92
CA ALA B 72 -12.48 29.92 -31.49
C ALA B 72 -12.46 28.76 -32.49
N ASP B 73 -11.51 28.81 -33.43
CA ASP B 73 -11.30 27.75 -34.45
C ASP B 73 -9.79 27.58 -34.71
N GLU B 74 -9.28 26.39 -34.45
CA GLU B 74 -7.86 26.03 -34.69
C GLU B 74 -7.55 26.03 -36.20
N SER B 75 -8.51 25.70 -37.06
CA SER B 75 -8.29 25.59 -38.53
C SER B 75 -7.94 26.98 -39.10
N THR B 76 -8.80 27.96 -38.89
CA THR B 76 -8.53 29.37 -39.26
C THR B 76 -7.53 29.97 -38.27
N THR B 77 -7.23 29.26 -37.17
CA THR B 77 -6.34 29.68 -36.06
C THR B 77 -6.75 31.10 -35.64
N THR B 78 -8.05 31.28 -35.44
CA THR B 78 -8.66 32.60 -35.16
C THR B 78 -9.68 32.52 -34.02
N VAL B 79 -9.69 33.55 -33.18
CA VAL B 79 -10.67 33.75 -32.08
C VAL B 79 -11.62 34.86 -32.54
N TYR B 80 -12.91 34.65 -32.34
CA TYR B 80 -14.00 35.58 -32.76
C TYR B 80 -14.74 36.07 -31.51
N MET B 81 -14.94 37.38 -31.42
CA MET B 81 -15.65 38.02 -30.29
C MET B 81 -16.85 38.81 -30.83
N ASP B 82 -18.05 38.51 -30.32
CA ASP B 82 -19.30 39.19 -30.72
C ASP B 82 -19.83 40.05 -29.56
N LEU B 83 -20.03 41.34 -29.82
CA LEU B 83 -20.59 42.30 -28.83
C LEU B 83 -21.96 42.77 -29.34
N SER B 84 -23.02 42.57 -28.53
CA SER B 84 -24.43 42.86 -28.91
C SER B 84 -25.01 44.08 -28.18
N SER B 85 -26.18 44.56 -28.63
CA SER B 85 -26.95 45.69 -28.06
C SER B 85 -26.05 46.93 -27.91
N LEU B 86 -25.38 47.30 -29.00
CA LEU B 86 -24.42 48.44 -29.04
C LEU B 86 -25.06 49.79 -28.68
N ARG B 87 -24.26 50.66 -28.06
CA ARG B 87 -24.61 52.05 -27.68
C ARG B 87 -23.40 52.96 -27.94
N SER B 88 -23.61 54.28 -28.02
CA SER B 88 -22.54 55.28 -28.32
C SER B 88 -21.32 55.08 -27.41
N ASP B 89 -21.57 54.77 -26.13
CA ASP B 89 -20.55 54.57 -25.06
C ASP B 89 -19.57 53.45 -25.40
N ASP B 90 -19.96 52.47 -26.21
CA ASP B 90 -19.08 51.34 -26.60
C ASP B 90 -18.00 51.77 -27.60
N THR B 91 -18.00 53.01 -28.09
CA THR B 91 -16.94 53.52 -28.99
C THR B 91 -15.60 53.44 -28.29
N ALA B 92 -14.75 52.51 -28.72
CA ALA B 92 -13.43 52.23 -28.08
C ALA B 92 -12.52 51.43 -29.01
N VAL B 93 -11.23 51.39 -28.68
CA VAL B 93 -10.26 50.48 -29.34
C VAL B 93 -10.35 49.14 -28.62
N TYR B 94 -10.56 48.05 -29.36
CA TYR B 94 -10.66 46.67 -28.81
C TYR B 94 -9.38 45.91 -29.20
N TYR B 95 -8.62 45.48 -28.20
CA TYR B 95 -7.36 44.72 -28.42
C TYR B 95 -7.55 43.24 -28.03
N CYS B 96 -7.05 42.33 -28.84
CA CYS B 96 -6.91 40.92 -28.42
C CYS B 96 -5.53 40.77 -27.79
N ALA B 97 -5.39 39.90 -26.78
CA ALA B 97 -4.09 39.71 -26.09
C ALA B 97 -3.95 38.25 -25.65
N ARG B 98 -2.70 37.82 -25.49
CA ARG B 98 -2.37 36.41 -25.14
C ARG B 98 -1.90 36.40 -23.68
N ALA B 99 -2.60 35.62 -22.85
CA ALA B 99 -2.32 35.52 -21.40
C ALA B 99 -1.23 34.47 -21.10
N GLY B 100 -0.53 34.62 -19.98
CA GLY B 100 0.44 33.61 -19.47
C GLY B 100 -0.23 32.35 -18.91
N SER B 101 -1.55 32.28 -18.90
CA SER B 101 -2.38 31.22 -18.29
C SER B 101 -2.87 30.22 -19.34
N ASP B 102 -2.84 28.92 -19.02
CA ASP B 102 -3.25 27.84 -19.96
C ASP B 102 -4.01 26.70 -19.28
N TYR B 103 -4.43 26.83 -18.02
CA TYR B 103 -5.27 25.81 -17.33
C TYR B 103 -6.16 26.48 -16.28
N PHE B 104 -7.34 25.92 -16.03
CA PHE B 104 -8.27 26.39 -14.99
C PHE B 104 -8.58 25.23 -14.01
N ASN B 105 -8.28 25.41 -12.72
CA ASN B 105 -8.66 24.44 -11.65
C ASN B 105 -10.10 24.70 -11.22
N ARG B 106 -10.98 23.70 -11.21
CA ARG B 106 -12.36 23.80 -10.67
C ARG B 106 -12.36 24.52 -9.32
N ASP B 107 -11.42 24.19 -8.45
CA ASP B 107 -11.37 24.67 -7.05
C ASP B 107 -10.52 25.95 -6.93
N LEU B 108 -9.29 25.94 -7.37
CA LEU B 108 -8.31 27.04 -7.14
C LEU B 108 -8.39 28.19 -8.17
N GLY B 109 -9.13 28.07 -9.27
CA GLY B 109 -9.18 29.13 -10.30
C GLY B 109 -7.97 29.19 -11.23
N TRP B 110 -7.54 30.40 -11.61
CA TRP B 110 -6.50 30.64 -12.66
C TRP B 110 -5.13 30.99 -12.05
N GLU B 111 -4.10 30.98 -12.89
CA GLU B 111 -2.71 31.36 -12.51
C GLU B 111 -2.01 32.04 -13.69
N ASN B 112 -1.11 32.99 -13.40
CA ASN B 112 -0.33 33.79 -14.41
C ASN B 112 -1.25 34.52 -15.41
N TYR B 113 -2.42 35.02 -15.01
CA TYR B 113 -3.33 35.73 -15.96
C TYR B 113 -2.89 37.19 -16.15
N TYR B 114 -1.74 37.35 -16.78
CA TYR B 114 -1.21 38.66 -17.24
C TYR B 114 -1.00 38.53 -18.75
N PHE B 115 -1.07 39.67 -19.45
CA PHE B 115 -1.04 39.74 -20.93
C PHE B 115 0.41 39.95 -21.37
N ALA B 116 0.94 38.97 -22.10
CA ALA B 116 2.36 38.94 -22.55
C ALA B 116 2.50 39.66 -23.90
N SER B 117 1.52 39.50 -24.80
CA SER B 117 1.51 40.03 -26.18
C SER B 117 0.12 40.54 -26.55
N TRP B 118 0.08 41.59 -27.37
CA TRP B 118 -1.15 42.32 -27.76
C TRP B 118 -1.28 42.45 -29.29
N GLY B 119 -2.50 42.45 -29.80
CA GLY B 119 -2.81 42.76 -31.22
C GLY B 119 -2.68 44.25 -31.54
N GLN B 120 -3.01 44.63 -32.79
CA GLN B 120 -2.89 46.03 -33.31
C GLN B 120 -3.98 46.92 -32.71
N GLY B 121 -5.09 46.34 -32.21
CA GLY B 121 -6.28 47.09 -31.74
C GLY B 121 -7.18 47.46 -32.89
N THR B 122 -8.48 47.24 -32.72
CA THR B 122 -9.54 47.53 -33.73
C THR B 122 -10.43 48.65 -33.20
N LEU B 123 -10.54 49.78 -33.92
CA LEU B 123 -11.46 50.86 -33.51
C LEU B 123 -12.90 50.50 -33.91
N VAL B 124 -13.79 50.40 -32.95
CA VAL B 124 -15.25 50.20 -33.21
C VAL B 124 -15.95 51.46 -32.72
N THR B 125 -16.82 52.04 -33.55
CA THR B 125 -17.60 53.23 -33.14
C THR B 125 -19.09 53.00 -33.40
N VAL B 126 -19.91 53.47 -32.48
CA VAL B 126 -21.39 53.29 -32.56
C VAL B 126 -22.00 54.66 -32.86
N SER B 127 -22.65 54.79 -34.00
CA SER B 127 -23.23 56.06 -34.48
C SER B 127 -24.27 55.83 -35.59
N SER B 128 -25.19 56.78 -35.75
CA SER B 128 -26.21 56.82 -36.82
C SER B 128 -25.63 57.44 -38.12
N ALA B 129 -24.57 58.24 -38.01
CA ALA B 129 -23.96 59.00 -39.13
C ALA B 129 -23.36 58.08 -40.20
N SER B 130 -23.45 58.50 -41.46
CA SER B 130 -22.95 57.77 -42.66
C SER B 130 -21.43 57.84 -42.74
N GLU C 1 -14.14 44.05 -7.84
CA GLU C 1 -13.95 43.57 -6.43
C GLU C 1 -12.67 44.18 -5.85
N ILE C 2 -11.48 43.64 -6.16
CA ILE C 2 -10.19 44.24 -5.69
C ILE C 2 -9.96 45.54 -6.45
N VAL C 3 -9.74 46.63 -5.73
CA VAL C 3 -9.50 47.99 -6.32
C VAL C 3 -8.00 48.29 -6.31
N MET C 4 -7.50 48.75 -7.46
CA MET C 4 -6.08 49.14 -7.62
C MET C 4 -5.99 50.67 -7.66
N THR C 5 -5.21 51.25 -6.75
CA THR C 5 -5.00 52.71 -6.63
C THR C 5 -3.56 53.01 -7.01
N GLN C 6 -3.34 53.90 -7.97
CA GLN C 6 -1.98 54.18 -8.49
C GLN C 6 -1.65 55.66 -8.30
N SER C 7 -0.40 55.97 -7.88
CA SER C 7 0.00 57.37 -7.59
C SER C 7 1.50 57.59 -7.76
N PRO C 8 1.96 58.82 -8.11
CA PRO C 8 1.11 59.98 -8.43
C PRO C 8 0.27 59.85 -9.72
N ALA C 9 -0.67 60.76 -9.93
CA ALA C 9 -1.55 60.78 -11.14
C ALA C 9 -0.72 61.18 -12.36
N THR C 10 0.11 62.22 -12.22
CA THR C 10 1.04 62.70 -13.28
C THR C 10 2.42 62.94 -12.65
N LEU C 11 3.48 62.60 -13.37
CA LEU C 11 4.88 62.80 -12.92
C LEU C 11 5.68 63.49 -14.02
N SER C 12 6.50 64.47 -13.66
CA SER C 12 7.39 65.14 -14.63
C SER C 12 8.77 65.43 -14.01
N LEU C 13 9.81 65.00 -14.71
CA LEU C 13 11.24 65.11 -14.28
C LEU C 13 12.13 65.33 -15.52
N SER C 14 13.30 65.94 -15.33
CA SER C 14 14.29 66.15 -16.42
C SER C 14 15.03 64.84 -16.75
N SER C 15 15.61 64.76 -17.94
CA SER C 15 16.43 63.60 -18.39
C SER C 15 17.69 63.42 -17.52
N GLY C 16 18.19 62.18 -17.45
CA GLY C 16 19.41 61.83 -16.69
C GLY C 16 19.18 61.69 -15.19
N GLU C 17 17.92 61.55 -14.74
CA GLU C 17 17.58 61.42 -13.29
C GLU C 17 16.60 60.25 -13.04
N ARG C 18 16.50 59.80 -11.79
CA ARG C 18 15.64 58.65 -11.39
C ARG C 18 14.19 59.10 -11.19
N ALA C 19 13.25 58.23 -11.55
CA ALA C 19 11.78 58.42 -11.41
C ALA C 19 11.16 57.22 -10.68
N THR C 20 10.15 57.44 -9.84
CA THR C 20 9.47 56.35 -9.07
C THR C 20 7.94 56.48 -9.13
N LEU C 21 7.28 55.34 -9.30
CA LEU C 21 5.80 55.19 -9.41
C LEU C 21 5.33 54.18 -8.35
N SER C 22 4.10 54.32 -7.84
CA SER C 22 3.59 53.42 -6.77
C SER C 22 2.17 52.93 -7.06
N CYS C 23 1.85 51.74 -6.53
CA CYS C 23 0.51 51.09 -6.72
C CYS C 23 0.11 50.37 -5.42
N ARG C 24 -1.19 50.41 -5.10
CA ARG C 24 -1.76 49.83 -3.87
C ARG C 24 -3.03 49.02 -4.20
N ALA C 25 -3.20 47.88 -3.54
CA ALA C 25 -4.35 46.98 -3.72
C ALA C 25 -5.23 47.01 -2.45
N SER C 26 -6.56 47.07 -2.61
CA SER C 26 -7.54 47.12 -1.49
C SER C 26 -7.48 45.86 -0.61
N ARG C 27 -6.92 44.74 -1.10
CA ARG C 27 -6.61 43.51 -0.32
C ARG C 27 -5.23 43.00 -0.75
N SER C 28 -4.58 42.15 0.04
CA SER C 28 -3.25 41.61 -0.33
C SER C 28 -3.36 40.68 -1.55
N VAL C 29 -2.56 40.95 -2.58
CA VAL C 29 -2.58 40.18 -3.86
C VAL C 29 -1.39 39.21 -3.93
N SER C 30 -0.61 39.04 -2.86
CA SER C 30 0.47 38.02 -2.73
C SER C 30 1.45 38.01 -3.92
N SER C 31 1.90 39.18 -4.38
CA SER C 31 2.90 39.35 -5.49
C SER C 31 2.32 39.07 -6.89
N ASN C 32 1.01 38.81 -7.03
CA ASN C 32 0.34 38.61 -8.35
C ASN C 32 0.08 39.99 -8.96
N LEU C 33 1.15 40.72 -9.29
CA LEU C 33 1.07 42.12 -9.78
C LEU C 33 2.01 42.32 -10.98
N ALA C 34 1.51 42.97 -12.03
CA ALA C 34 2.26 43.29 -13.27
C ALA C 34 2.17 44.77 -13.60
N TRP C 35 3.14 45.27 -14.37
CA TRP C 35 3.19 46.68 -14.84
C TRP C 35 3.25 46.73 -16.36
N TYR C 36 2.56 47.69 -16.95
CA TYR C 36 2.52 47.93 -18.42
C TYR C 36 2.92 49.37 -18.76
N GLN C 37 3.57 49.53 -19.91
CA GLN C 37 3.90 50.83 -20.54
C GLN C 37 3.07 50.97 -21.81
N GLN C 38 2.43 52.12 -22.04
CA GLN C 38 1.74 52.40 -23.32
C GLN C 38 2.29 53.68 -23.93
N LYS C 39 2.93 53.57 -25.10
CA LYS C 39 3.48 54.73 -25.84
C LYS C 39 2.33 55.35 -26.65
N PRO C 40 2.27 56.69 -26.87
CA PRO C 40 1.16 57.30 -27.60
C PRO C 40 0.86 56.67 -28.97
N GLY C 41 -0.42 56.35 -29.19
CA GLY C 41 -0.96 55.79 -30.45
C GLY C 41 -0.62 54.32 -30.65
N GLN C 42 -0.23 53.57 -29.61
CA GLN C 42 0.15 52.13 -29.73
C GLN C 42 -0.50 51.28 -28.64
N ALA C 43 -0.55 49.96 -28.87
CA ALA C 43 -1.05 48.95 -27.92
C ALA C 43 -0.14 48.91 -26.69
N PRO C 44 -0.66 48.58 -25.48
CA PRO C 44 0.19 48.46 -24.29
C PRO C 44 1.27 47.37 -24.42
N ARG C 45 2.30 47.45 -23.57
CA ARG C 45 3.45 46.51 -23.59
C ARG C 45 3.79 46.09 -22.15
N LEU C 46 3.97 44.79 -21.92
CA LEU C 46 4.31 44.25 -20.58
C LEU C 46 5.74 44.68 -20.20
N LEU C 47 5.88 45.29 -19.02
CA LEU C 47 7.18 45.79 -18.52
C LEU C 47 7.70 44.85 -17.43
N ILE C 48 6.89 44.54 -16.43
CA ILE C 48 7.28 43.68 -15.28
C ILE C 48 6.11 42.75 -14.90
N TYR C 49 6.42 41.57 -14.38
CA TYR C 49 5.43 40.62 -13.83
C TYR C 49 5.93 40.05 -12.49
N ASP C 50 5.01 39.46 -11.74
CA ASP C 50 5.22 38.92 -10.36
C ASP C 50 5.94 39.96 -9.48
N ALA C 51 5.67 41.25 -9.72
CA ALA C 51 6.22 42.41 -8.96
C ALA C 51 7.76 42.46 -8.96
N SER C 52 8.46 41.56 -9.65
CA SER C 52 9.92 41.34 -9.42
C SER C 52 10.76 41.15 -10.69
N THR C 53 10.19 40.74 -11.83
CA THR C 53 10.98 40.36 -13.04
C THR C 53 10.50 41.14 -14.27
N ARG C 54 11.45 41.57 -15.10
CA ARG C 54 11.18 42.43 -16.28
C ARG C 54 11.19 41.62 -17.59
N ALA C 55 10.28 41.98 -18.50
CA ALA C 55 10.11 41.36 -19.82
C ALA C 55 11.33 41.67 -20.72
N THR C 56 11.50 40.86 -21.77
CA THR C 56 12.63 40.90 -22.74
C THR C 56 12.86 42.29 -23.36
N GLY C 57 11.82 43.10 -23.53
CA GLY C 57 11.91 44.42 -24.19
C GLY C 57 12.60 45.50 -23.36
N PHE C 58 12.90 45.27 -22.08
CA PHE C 58 13.42 46.32 -21.16
C PHE C 58 14.72 45.90 -20.48
N SER C 59 15.56 46.89 -20.17
CA SER C 59 16.93 46.71 -19.60
C SER C 59 16.98 46.98 -18.08
N ALA C 60 18.17 46.82 -17.51
CA ALA C 60 18.49 46.97 -16.06
C ALA C 60 18.02 48.29 -15.44
N ARG C 61 17.74 49.33 -16.24
CA ARG C 61 17.32 50.65 -15.73
C ARG C 61 15.91 50.60 -15.12
N PHE C 62 15.11 49.58 -15.38
CA PHE C 62 13.75 49.39 -14.81
C PHE C 62 13.78 48.36 -13.68
N ALA C 63 13.19 48.70 -12.53
CA ALA C 63 13.18 47.81 -11.35
C ALA C 63 11.81 47.80 -10.64
N GLY C 64 11.37 46.60 -10.22
CA GLY C 64 10.13 46.37 -9.45
C GLY C 64 10.41 46.12 -7.98
N SER C 65 9.45 46.45 -7.11
CA SER C 65 9.60 46.31 -5.64
C SER C 65 8.24 46.21 -4.92
N GLY C 66 8.24 45.66 -3.70
CA GLY C 66 7.05 45.54 -2.85
C GLY C 66 6.43 44.15 -2.85
N SER C 67 5.46 43.95 -1.95
CA SER C 67 4.72 42.68 -1.77
C SER C 67 3.42 42.90 -0.97
N GLY C 68 2.51 41.92 -1.01
CA GLY C 68 1.24 41.96 -0.25
C GLY C 68 0.26 42.98 -0.78
N THR C 69 0.24 44.21 -0.25
CA THR C 69 -0.78 45.27 -0.56
C THR C 69 -0.14 46.53 -1.17
N GLU C 70 1.18 46.70 -1.15
CA GLU C 70 1.84 47.90 -1.72
C GLU C 70 3.01 47.50 -2.63
N PHE C 71 3.11 48.19 -3.78
CA PHE C 71 4.10 47.89 -4.84
C PHE C 71 4.71 49.18 -5.38
N THR C 72 5.87 49.06 -6.03
CA THR C 72 6.62 50.23 -6.55
C THR C 72 7.41 49.86 -7.82
N LEU C 73 7.50 50.82 -8.73
CA LEU C 73 8.26 50.71 -9.99
C LEU C 73 9.23 51.89 -10.05
N THR C 74 10.48 51.66 -10.44
CA THR C 74 11.52 52.72 -10.53
C THR C 74 12.23 52.68 -11.88
N ILE C 75 12.39 53.85 -12.49
CA ILE C 75 13.10 54.05 -13.77
C ILE C 75 14.39 54.83 -13.46
N SER C 76 15.53 54.32 -13.93
CA SER C 76 16.85 54.96 -13.67
C SER C 76 17.32 55.75 -14.90
N SER C 77 17.82 56.97 -14.68
CA SER C 77 18.37 57.88 -15.73
C SER C 77 17.35 58.04 -16.87
N LEU C 78 16.29 58.80 -16.61
CA LEU C 78 15.15 59.05 -17.55
C LEU C 78 15.64 59.59 -18.91
N GLN C 79 15.03 59.11 -20.00
CA GLN C 79 15.38 59.46 -21.40
C GLN C 79 14.12 59.82 -22.19
N SER C 80 14.27 60.51 -23.33
CA SER C 80 13.20 61.02 -24.22
C SER C 80 12.09 59.98 -24.52
N GLU C 81 12.45 58.71 -24.70
CA GLU C 81 11.48 57.64 -25.08
C GLU C 81 10.60 57.22 -23.90
N ASP C 82 10.92 57.61 -22.66
CA ASP C 82 10.17 57.20 -21.44
C ASP C 82 8.84 57.96 -21.31
N SER C 83 8.64 59.03 -22.07
CA SER C 83 7.39 59.85 -22.06
C SER C 83 6.22 58.98 -22.55
N ALA C 84 5.48 58.40 -21.59
CA ALA C 84 4.41 57.41 -21.82
C ALA C 84 3.51 57.28 -20.58
N ILE C 85 2.41 56.53 -20.70
CA ILE C 85 1.50 56.25 -19.55
C ILE C 85 1.78 54.83 -19.07
N TYR C 86 1.81 54.63 -17.75
CA TYR C 86 2.15 53.34 -17.11
C TYR C 86 0.97 52.87 -16.25
N TYR C 87 0.63 51.58 -16.27
CA TYR C 87 -0.49 51.03 -15.47
C TYR C 87 -0.09 49.76 -14.71
N CYS C 88 -0.55 49.61 -13.46
CA CYS C 88 -0.39 48.35 -12.68
C CYS C 88 -1.61 47.45 -12.89
N GLN C 89 -1.48 46.13 -12.73
CA GLN C 89 -2.61 45.16 -12.88
C GLN C 89 -2.45 43.99 -11.92
N GLN C 90 -3.52 43.60 -11.23
CA GLN C 90 -3.46 42.41 -10.33
C GLN C 90 -4.03 41.16 -11.03
N TYR C 91 -3.58 39.98 -10.60
CA TYR C 91 -4.09 38.69 -11.13
C TYR C 91 -4.18 37.64 -10.02
N ASN C 92 -4.77 38.01 -8.90
CA ASN C 92 -4.84 37.13 -7.71
C ASN C 92 -6.01 36.12 -7.83
N ASN C 93 -5.74 34.98 -8.45
CA ASN C 93 -6.56 33.73 -8.44
C ASN C 93 -7.94 33.80 -9.12
N TRP C 94 -8.73 34.86 -8.98
CA TRP C 94 -10.14 34.89 -9.48
C TRP C 94 -10.50 36.21 -10.16
N PRO C 95 -11.34 36.20 -11.22
CA PRO C 95 -11.75 37.43 -11.90
C PRO C 95 -12.54 38.40 -11.03
N PRO C 96 -12.62 39.71 -11.38
CA PRO C 96 -11.97 40.28 -12.56
C PRO C 96 -10.52 40.76 -12.37
N TRP C 97 -9.78 40.81 -13.47
CA TRP C 97 -8.36 41.19 -13.49
C TRP C 97 -8.24 42.71 -13.62
N THR C 98 -8.53 43.42 -12.52
CA THR C 98 -8.61 44.91 -12.50
C THR C 98 -7.24 45.57 -12.70
N PHE C 99 -7.23 46.60 -13.53
CA PHE C 99 -6.06 47.51 -13.77
C PHE C 99 -6.15 48.76 -12.89
N GLY C 100 -4.99 49.38 -12.61
CA GLY C 100 -4.93 50.71 -11.97
C GLY C 100 -5.34 51.80 -12.95
N GLN C 101 -5.64 53.00 -12.48
CA GLN C 101 -6.14 54.09 -13.38
C GLN C 101 -4.98 54.69 -14.20
N GLY C 102 -3.72 54.33 -13.92
CA GLY C 102 -2.53 54.75 -14.68
C GLY C 102 -1.88 56.05 -14.19
N THR C 103 -0.61 56.22 -14.54
CA THR C 103 0.23 57.41 -14.22
C THR C 103 0.89 57.89 -15.52
N LYS C 104 0.81 59.19 -15.82
CA LYS C 104 1.43 59.74 -17.05
C LYS C 104 2.80 60.34 -16.73
N VAL C 105 3.80 60.03 -17.55
CA VAL C 105 5.18 60.57 -17.42
C VAL C 105 5.44 61.51 -18.59
N GLU C 106 5.84 62.75 -18.30
CA GLU C 106 6.28 63.73 -19.34
C GLU C 106 7.61 64.33 -18.89
N ILE C 107 8.48 64.63 -19.85
CA ILE C 107 9.90 64.98 -19.54
C ILE C 107 10.09 66.50 -19.48
N LYS C 108 10.62 66.99 -18.36
CA LYS C 108 10.86 68.43 -18.09
C LYS C 108 12.17 68.88 -18.74
N ARG C 109 12.14 69.01 -20.08
CA ARG C 109 13.27 69.54 -20.89
C ARG C 109 13.36 71.07 -20.77
N THR C 110 14.37 71.66 -21.41
CA THR C 110 14.61 73.13 -21.46
C THR C 110 13.51 73.81 -22.28
N ALA D 105 -26.90 -22.04 -4.60
CA ALA D 105 -26.27 -21.62 -5.90
C ALA D 105 -26.67 -22.58 -7.03
N GLU D 106 -26.59 -22.10 -8.28
CA GLU D 106 -26.88 -22.89 -9.52
C GLU D 106 -25.82 -22.57 -10.57
N TYR D 107 -25.60 -23.48 -11.52
CA TYR D 107 -24.66 -23.23 -12.65
C TYR D 107 -25.18 -22.08 -13.52
N ARG D 108 -24.26 -21.29 -14.10
CA ARG D 108 -24.60 -20.23 -15.08
C ARG D 108 -25.20 -20.82 -16.36
N ASN D 109 -26.12 -20.09 -16.99
CA ASN D 109 -26.69 -20.51 -18.31
C ASN D 109 -26.70 -19.38 -19.37
N TRP D 110 -26.49 -18.11 -19.02
CA TRP D 110 -26.47 -16.95 -19.95
C TRP D 110 -27.69 -16.86 -20.89
N SER D 111 -28.87 -17.35 -20.50
CA SER D 111 -30.06 -17.43 -21.40
C SER D 111 -30.82 -16.10 -21.54
N LYS D 112 -30.31 -14.97 -21.03
CA LYS D 112 -30.90 -13.62 -21.25
C LYS D 112 -30.47 -13.06 -22.62
N PRO D 113 -31.26 -12.16 -23.26
CA PRO D 113 -30.86 -11.52 -24.52
C PRO D 113 -29.72 -10.52 -24.39
N GLN D 114 -29.04 -10.20 -25.48
CA GLN D 114 -27.90 -9.25 -25.48
C GLN D 114 -28.45 -7.82 -25.34
N CYS D 115 -27.75 -6.96 -24.58
CA CYS D 115 -28.15 -5.55 -24.35
C CYS D 115 -27.99 -4.69 -25.63
N ASP D 116 -28.79 -3.63 -25.75
CA ASP D 116 -28.76 -2.69 -26.91
C ASP D 116 -27.58 -1.71 -26.78
N ILE D 117 -26.41 -2.12 -27.25
CA ILE D 117 -25.17 -1.30 -27.15
C ILE D 117 -25.18 -0.14 -28.16
N THR D 118 -24.83 1.06 -27.71
CA THR D 118 -24.64 2.29 -28.54
C THR D 118 -23.18 2.74 -28.53
N GLY D 119 -22.35 2.09 -27.73
CA GLY D 119 -20.90 2.36 -27.59
C GLY D 119 -20.39 1.89 -26.25
N PHE D 120 -19.20 2.32 -25.84
CA PHE D 120 -18.53 1.83 -24.61
C PHE D 120 -18.17 2.99 -23.70
N ALA D 121 -18.42 2.84 -22.39
CA ALA D 121 -18.11 3.83 -21.32
C ALA D 121 -16.95 3.32 -20.44
N PRO D 122 -16.09 4.17 -19.85
CA PRO D 122 -14.97 3.73 -19.01
C PRO D 122 -15.42 2.99 -17.73
N PHE D 123 -14.67 1.95 -17.35
CA PHE D 123 -15.00 1.09 -16.17
C PHE D 123 -13.84 0.95 -15.18
N SER D 124 -12.57 0.82 -15.59
CA SER D 124 -11.44 0.64 -14.64
C SER D 124 -10.05 0.87 -15.28
N LYS D 125 -9.06 1.12 -14.46
CA LYS D 125 -7.65 1.33 -14.86
C LYS D 125 -6.73 0.97 -13.69
N ASP D 126 -5.50 0.48 -13.89
CA ASP D 126 -4.71 -0.13 -12.78
C ASP D 126 -3.56 0.79 -12.34
N ASN D 127 -2.93 1.51 -13.26
CA ASN D 127 -1.79 2.42 -13.00
C ASN D 127 -0.54 1.66 -12.54
N SER D 128 -0.41 0.37 -12.82
CA SER D 128 0.69 -0.51 -12.33
C SER D 128 2.10 0.07 -12.60
N ILE D 129 2.41 0.56 -13.79
CA ILE D 129 3.80 1.01 -14.07
C ILE D 129 4.09 2.29 -13.25
N ARG D 130 3.14 3.23 -13.12
CA ARG D 130 3.36 4.49 -12.35
C ARG D 130 3.61 4.16 -10.87
N LEU D 131 2.81 3.25 -10.28
CA LEU D 131 2.98 2.79 -8.87
C LEU D 131 4.34 2.08 -8.68
N SER D 132 4.80 1.29 -9.67
CA SER D 132 6.06 0.50 -9.62
C SER D 132 7.28 1.39 -9.37
N ALA D 133 7.27 2.66 -9.73
CA ALA D 133 8.46 3.55 -9.55
C ALA D 133 8.72 3.83 -8.05
N GLY D 134 7.80 3.48 -7.16
CA GLY D 134 7.93 3.63 -5.70
C GLY D 134 6.96 2.69 -4.99
N GLY D 135 7.21 1.39 -5.09
CA GLY D 135 6.36 0.31 -4.55
C GLY D 135 6.79 -1.07 -5.02
N ASP D 136 6.33 -2.14 -4.37
CA ASP D 136 6.68 -3.55 -4.74
C ASP D 136 5.54 -4.14 -5.56
N ILE D 137 5.67 -4.07 -6.90
CA ILE D 137 4.63 -4.55 -7.86
C ILE D 137 5.25 -5.65 -8.74
N TRP D 138 4.45 -6.71 -8.99
CA TRP D 138 4.82 -7.86 -9.87
C TRP D 138 5.05 -7.46 -11.34
N VAL D 139 6.04 -8.04 -12.03
CA VAL D 139 6.22 -7.94 -13.52
C VAL D 139 5.24 -8.91 -14.21
N THR D 140 4.48 -8.43 -15.21
CA THR D 140 3.46 -9.26 -15.92
C THR D 140 3.38 -9.01 -17.43
N ARG D 141 2.69 -9.90 -18.13
CA ARG D 141 2.17 -9.77 -19.52
C ARG D 141 0.96 -10.69 -19.68
N GLU D 142 0.26 -10.56 -20.80
CA GLU D 142 -0.90 -11.41 -21.20
C GLU D 142 -1.99 -11.37 -20.13
N PRO D 143 -2.49 -10.19 -19.73
CA PRO D 143 -3.60 -10.09 -18.77
C PRO D 143 -4.97 -10.41 -19.37
N TYR D 144 -5.91 -10.62 -18.47
CA TYR D 144 -7.32 -10.83 -18.83
C TYR D 144 -8.24 -10.57 -17.64
N VAL D 145 -9.55 -10.47 -17.90
CA VAL D 145 -10.58 -10.15 -16.88
C VAL D 145 -11.67 -11.18 -16.98
N SER D 146 -12.22 -11.58 -15.83
CA SER D 146 -13.37 -12.50 -15.74
C SER D 146 -14.12 -12.19 -14.45
N CYS D 147 -15.38 -12.59 -14.32
CA CYS D 147 -16.23 -12.18 -13.19
C CYS D 147 -17.00 -13.38 -12.64
N ASP D 148 -17.11 -13.48 -11.32
CA ASP D 148 -18.04 -14.42 -10.67
C ASP D 148 -19.41 -13.76 -10.60
N PRO D 149 -20.46 -14.39 -10.04
CA PRO D 149 -21.78 -13.76 -9.96
C PRO D 149 -21.88 -12.45 -9.16
N ASP D 150 -20.88 -12.13 -8.34
CA ASP D 150 -20.85 -10.95 -7.43
C ASP D 150 -19.83 -9.89 -7.87
N LYS D 151 -18.64 -10.25 -8.34
CA LYS D 151 -17.60 -9.23 -8.70
C LYS D 151 -16.56 -9.72 -9.73
N CYS D 152 -15.82 -8.80 -10.30
CA CYS D 152 -14.81 -9.08 -11.36
C CYS D 152 -13.38 -9.15 -10.79
N TYR D 153 -12.57 -10.00 -11.42
CA TYR D 153 -11.16 -10.26 -11.08
C TYR D 153 -10.27 -9.98 -12.27
N GLN D 154 -9.07 -9.51 -12.01
CA GLN D 154 -8.02 -9.35 -13.03
C GLN D 154 -7.01 -10.50 -12.87
N PHE D 155 -6.60 -11.09 -13.99
CA PHE D 155 -5.61 -12.18 -14.06
C PHE D 155 -4.42 -11.76 -14.92
N ALA D 156 -3.26 -12.31 -14.65
CA ALA D 156 -2.05 -12.07 -15.47
C ALA D 156 -1.00 -13.17 -15.27
N LEU D 157 -0.13 -13.38 -16.25
CA LEU D 157 0.97 -14.36 -16.09
C LEU D 157 2.17 -13.59 -15.55
N GLY D 158 2.52 -13.83 -14.29
CA GLY D 158 3.71 -13.21 -13.69
C GLY D 158 5.01 -13.73 -14.26
N GLN D 159 6.07 -12.99 -14.12
CA GLN D 159 7.44 -13.42 -14.50
C GLN D 159 8.24 -13.85 -13.25
N GLY D 160 7.56 -14.24 -12.15
CA GLY D 160 8.23 -14.67 -10.90
C GLY D 160 9.18 -13.62 -10.31
N THR D 161 8.86 -12.32 -10.40
CA THR D 161 9.71 -11.21 -9.87
C THR D 161 8.89 -9.91 -9.73
N THR D 162 9.32 -9.01 -8.85
CA THR D 162 8.80 -7.62 -8.75
C THR D 162 9.62 -6.77 -9.75
N LEU D 163 9.17 -5.55 -10.02
CA LEU D 163 9.81 -4.71 -11.08
C LEU D 163 11.12 -4.12 -10.57
N ASN D 164 11.18 -3.51 -9.40
CA ASN D 164 12.46 -2.97 -8.86
C ASN D 164 13.23 -4.09 -8.16
N ASN D 165 13.80 -5.02 -8.95
CA ASN D 165 14.41 -6.30 -8.50
C ASN D 165 15.43 -6.76 -9.55
N VAL D 166 16.56 -7.38 -9.16
CA VAL D 166 17.59 -7.84 -10.16
C VAL D 166 17.00 -8.92 -11.07
N HIS D 167 16.00 -9.68 -10.62
CA HIS D 167 15.35 -10.73 -11.45
C HIS D 167 14.42 -10.14 -12.52
N SER D 168 14.18 -8.83 -12.56
CA SER D 168 13.32 -8.16 -13.58
C SER D 168 14.02 -8.08 -14.95
N ASN D 169 15.35 -8.17 -15.00
CA ASN D 169 16.14 -8.14 -16.27
C ASN D 169 15.75 -9.31 -17.19
N ASN D 170 15.78 -9.11 -18.51
CA ASN D 170 15.47 -10.12 -19.55
C ASN D 170 14.07 -10.75 -19.40
N THR D 171 13.09 -10.01 -18.87
CA THR D 171 11.70 -10.53 -18.67
C THR D 171 10.87 -10.57 -19.98
N VAL D 172 11.53 -10.57 -21.13
CA VAL D 172 10.87 -10.55 -22.47
C VAL D 172 10.37 -11.95 -22.89
N ARG D 173 11.04 -13.03 -22.48
CA ARG D 173 10.68 -14.42 -22.93
C ARG D 173 9.32 -14.86 -22.40
N ASP D 174 8.56 -15.55 -23.23
CA ASP D 174 7.16 -15.89 -22.90
C ASP D 174 7.08 -17.19 -22.09
N ARG D 175 8.08 -18.09 -22.23
CA ARG D 175 8.09 -19.40 -21.53
C ARG D 175 9.38 -19.51 -20.68
N THR D 176 9.18 -19.70 -19.36
CA THR D 176 10.24 -20.00 -18.34
C THR D 176 9.62 -20.87 -17.23
N PRO D 177 10.41 -21.55 -16.37
CA PRO D 177 9.84 -22.40 -15.32
C PRO D 177 9.11 -21.65 -14.19
N TYR D 178 9.35 -20.34 -14.05
CA TYR D 178 8.96 -19.49 -12.91
C TYR D 178 7.59 -18.81 -13.13
N ARG D 179 7.02 -18.79 -14.33
CA ARG D 179 5.75 -18.08 -14.59
C ARG D 179 4.61 -18.73 -13.83
N THR D 180 3.76 -17.91 -13.24
CA THR D 180 2.57 -18.36 -12.45
C THR D 180 1.36 -17.48 -12.78
N LEU D 181 0.18 -18.01 -12.62
CA LEU D 181 -1.07 -17.22 -12.85
C LEU D 181 -1.38 -16.41 -11.59
N LEU D 182 -1.32 -15.07 -11.66
CA LEU D 182 -1.73 -14.12 -10.57
C LEU D 182 -3.24 -13.85 -10.60
N MET D 183 -3.87 -13.65 -9.45
CA MET D 183 -5.34 -13.34 -9.38
C MET D 183 -5.61 -12.28 -8.29
N ASN D 184 -6.38 -11.23 -8.62
CA ASN D 184 -6.79 -10.13 -7.70
C ASN D 184 -8.21 -9.67 -8.05
N GLU D 185 -8.92 -9.02 -7.14
CA GLU D 185 -10.17 -8.30 -7.49
C GLU D 185 -9.84 -7.14 -8.45
N LEU D 186 -10.75 -6.83 -9.37
CA LEU D 186 -10.48 -5.82 -10.43
C LEU D 186 -10.20 -4.45 -9.76
N GLY D 187 -9.09 -3.83 -10.09
CA GLY D 187 -8.77 -2.53 -9.51
C GLY D 187 -7.66 -2.58 -8.47
N VAL D 188 -7.43 -3.71 -7.82
CA VAL D 188 -6.32 -3.89 -6.83
C VAL D 188 -5.03 -4.24 -7.57
N PRO D 189 -3.99 -3.39 -7.58
CA PRO D 189 -2.77 -3.67 -8.33
C PRO D 189 -2.05 -4.94 -7.81
N PHE D 190 -1.19 -5.56 -8.62
CA PHE D 190 -0.48 -6.81 -8.21
C PHE D 190 0.71 -6.45 -7.28
N HIS D 191 0.40 -6.31 -5.98
CA HIS D 191 1.36 -6.09 -4.85
C HIS D 191 1.84 -7.44 -4.29
N LEU D 192 2.79 -7.45 -3.33
CA LEU D 192 3.38 -8.71 -2.77
C LEU D 192 2.34 -9.63 -2.09
N GLY D 193 1.19 -9.14 -1.68
CA GLY D 193 0.16 -10.02 -1.08
C GLY D 193 -0.71 -10.75 -2.09
N THR D 194 -0.44 -10.63 -3.39
CA THR D 194 -1.26 -11.26 -4.48
C THR D 194 -1.15 -12.79 -4.41
N LYS D 195 -2.25 -13.51 -4.63
CA LYS D 195 -2.26 -15.00 -4.75
C LYS D 195 -1.76 -15.54 -6.11
N GLN D 196 -0.84 -16.51 -6.13
CA GLN D 196 -0.46 -17.30 -7.32
C GLN D 196 -1.32 -18.56 -7.39
N VAL D 197 -2.24 -18.73 -8.36
CA VAL D 197 -3.18 -19.89 -8.33
C VAL D 197 -2.60 -21.16 -8.97
N CYS D 198 -1.59 -21.10 -9.85
CA CYS D 198 -0.99 -22.31 -10.49
C CYS D 198 0.32 -22.00 -11.20
N ILE D 199 1.11 -23.04 -11.55
CA ILE D 199 2.34 -22.82 -12.38
C ILE D 199 1.90 -22.78 -13.84
N ALA D 200 2.27 -21.74 -14.61
CA ALA D 200 1.72 -21.58 -15.98
C ALA D 200 2.53 -20.61 -16.83
N TRP D 201 2.82 -20.95 -18.10
CA TRP D 201 3.26 -19.93 -19.09
C TRP D 201 2.15 -19.69 -20.14
N SER D 202 1.00 -20.32 -20.01
CA SER D 202 -0.21 -20.05 -20.81
C SER D 202 -1.43 -20.46 -19.97
N SER D 203 -2.58 -19.80 -20.09
CA SER D 203 -3.74 -20.13 -19.23
C SER D 203 -5.10 -19.62 -19.71
N SER D 204 -6.12 -20.04 -19.01
CA SER D 204 -7.51 -19.62 -19.19
C SER D 204 -8.26 -19.89 -17.90
N SER D 205 -9.29 -19.12 -17.57
CA SER D 205 -10.06 -19.29 -16.31
C SER D 205 -11.54 -19.01 -16.57
N CYS D 206 -12.42 -19.57 -15.79
CA CYS D 206 -13.85 -19.19 -15.80
C CYS D 206 -14.54 -19.66 -14.53
N HIS D 207 -15.69 -19.07 -14.21
CA HIS D 207 -16.51 -19.43 -13.05
C HIS D 207 -17.82 -20.03 -13.54
N ASP D 208 -18.15 -21.25 -13.11
CA ASP D 208 -19.30 -22.01 -13.68
C ASP D 208 -20.62 -21.65 -12.98
N GLY D 209 -20.59 -20.76 -11.98
CA GLY D 209 -21.76 -20.44 -11.13
C GLY D 209 -21.65 -21.06 -9.75
N LYS D 210 -20.78 -22.06 -9.57
CA LYS D 210 -20.49 -22.71 -8.25
C LYS D 210 -19.02 -22.50 -7.85
N ALA D 211 -18.06 -22.61 -8.75
CA ALA D 211 -16.61 -22.45 -8.43
C ALA D 211 -15.74 -22.12 -9.66
N TRP D 212 -14.53 -21.67 -9.39
CA TRP D 212 -13.56 -21.35 -10.44
C TRP D 212 -12.95 -22.61 -11.06
N LEU D 213 -12.74 -22.58 -12.37
CA LEU D 213 -11.92 -23.53 -13.17
C LEU D 213 -10.71 -22.78 -13.68
N HIS D 214 -9.51 -23.31 -13.48
CA HIS D 214 -8.28 -22.75 -14.08
C HIS D 214 -7.62 -23.82 -14.96
N VAL D 215 -7.18 -23.44 -16.15
CA VAL D 215 -6.46 -24.33 -17.09
C VAL D 215 -5.06 -23.79 -17.18
N CYS D 216 -4.07 -24.58 -16.77
CA CYS D 216 -2.69 -24.08 -16.58
C CYS D 216 -1.71 -24.94 -17.39
N ILE D 217 -0.82 -24.33 -18.16
CA ILE D 217 0.08 -25.10 -19.06
C ILE D 217 1.53 -24.81 -18.68
N THR D 218 2.33 -25.86 -18.50
CA THR D 218 3.79 -25.69 -18.19
C THR D 218 4.60 -26.92 -18.63
N GLY D 219 5.91 -26.77 -18.65
CA GLY D 219 6.83 -27.86 -18.96
C GLY D 219 7.78 -27.55 -20.10
N ASP D 220 8.40 -28.58 -20.67
CA ASP D 220 9.31 -28.45 -21.84
C ASP D 220 8.51 -28.05 -23.10
N ASP D 221 9.13 -27.26 -24.00
CA ASP D 221 8.49 -26.82 -25.27
C ASP D 221 7.91 -28.01 -26.04
N LYS D 222 8.67 -29.11 -26.12
CA LYS D 222 8.29 -30.30 -26.92
C LYS D 222 7.61 -31.39 -26.09
N ASN D 223 7.34 -31.17 -24.80
CA ASN D 223 6.61 -32.17 -23.97
C ASN D 223 5.86 -31.50 -22.81
N ALA D 224 5.04 -30.50 -23.08
CA ALA D 224 4.30 -29.71 -22.06
C ALA D 224 3.08 -30.46 -21.52
N THR D 225 2.63 -30.06 -20.34
CA THR D 225 1.48 -30.62 -19.60
C THR D 225 0.41 -29.54 -19.38
N ALA D 226 -0.85 -29.90 -19.48
CA ALA D 226 -1.98 -29.02 -19.12
C ALA D 226 -2.67 -29.58 -17.88
N SER D 227 -2.75 -28.79 -16.80
CA SER D 227 -3.41 -29.15 -15.52
C SER D 227 -4.77 -28.46 -15.37
N PHE D 228 -5.79 -29.19 -14.99
CA PHE D 228 -7.17 -28.68 -14.79
C PHE D 228 -7.47 -28.61 -13.30
N ILE D 229 -7.57 -27.40 -12.78
CA ILE D 229 -7.74 -27.12 -11.32
C ILE D 229 -9.13 -26.55 -11.09
N TYR D 230 -9.93 -27.21 -10.29
CA TYR D 230 -11.34 -26.81 -10.06
C TYR D 230 -11.65 -26.87 -8.57
N ASN D 231 -12.31 -25.82 -8.07
CA ASN D 231 -12.64 -25.65 -6.63
C ASN D 231 -11.37 -25.83 -5.77
N GLY D 232 -10.24 -25.31 -6.22
CA GLY D 232 -9.03 -25.23 -5.39
C GLY D 232 -8.11 -26.43 -5.50
N ARG D 233 -8.47 -27.48 -6.25
CA ARG D 233 -7.67 -28.74 -6.28
C ARG D 233 -7.52 -29.30 -7.69
N LEU D 234 -6.40 -29.97 -7.97
CA LEU D 234 -6.12 -30.54 -9.31
C LEU D 234 -7.04 -31.75 -9.56
N VAL D 235 -7.80 -31.75 -10.65
CA VAL D 235 -8.82 -32.79 -10.97
C VAL D 235 -8.43 -33.62 -12.19
N ASP D 236 -7.61 -33.10 -13.10
CA ASP D 236 -7.31 -33.78 -14.39
C ASP D 236 -6.06 -33.20 -15.06
N SER D 237 -5.48 -33.91 -16.03
CA SER D 237 -4.30 -33.43 -16.79
C SER D 237 -4.17 -34.14 -18.14
N VAL D 238 -3.53 -33.46 -19.11
CA VAL D 238 -3.33 -33.99 -20.48
C VAL D 238 -1.99 -33.49 -21.01
N VAL D 239 -1.40 -34.21 -21.97
CA VAL D 239 -0.03 -33.92 -22.49
C VAL D 239 -0.10 -33.48 -23.95
N SER D 240 0.87 -32.65 -24.36
CA SER D 240 1.07 -32.15 -25.75
C SER D 240 0.89 -33.27 -26.77
N TRP D 241 -0.08 -33.17 -27.69
CA TRP D 241 -0.40 -34.21 -28.71
C TRP D 241 0.44 -34.07 -29.98
N SER D 242 0.99 -32.89 -30.28
CA SER D 242 1.82 -32.68 -31.49
C SER D 242 3.26 -32.31 -31.14
N LYS D 243 3.62 -32.30 -29.86
CA LYS D 243 5.00 -32.06 -29.34
C LYS D 243 5.59 -30.74 -29.85
N GLU D 244 4.79 -29.66 -29.93
CA GLU D 244 5.32 -28.35 -30.42
C GLU D 244 4.53 -27.17 -29.81
N ILE D 245 4.82 -26.87 -28.55
CA ILE D 245 4.29 -25.72 -27.75
C ILE D 245 2.76 -25.76 -27.64
N LEU D 246 2.26 -26.62 -26.77
CA LEU D 246 0.80 -26.68 -26.45
C LEU D 246 0.41 -25.31 -25.90
N ARG D 247 -0.74 -24.74 -26.32
CA ARG D 247 -1.15 -23.37 -25.91
C ARG D 247 -2.67 -23.19 -25.88
N THR D 248 -3.15 -22.16 -25.18
CA THR D 248 -4.61 -21.88 -25.03
C THR D 248 -4.94 -20.37 -25.15
N GLN D 249 -6.14 -19.98 -24.72
CA GLN D 249 -6.84 -18.69 -25.05
C GLN D 249 -6.23 -17.39 -24.48
N GLU D 250 -5.42 -17.41 -23.40
CA GLU D 250 -4.94 -16.19 -22.69
C GLU D 250 -6.12 -15.25 -22.34
N SER D 251 -7.28 -15.82 -22.03
CA SER D 251 -8.54 -15.08 -21.79
C SER D 251 -9.59 -16.03 -21.21
N GLU D 252 -10.75 -15.53 -20.79
CA GLU D 252 -11.69 -16.41 -20.07
C GLU D 252 -12.29 -17.50 -20.97
N CYS D 253 -12.54 -18.66 -20.38
CA CYS D 253 -13.33 -19.76 -20.98
C CYS D 253 -14.83 -19.45 -20.79
N VAL D 254 -15.73 -20.28 -21.31
CA VAL D 254 -17.19 -20.05 -21.18
C VAL D 254 -17.85 -21.33 -20.70
N CYS D 255 -18.81 -21.23 -19.77
CA CYS D 255 -19.49 -22.40 -19.18
C CYS D 255 -21.01 -22.24 -19.30
N ILE D 256 -21.71 -23.28 -19.77
CA ILE D 256 -23.20 -23.31 -19.79
C ILE D 256 -23.66 -24.61 -19.13
N ASN D 257 -24.61 -24.53 -18.18
CA ASN D 257 -25.17 -25.69 -17.43
C ASN D 257 -24.04 -26.57 -16.84
N GLY D 258 -22.95 -25.96 -16.38
CA GLY D 258 -21.86 -26.69 -15.73
C GLY D 258 -20.81 -27.22 -16.68
N THR D 259 -21.05 -27.23 -17.99
CA THR D 259 -20.05 -27.71 -18.99
C THR D 259 -19.25 -26.52 -19.50
N CYS D 260 -17.98 -26.47 -19.19
CA CYS D 260 -17.07 -25.41 -19.65
C CYS D 260 -16.40 -25.84 -20.95
N THR D 261 -16.00 -24.88 -21.79
CA THR D 261 -15.30 -25.19 -23.06
C THR D 261 -14.06 -24.36 -23.20
N VAL D 262 -13.03 -24.96 -23.77
CA VAL D 262 -11.74 -24.27 -23.95
C VAL D 262 -11.12 -24.71 -25.28
N VAL D 263 -10.48 -23.78 -25.97
CA VAL D 263 -9.81 -24.03 -27.27
C VAL D 263 -8.33 -24.20 -26.99
N MET D 264 -7.74 -25.26 -27.55
CA MET D 264 -6.29 -25.55 -27.36
C MET D 264 -5.65 -25.90 -28.69
N THR D 265 -4.41 -25.47 -28.89
CA THR D 265 -3.67 -25.67 -30.16
C THR D 265 -2.29 -26.24 -29.85
N ASP D 266 -1.78 -27.09 -30.74
CA ASP D 266 -0.41 -27.63 -30.71
C ASP D 266 0.12 -27.62 -32.14
N GLY D 267 1.41 -27.42 -32.35
CA GLY D 267 1.99 -27.38 -33.71
C GLY D 267 2.45 -26.00 -34.17
N SER D 268 2.77 -25.90 -35.47
CA SER D 268 3.43 -24.72 -36.11
C SER D 268 2.57 -23.43 -36.08
N ALA D 269 3.24 -22.29 -35.99
CA ALA D 269 2.62 -20.95 -36.09
C ALA D 269 2.57 -20.44 -37.55
N SER D 270 3.36 -21.02 -38.46
CA SER D 270 3.50 -20.58 -39.88
C SER D 270 3.15 -21.74 -40.86
N GLY D 271 2.21 -22.60 -40.46
CA GLY D 271 1.76 -23.77 -41.23
C GLY D 271 0.60 -24.45 -40.55
N LYS D 272 0.15 -25.60 -41.07
CA LYS D 272 -1.00 -26.34 -40.50
C LYS D 272 -0.70 -26.75 -39.04
N ALA D 273 -1.68 -26.63 -38.16
CA ALA D 273 -1.55 -26.95 -36.72
C ALA D 273 -2.76 -27.78 -36.24
N ASP D 274 -2.63 -28.45 -35.10
CA ASP D 274 -3.70 -29.31 -34.53
C ASP D 274 -4.48 -28.55 -33.45
N THR D 275 -5.72 -28.21 -33.73
CA THR D 275 -6.58 -27.44 -32.81
C THR D 275 -7.71 -28.32 -32.31
N LYS D 276 -7.92 -28.36 -31.01
CA LYS D 276 -8.99 -29.18 -30.38
C LYS D 276 -9.82 -28.33 -29.42
N ILE D 277 -11.06 -28.72 -29.24
CA ILE D 277 -12.01 -28.06 -28.31
C ILE D 277 -12.30 -29.11 -27.24
N LEU D 278 -11.98 -28.77 -25.99
CA LEU D 278 -12.16 -29.68 -24.83
C LEU D 278 -13.40 -29.27 -24.06
N PHE D 279 -14.22 -30.23 -23.71
CA PHE D 279 -15.44 -30.04 -22.90
C PHE D 279 -15.12 -30.55 -21.49
N ILE D 280 -15.33 -29.71 -20.49
CA ILE D 280 -14.92 -29.97 -19.07
C ILE D 280 -16.11 -29.84 -18.12
N GLU D 281 -16.23 -30.77 -17.17
CA GLU D 281 -17.30 -30.74 -16.12
C GLU D 281 -16.65 -30.92 -14.76
N GLU D 282 -16.70 -29.88 -13.91
CA GLU D 282 -16.11 -29.84 -12.55
C GLU D 282 -14.63 -30.26 -12.59
N GLY D 283 -13.91 -29.81 -13.62
CA GLY D 283 -12.47 -30.07 -13.81
C GLY D 283 -12.15 -31.34 -14.58
N LYS D 284 -13.08 -32.29 -14.71
CA LYS D 284 -12.91 -33.58 -15.45
C LYS D 284 -13.10 -33.36 -16.97
N ILE D 285 -12.16 -33.78 -17.82
CA ILE D 285 -12.34 -33.71 -19.30
C ILE D 285 -13.38 -34.77 -19.71
N VAL D 286 -14.51 -34.38 -20.30
CA VAL D 286 -15.62 -35.32 -20.64
C VAL D 286 -15.70 -35.62 -22.14
N HIS D 287 -15.19 -34.73 -23.00
CA HIS D 287 -15.24 -34.90 -24.48
C HIS D 287 -14.17 -34.06 -25.17
N THR D 288 -13.79 -34.44 -26.38
CA THR D 288 -12.87 -33.63 -27.21
C THR D 288 -13.30 -33.69 -28.68
N SER D 289 -13.33 -32.52 -29.34
CA SER D 289 -13.65 -32.37 -30.78
C SER D 289 -12.48 -31.73 -31.50
N THR D 290 -12.13 -32.22 -32.69
CA THR D 290 -11.08 -31.58 -33.53
C THR D 290 -11.71 -30.42 -34.33
N LEU D 291 -10.94 -29.37 -34.61
CA LEU D 291 -11.42 -28.20 -35.39
C LEU D 291 -11.96 -28.65 -36.76
N SER D 292 -13.05 -28.05 -37.19
CA SER D 292 -13.77 -28.37 -38.46
C SER D 292 -14.24 -27.07 -39.15
N GLY D 293 -14.56 -27.14 -40.44
CA GLY D 293 -14.94 -25.97 -41.28
C GLY D 293 -13.75 -25.37 -42.01
N SER D 294 -13.86 -24.12 -42.47
CA SER D 294 -12.87 -23.48 -43.38
C SER D 294 -11.79 -22.67 -42.66
N ALA D 295 -11.80 -22.51 -41.33
CA ALA D 295 -10.70 -21.82 -40.62
C ALA D 295 -9.40 -22.62 -40.79
N GLN D 296 -8.32 -21.98 -41.21
CA GLN D 296 -7.05 -22.69 -41.50
C GLN D 296 -5.99 -22.54 -40.39
N HIS D 297 -6.11 -21.55 -39.52
CA HIS D 297 -5.19 -21.32 -38.39
C HIS D 297 -5.99 -20.72 -37.23
N VAL D 298 -5.81 -21.17 -36.01
CA VAL D 298 -6.63 -20.72 -34.84
C VAL D 298 -5.74 -20.61 -33.60
N GLU D 299 -5.49 -19.38 -33.16
CA GLU D 299 -4.65 -19.01 -31.99
C GLU D 299 -5.41 -18.02 -31.09
N GLU D 300 -5.17 -18.05 -29.79
CA GLU D 300 -5.56 -17.00 -28.80
C GLU D 300 -7.04 -16.58 -28.91
N CYS D 301 -7.95 -17.50 -29.10
CA CYS D 301 -9.38 -17.13 -29.23
C CYS D 301 -9.92 -16.30 -28.06
N SER D 302 -10.84 -15.39 -28.39
CA SER D 302 -11.67 -14.59 -27.46
C SER D 302 -13.08 -15.12 -27.60
N CYS D 303 -13.71 -15.60 -26.53
CA CYS D 303 -15.02 -16.29 -26.64
C CYS D 303 -16.12 -15.61 -25.84
N TYR D 304 -17.36 -15.73 -26.29
CA TYR D 304 -18.52 -15.14 -25.58
C TYR D 304 -19.74 -16.03 -25.68
N PRO D 305 -20.57 -16.10 -24.61
CA PRO D 305 -21.77 -16.92 -24.61
C PRO D 305 -22.80 -16.32 -25.56
N ARG D 306 -23.42 -17.20 -26.33
CA ARG D 306 -24.41 -16.89 -27.38
C ARG D 306 -25.45 -18.01 -27.35
N TYR D 307 -26.16 -18.07 -26.25
CA TYR D 307 -27.08 -19.18 -25.88
C TYR D 307 -27.95 -19.56 -27.08
N PRO D 308 -28.17 -20.86 -27.40
CA PRO D 308 -27.66 -22.02 -26.67
C PRO D 308 -26.20 -22.43 -26.87
N GLY D 309 -25.45 -21.74 -27.72
CA GLY D 309 -24.04 -22.10 -27.97
C GLY D 309 -23.01 -21.10 -27.48
N VAL D 310 -21.78 -21.26 -27.95
CA VAL D 310 -20.63 -20.38 -27.65
C VAL D 310 -20.01 -19.96 -28.99
N ARG D 311 -19.52 -18.72 -29.07
CA ARG D 311 -18.89 -18.18 -30.30
C ARG D 311 -17.54 -17.60 -29.95
N CYS D 312 -16.56 -17.78 -30.83
CA CYS D 312 -15.15 -17.36 -30.58
C CYS D 312 -14.57 -16.66 -31.80
N VAL D 313 -13.83 -15.58 -31.60
CA VAL D 313 -13.12 -14.85 -32.68
C VAL D 313 -11.64 -14.92 -32.34
N CYS D 314 -10.78 -15.23 -33.31
CA CYS D 314 -9.40 -15.73 -33.02
C CYS D 314 -8.34 -15.02 -33.86
N ARG D 315 -7.08 -15.43 -33.71
CA ARG D 315 -5.88 -14.87 -34.38
C ARG D 315 -5.43 -15.91 -35.43
N ASP D 316 -5.10 -15.46 -36.64
CA ASP D 316 -4.56 -16.30 -37.74
C ASP D 316 -3.17 -15.80 -38.03
N ASN D 317 -2.14 -16.53 -37.58
CA ASN D 317 -0.72 -16.13 -37.73
C ASN D 317 -0.17 -16.53 -39.08
N TRP D 318 -0.91 -17.28 -39.89
CA TRP D 318 -0.40 -17.96 -41.12
C TRP D 318 -0.74 -17.17 -42.40
N LYS D 319 -2.02 -16.92 -42.70
CA LYS D 319 -2.44 -16.35 -44.01
C LYS D 319 -3.51 -15.25 -43.95
N GLY D 320 -4.39 -15.22 -42.94
CA GLY D 320 -5.46 -14.20 -42.84
C GLY D 320 -5.05 -12.93 -42.10
N SER D 321 -5.44 -11.75 -42.58
CA SER D 321 -5.48 -10.51 -41.77
C SER D 321 -6.95 -10.23 -41.38
N ASN D 322 -7.88 -10.96 -41.98
CA ASN D 322 -9.27 -11.10 -41.50
C ASN D 322 -9.26 -12.11 -40.33
N ARG D 323 -10.17 -12.02 -39.36
CA ARG D 323 -10.16 -12.92 -38.17
C ARG D 323 -10.99 -14.16 -38.40
N PRO D 324 -10.53 -15.37 -37.98
CA PRO D 324 -11.37 -16.58 -38.00
C PRO D 324 -12.47 -16.54 -36.95
N ILE D 325 -13.55 -17.24 -37.22
CA ILE D 325 -14.70 -17.42 -36.28
C ILE D 325 -14.84 -18.93 -36.03
N VAL D 326 -15.15 -19.32 -34.81
CA VAL D 326 -15.48 -20.73 -34.45
C VAL D 326 -16.80 -20.72 -33.70
N ASP D 327 -17.76 -21.53 -34.13
CA ASP D 327 -19.01 -21.76 -33.39
C ASP D 327 -18.96 -23.15 -32.74
N ILE D 328 -19.33 -23.22 -31.46
CA ILE D 328 -19.26 -24.46 -30.65
C ILE D 328 -20.65 -24.82 -30.17
N ASN D 329 -21.07 -26.06 -30.38
CA ASN D 329 -22.37 -26.58 -29.91
C ASN D 329 -22.15 -27.34 -28.58
N ILE D 330 -22.80 -26.93 -27.50
CA ILE D 330 -22.60 -27.55 -26.15
C ILE D 330 -23.42 -28.86 -26.02
N LYS D 331 -24.51 -29.03 -26.75
CA LYS D 331 -25.41 -30.21 -26.60
C LYS D 331 -24.91 -31.43 -27.37
N ASP D 332 -24.17 -31.27 -28.47
CA ASP D 332 -23.73 -32.41 -29.31
C ASP D 332 -22.22 -32.33 -29.64
N HIS D 333 -21.49 -31.39 -29.07
CA HIS D 333 -20.02 -31.20 -29.20
C HIS D 333 -19.59 -30.92 -30.64
N SER D 334 -20.50 -30.59 -31.58
CA SER D 334 -20.15 -30.27 -32.98
C SER D 334 -19.48 -28.89 -33.10
N ILE D 335 -18.63 -28.75 -34.11
CA ILE D 335 -17.81 -27.53 -34.36
C ILE D 335 -17.98 -27.09 -35.83
N VAL D 336 -18.05 -25.79 -36.08
CA VAL D 336 -18.01 -25.19 -37.46
C VAL D 336 -17.18 -23.91 -37.43
N SER D 337 -16.64 -23.49 -38.57
CA SER D 337 -15.76 -22.29 -38.60
C SER D 337 -15.82 -21.55 -39.93
N SER D 338 -15.38 -20.29 -39.92
CA SER D 338 -15.44 -19.34 -41.06
C SER D 338 -14.56 -18.12 -40.75
N TYR D 339 -14.73 -17.00 -41.47
CA TYR D 339 -13.99 -15.75 -41.22
C TYR D 339 -14.96 -14.55 -41.09
N VAL D 340 -14.52 -13.48 -40.44
CA VAL D 340 -15.27 -12.19 -40.31
C VAL D 340 -15.35 -11.54 -41.70
N CYS D 341 -16.58 -11.36 -42.19
CA CYS D 341 -16.86 -10.84 -43.55
C CYS D 341 -16.36 -9.40 -43.77
N SER D 342 -16.51 -8.49 -42.81
CA SER D 342 -16.18 -7.03 -42.89
C SER D 342 -14.98 -6.68 -43.79
N GLY D 343 -15.13 -5.70 -44.66
CA GLY D 343 -14.02 -5.19 -45.51
C GLY D 343 -12.97 -4.44 -44.70
N LEU D 344 -13.38 -3.93 -43.54
CA LEU D 344 -12.48 -3.34 -42.53
C LEU D 344 -12.00 -4.50 -41.64
N VAL D 345 -10.73 -4.88 -41.76
CA VAL D 345 -10.19 -6.09 -41.07
C VAL D 345 -9.55 -5.71 -39.72
N GLY D 346 -9.55 -6.67 -38.77
CA GLY D 346 -9.18 -6.48 -37.35
C GLY D 346 -7.75 -6.89 -36.95
N ASP D 347 -6.96 -7.57 -37.78
CA ASP D 347 -5.62 -8.06 -37.38
C ASP D 347 -4.53 -7.00 -37.61
N THR D 348 -3.34 -7.23 -37.08
CA THR D 348 -2.17 -6.33 -37.24
C THR D 348 -0.94 -7.20 -37.41
N PRO D 349 -0.13 -7.06 -38.50
CA PRO D 349 -0.31 -6.09 -39.58
C PRO D 349 -1.50 -6.39 -40.50
N ARG D 350 -1.87 -5.38 -41.30
CA ARG D 350 -2.97 -5.44 -42.31
C ARG D 350 -2.72 -4.35 -43.37
N LYS D 351 -3.46 -4.40 -44.50
CA LYS D 351 -3.44 -3.31 -45.52
C LYS D 351 -4.36 -2.18 -45.04
N ASN D 352 -4.13 -0.95 -45.54
CA ASN D 352 -4.95 0.23 -45.16
C ASN D 352 -6.41 0.08 -45.63
N ASP D 353 -7.32 0.84 -45.03
CA ASP D 353 -8.79 0.70 -45.30
C ASP D 353 -9.12 1.04 -46.76
N SER D 354 -8.29 1.85 -47.42
CA SER D 354 -8.42 2.22 -48.86
C SER D 354 -8.19 1.03 -49.79
N SER D 355 -7.51 -0.04 -49.36
CA SER D 355 -7.10 -1.17 -50.23
C SER D 355 -7.37 -2.57 -49.63
N SER D 356 -7.67 -2.69 -48.34
CA SER D 356 -7.98 -3.99 -47.68
C SER D 356 -9.22 -4.66 -48.26
N SER D 357 -9.30 -5.98 -48.18
CA SER D 357 -10.48 -6.80 -48.57
C SER D 357 -10.63 -8.00 -47.65
N SER D 358 -11.76 -8.70 -47.74
CA SER D 358 -12.04 -9.89 -46.91
C SER D 358 -12.89 -10.90 -47.66
N HIS D 359 -13.03 -12.09 -47.11
CA HIS D 359 -13.84 -13.22 -47.62
C HIS D 359 -14.53 -13.85 -46.42
N CYS D 360 -15.77 -14.32 -46.56
CA CYS D 360 -16.53 -14.93 -45.43
C CYS D 360 -16.02 -16.34 -45.09
N LEU D 361 -15.32 -17.02 -46.00
CA LEU D 361 -14.90 -18.44 -45.81
C LEU D 361 -13.37 -18.62 -45.77
N ASP D 362 -12.58 -17.78 -46.45
CA ASP D 362 -11.11 -18.03 -46.64
C ASP D 362 -10.26 -16.90 -46.07
N PRO D 363 -8.98 -17.18 -45.73
CA PRO D 363 -8.05 -16.11 -45.37
C PRO D 363 -7.89 -15.17 -46.57
N ASN D 364 -7.91 -13.87 -46.32
CA ASN D 364 -7.84 -12.84 -47.37
C ASN D 364 -6.46 -12.81 -48.07
N ASN D 365 -5.42 -13.45 -47.53
CA ASN D 365 -4.04 -13.49 -48.10
C ASN D 365 -3.43 -12.08 -48.24
N GLU D 366 -3.85 -11.11 -47.45
CA GLU D 366 -3.27 -9.73 -47.45
C GLU D 366 -2.48 -9.55 -46.16
N GLU D 367 -1.16 -9.34 -46.20
CA GLU D 367 -0.32 -9.18 -44.96
C GLU D 367 -0.67 -10.27 -43.92
N GLY D 368 -0.85 -11.52 -44.35
CA GLY D 368 -1.44 -12.62 -43.56
C GLY D 368 -0.57 -13.03 -42.38
N GLY D 369 0.75 -13.12 -42.57
CA GLY D 369 1.70 -13.60 -41.55
C GLY D 369 1.70 -12.75 -40.30
N HIS D 370 1.86 -13.38 -39.12
CA HIS D 370 1.85 -12.71 -37.79
C HIS D 370 0.44 -12.17 -37.49
N GLY D 371 0.28 -11.56 -36.31
CA GLY D 371 -1.03 -11.05 -35.86
C GLY D 371 -1.03 -10.55 -34.43
N VAL D 372 -2.22 -10.29 -33.90
CA VAL D 372 -2.39 -9.87 -32.47
C VAL D 372 -3.73 -10.33 -31.94
N LYS D 373 -3.83 -10.65 -30.65
CA LYS D 373 -5.07 -11.16 -30.04
C LYS D 373 -6.10 -10.01 -30.07
N GLY D 374 -7.33 -10.30 -30.50
CA GLY D 374 -8.38 -9.25 -30.56
C GLY D 374 -9.76 -9.80 -30.35
N TRP D 375 -10.79 -9.05 -30.73
CA TRP D 375 -12.20 -9.45 -30.49
C TRP D 375 -13.11 -8.77 -31.54
N ALA D 376 -14.32 -9.32 -31.69
CA ALA D 376 -15.44 -8.74 -32.49
C ALA D 376 -16.72 -9.40 -32.04
N PHE D 377 -17.88 -8.78 -32.18
CA PHE D 377 -19.14 -9.51 -31.87
C PHE D 377 -20.28 -9.07 -32.80
N ASP D 378 -21.23 -9.98 -32.98
CA ASP D 378 -22.38 -9.75 -33.88
C ASP D 378 -23.47 -8.91 -33.18
N ASP D 379 -24.13 -8.08 -33.98
CA ASP D 379 -25.27 -7.23 -33.58
C ASP D 379 -26.25 -7.23 -34.76
N GLY D 380 -27.04 -8.30 -34.90
CA GLY D 380 -27.82 -8.58 -36.13
C GLY D 380 -26.87 -8.78 -37.31
N ASN D 381 -26.99 -8.00 -38.38
CA ASN D 381 -26.05 -8.07 -39.53
C ASN D 381 -24.83 -7.19 -39.30
N ASP D 382 -24.85 -6.31 -38.30
CA ASP D 382 -23.70 -5.40 -38.03
C ASP D 382 -22.65 -6.10 -37.17
N VAL D 383 -21.44 -5.56 -37.15
CA VAL D 383 -20.37 -6.09 -36.27
C VAL D 383 -19.72 -4.94 -35.48
N TRP D 384 -19.55 -5.15 -34.19
CA TRP D 384 -18.74 -4.27 -33.31
C TRP D 384 -17.35 -4.86 -33.21
N MET D 385 -16.32 -4.05 -33.30
CA MET D 385 -14.94 -4.59 -33.20
C MET D 385 -13.94 -3.52 -32.74
N GLY D 386 -12.78 -3.96 -32.25
CA GLY D 386 -11.71 -3.05 -31.85
C GLY D 386 -10.40 -3.43 -32.54
N ARG D 387 -9.51 -2.46 -32.75
CA ARG D 387 -8.21 -2.72 -33.40
C ARG D 387 -7.17 -1.64 -33.10
N THR D 388 -5.90 -1.92 -33.36
CA THR D 388 -4.84 -0.90 -33.22
C THR D 388 -5.11 0.21 -34.24
N ILE D 389 -4.83 1.47 -33.89
CA ILE D 389 -5.07 2.59 -34.83
C ILE D 389 -4.06 2.49 -35.98
N ASN D 390 -2.82 2.18 -35.67
CA ASN D 390 -1.75 2.00 -36.68
C ASN D 390 -1.92 0.62 -37.34
N GLU D 391 -1.55 0.49 -38.62
CA GLU D 391 -1.77 -0.75 -39.43
C GLU D 391 -0.58 -1.73 -39.34
N THR D 392 0.61 -1.30 -38.92
CA THR D 392 1.84 -2.15 -38.97
C THR D 392 2.59 -2.20 -37.63
N SER D 393 2.00 -1.70 -36.55
CA SER D 393 2.58 -1.73 -35.18
C SER D 393 1.47 -1.63 -34.13
N ARG D 394 1.72 -2.04 -32.90
CA ARG D 394 0.69 -2.06 -31.82
C ARG D 394 0.63 -0.67 -31.15
N LEU D 395 0.25 0.35 -31.92
CA LEU D 395 0.10 1.75 -31.41
C LEU D 395 -1.39 2.18 -31.50
N GLY D 396 -1.85 2.86 -30.46
CA GLY D 396 -3.23 3.33 -30.34
C GLY D 396 -4.25 2.21 -30.27
N TYR D 397 -5.48 2.57 -30.08
CA TYR D 397 -6.60 1.61 -30.07
C TYR D 397 -7.92 2.33 -30.34
N GLU D 398 -8.72 1.77 -31.23
CA GLU D 398 -10.03 2.34 -31.64
C GLU D 398 -11.10 1.26 -31.66
N THR D 399 -12.36 1.63 -31.51
CA THR D 399 -13.50 0.72 -31.70
C THR D 399 -14.53 1.38 -32.63
N PHE D 400 -15.35 0.58 -33.32
CA PHE D 400 -16.43 1.08 -34.19
C PHE D 400 -17.42 0.02 -34.57
N LYS D 401 -18.55 0.43 -35.14
CA LYS D 401 -19.56 -0.50 -35.70
C LYS D 401 -19.43 -0.47 -37.23
N VAL D 402 -19.49 -1.63 -37.89
CA VAL D 402 -19.52 -1.70 -39.38
C VAL D 402 -20.91 -2.19 -39.80
N ILE D 403 -21.57 -1.43 -40.64
CA ILE D 403 -22.97 -1.74 -41.10
C ILE D 403 -22.91 -2.98 -42.01
N GLU D 404 -23.73 -4.00 -41.73
CA GLU D 404 -23.75 -5.31 -42.44
C GLU D 404 -22.38 -6.03 -42.40
N GLY D 405 -21.39 -5.62 -41.59
CA GLY D 405 -20.05 -6.22 -41.62
C GLY D 405 -20.01 -7.67 -41.14
N TRP D 406 -21.08 -8.21 -40.56
CA TRP D 406 -21.12 -9.65 -40.17
C TRP D 406 -21.57 -10.54 -41.32
N SER D 407 -22.23 -10.02 -42.36
CA SER D 407 -22.79 -10.84 -43.47
C SER D 407 -22.39 -10.37 -44.88
N ASN D 408 -21.98 -9.12 -45.07
CA ASN D 408 -21.64 -8.56 -46.40
C ASN D 408 -20.13 -8.37 -46.47
N PRO D 409 -19.40 -9.14 -47.32
CA PRO D 409 -17.94 -9.06 -47.38
C PRO D 409 -17.36 -7.80 -48.07
N LYS D 410 -18.23 -6.98 -48.68
CA LYS D 410 -17.79 -5.77 -49.43
C LYS D 410 -18.03 -4.48 -48.63
N SER D 411 -18.73 -4.56 -47.48
CA SER D 411 -19.08 -3.37 -46.66
C SER D 411 -17.86 -2.71 -46.01
N LYS D 412 -17.78 -1.38 -46.11
CA LYS D 412 -16.77 -0.52 -45.40
C LYS D 412 -17.44 0.70 -44.76
N LEU D 413 -18.73 0.57 -44.44
CA LEU D 413 -19.55 1.68 -43.90
C LEU D 413 -19.46 1.66 -42.37
N GLN D 414 -18.57 2.48 -41.78
CA GLN D 414 -18.42 2.50 -40.29
C GLN D 414 -19.16 3.68 -39.65
N ILE D 415 -19.50 3.52 -38.36
CA ILE D 415 -20.19 4.55 -37.52
C ILE D 415 -19.81 4.35 -36.04
N ASN D 416 -20.04 5.35 -35.21
CA ASN D 416 -19.84 5.27 -33.73
C ASN D 416 -18.37 4.97 -33.37
N ARG D 417 -17.41 5.51 -34.10
CA ARG D 417 -15.99 5.38 -33.71
C ARG D 417 -15.74 5.99 -32.32
N GLN D 418 -14.91 5.31 -31.50
CA GLN D 418 -14.30 5.87 -30.25
C GLN D 418 -12.79 5.61 -30.25
N VAL D 419 -11.96 6.60 -29.98
CA VAL D 419 -10.54 6.38 -29.59
C VAL D 419 -10.45 6.00 -28.10
N ILE D 420 -9.75 4.92 -27.78
CA ILE D 420 -9.53 4.48 -26.37
C ILE D 420 -8.12 4.89 -25.96
N VAL D 421 -7.15 4.67 -26.83
CA VAL D 421 -5.74 5.08 -26.63
C VAL D 421 -5.34 5.79 -27.92
N ASP D 422 -4.74 6.97 -27.84
CA ASP D 422 -4.40 7.72 -29.07
C ASP D 422 -3.20 7.10 -29.79
N ARG D 423 -3.04 7.42 -31.08
CA ARG D 423 -2.02 6.83 -31.99
C ARG D 423 -0.57 7.02 -31.52
N GLY D 424 -0.26 7.86 -30.54
CA GLY D 424 1.13 8.05 -30.08
C GLY D 424 1.51 7.13 -28.91
N ASN D 425 0.56 6.37 -28.39
CA ASN D 425 0.74 5.53 -27.16
C ASN D 425 0.61 4.03 -27.48
N ARG D 426 1.42 3.20 -26.82
CA ARG D 426 1.50 1.73 -27.05
C ARG D 426 0.23 1.01 -26.56
N SER D 427 -0.16 -0.04 -27.28
CA SER D 427 -1.24 -0.96 -26.88
C SER D 427 -0.70 -2.40 -26.83
N GLY D 428 -1.53 -3.41 -27.10
CA GLY D 428 -1.15 -4.82 -26.97
C GLY D 428 -2.35 -5.72 -27.14
N TYR D 429 -2.41 -6.83 -26.43
CA TYR D 429 -3.54 -7.76 -26.54
C TYR D 429 -4.83 -7.10 -26.06
N SER D 430 -5.97 -7.59 -26.51
CA SER D 430 -7.30 -7.11 -26.06
C SER D 430 -8.30 -8.26 -26.14
N GLY D 431 -9.37 -8.23 -25.35
CA GLY D 431 -10.31 -9.36 -25.34
C GLY D 431 -11.63 -9.05 -24.72
N ILE D 432 -12.64 -9.80 -25.08
CA ILE D 432 -14.03 -9.52 -24.62
C ILE D 432 -14.29 -10.29 -23.31
N PHE D 433 -15.21 -9.79 -22.49
CA PHE D 433 -15.85 -10.56 -21.38
C PHE D 433 -17.30 -10.14 -21.26
N SER D 434 -18.11 -11.00 -20.71
CA SER D 434 -19.57 -10.81 -20.62
C SER D 434 -19.99 -10.69 -19.17
N VAL D 435 -20.96 -9.82 -18.91
CA VAL D 435 -21.46 -9.53 -17.55
C VAL D 435 -22.97 -9.65 -17.59
N GLU D 436 -23.56 -10.35 -16.63
CA GLU D 436 -25.03 -10.52 -16.60
C GLU D 436 -25.68 -9.34 -15.85
N GLY D 437 -26.63 -8.67 -16.50
CA GLY D 437 -27.45 -7.61 -15.90
C GLY D 437 -28.81 -8.11 -15.42
N LYS D 438 -29.67 -7.18 -15.01
CA LYS D 438 -31.01 -7.48 -14.45
C LYS D 438 -31.91 -8.08 -15.53
N SER D 439 -31.73 -7.74 -16.80
CA SER D 439 -32.61 -8.23 -17.91
C SER D 439 -31.86 -8.55 -19.22
N CYS D 440 -30.54 -8.36 -19.31
CA CYS D 440 -29.78 -8.61 -20.56
C CYS D 440 -28.29 -8.90 -20.27
N ILE D 441 -27.59 -9.49 -21.22
CA ILE D 441 -26.12 -9.78 -21.11
C ILE D 441 -25.37 -8.63 -21.76
N ASN D 442 -24.48 -7.99 -21.02
CA ASN D 442 -23.63 -6.89 -21.57
C ASN D 442 -22.27 -7.43 -22.03
N ARG D 443 -21.62 -6.75 -22.96
CA ARG D 443 -20.28 -7.07 -23.47
C ARG D 443 -19.33 -5.95 -23.05
N CYS D 444 -18.15 -6.32 -22.58
CA CYS D 444 -17.12 -5.39 -22.03
C CYS D 444 -15.78 -5.84 -22.61
N PHE D 445 -14.77 -5.00 -22.59
CA PHE D 445 -13.48 -5.41 -23.14
C PHE D 445 -12.33 -4.78 -22.34
N TYR D 446 -11.12 -5.32 -22.50
CA TYR D 446 -9.92 -4.84 -21.80
C TYR D 446 -8.81 -4.61 -22.82
N VAL D 447 -7.81 -3.80 -22.50
CA VAL D 447 -6.67 -3.56 -23.42
C VAL D 447 -5.37 -3.62 -22.61
N GLU D 448 -4.40 -4.39 -23.08
CA GLU D 448 -3.08 -4.51 -22.44
C GLU D 448 -2.25 -3.32 -22.90
N LEU D 449 -1.61 -2.62 -21.98
CA LEU D 449 -0.78 -1.43 -22.31
C LEU D 449 0.68 -1.81 -22.05
N ILE D 450 1.35 -2.35 -23.04
CA ILE D 450 2.75 -2.89 -22.90
C ILE D 450 3.75 -1.74 -22.85
N ARG D 451 4.76 -1.82 -21.99
CA ARG D 451 5.87 -0.84 -21.89
C ARG D 451 7.23 -1.56 -21.75
N GLY D 452 8.32 -0.87 -22.09
CA GLY D 452 9.70 -1.38 -21.95
C GLY D 452 10.24 -2.11 -23.17
N ARG D 453 11.21 -3.00 -22.97
CA ARG D 453 11.91 -3.78 -24.04
C ARG D 453 10.90 -4.59 -24.88
N LYS D 454 11.14 -4.75 -26.20
CA LYS D 454 12.36 -4.44 -26.94
C LYS D 454 12.36 -3.02 -27.57
N GLU D 455 11.20 -2.36 -27.68
CA GLU D 455 11.03 -1.04 -28.34
C GLU D 455 11.64 0.08 -27.47
N GLU D 456 11.32 0.07 -26.18
CA GLU D 456 11.74 1.15 -25.24
C GLU D 456 12.98 0.67 -24.50
N THR D 457 14.16 1.00 -25.05
CA THR D 457 15.48 0.56 -24.51
C THR D 457 15.96 1.40 -23.31
N GLU D 458 15.15 2.32 -22.78
CA GLU D 458 15.50 3.13 -21.58
C GLU D 458 15.58 2.24 -20.32
N VAL D 459 14.96 1.05 -20.35
CA VAL D 459 14.85 0.11 -19.21
C VAL D 459 15.28 -1.30 -19.63
N LEU D 460 15.51 -2.21 -18.68
CA LEU D 460 15.89 -3.62 -18.97
C LEU D 460 14.67 -4.54 -18.92
N TRP D 461 13.56 -4.09 -18.39
CA TRP D 461 12.36 -4.94 -18.16
C TRP D 461 11.30 -4.74 -19.26
N THR D 462 10.30 -5.61 -19.26
CA THR D 462 9.09 -5.53 -20.10
C THR D 462 7.92 -5.76 -19.17
N SER D 463 6.87 -4.94 -19.20
CA SER D 463 5.69 -5.15 -18.33
C SER D 463 4.44 -4.48 -18.91
N ASN D 464 3.29 -4.58 -18.24
CA ASN D 464 2.06 -3.94 -18.77
C ASN D 464 1.16 -3.32 -17.68
N SER D 465 0.38 -2.32 -18.07
CA SER D 465 -0.79 -1.79 -17.33
C SER D 465 -2.05 -2.30 -18.03
N ILE D 466 -3.24 -1.97 -17.54
CA ILE D 466 -4.50 -2.27 -18.26
C ILE D 466 -5.52 -1.12 -18.12
N VAL D 467 -6.49 -1.14 -19.03
CA VAL D 467 -7.70 -0.27 -19.00
C VAL D 467 -8.90 -1.10 -19.42
N VAL D 468 -10.07 -0.82 -18.87
CA VAL D 468 -11.28 -1.65 -19.09
C VAL D 468 -12.49 -0.76 -19.42
N PHE D 469 -13.33 -1.17 -20.37
CA PHE D 469 -14.55 -0.46 -20.86
C PHE D 469 -15.76 -1.38 -20.89
N CYS D 470 -16.97 -0.88 -20.71
CA CYS D 470 -18.21 -1.69 -20.79
C CYS D 470 -19.25 -1.08 -21.74
N GLY D 471 -20.01 -1.93 -22.41
CA GLY D 471 -21.07 -1.50 -23.32
C GLY D 471 -22.15 -0.74 -22.60
N THR D 472 -22.62 0.34 -23.21
CA THR D 472 -23.65 1.24 -22.64
C THR D 472 -24.78 1.41 -23.65
N SER D 473 -26.02 1.52 -23.17
CA SER D 473 -27.19 1.87 -24.00
C SER D 473 -27.49 3.37 -23.91
N GLY D 474 -26.77 4.09 -23.04
CA GLY D 474 -26.90 5.54 -22.82
C GLY D 474 -26.05 6.35 -23.76
N THR D 475 -25.41 7.39 -23.24
CA THR D 475 -24.59 8.35 -24.04
C THR D 475 -23.20 8.50 -23.40
N TYR D 476 -22.27 9.05 -24.18
CA TYR D 476 -20.85 9.13 -23.80
C TYR D 476 -20.17 10.24 -24.58
N GLY D 477 -18.99 10.62 -24.13
CA GLY D 477 -18.22 11.75 -24.70
C GLY D 477 -16.95 11.23 -25.33
N THR D 478 -15.80 11.81 -25.00
CA THR D 478 -14.49 11.50 -25.60
C THR D 478 -13.36 11.54 -24.56
N GLY D 479 -12.21 10.97 -24.91
CA GLY D 479 -10.95 11.04 -24.14
C GLY D 479 -9.86 10.11 -24.67
N SER D 480 -8.78 9.96 -23.94
CA SER D 480 -7.68 9.00 -24.19
C SER D 480 -7.14 8.56 -22.84
N TRP D 481 -6.93 7.26 -22.61
CA TRP D 481 -6.46 6.75 -21.31
C TRP D 481 -5.22 5.88 -21.46
N PRO D 482 -4.05 6.47 -21.74
CA PRO D 482 -2.80 5.73 -21.91
C PRO D 482 -2.22 5.22 -20.57
N ASP D 483 -1.07 4.55 -20.68
CA ASP D 483 -0.31 4.00 -19.54
C ASP D 483 0.14 5.16 -18.62
N GLY D 484 0.87 6.14 -19.16
CA GLY D 484 1.21 7.36 -18.40
C GLY D 484 2.53 7.31 -17.63
N ALA D 485 3.32 6.25 -17.69
CA ALA D 485 4.57 6.17 -16.91
C ALA D 485 5.73 6.86 -17.65
N ASP D 486 6.67 7.44 -16.92
CA ASP D 486 7.83 8.14 -17.49
C ASP D 486 9.08 7.26 -17.38
N LEU D 487 9.34 6.44 -18.41
CA LEU D 487 10.45 5.47 -18.40
C LEU D 487 11.80 6.18 -18.37
N ASN D 488 11.84 7.48 -18.70
CA ASN D 488 13.12 8.23 -18.69
C ASN D 488 13.60 8.47 -17.25
N LEU D 489 12.69 8.42 -16.26
CA LEU D 489 13.00 8.76 -14.84
C LEU D 489 13.04 7.53 -13.93
N MET D 490 12.13 6.57 -14.11
CA MET D 490 11.98 5.43 -13.18
C MET D 490 13.08 4.37 -13.35
N PRO D 491 13.20 3.38 -12.42
CA PRO D 491 14.31 2.40 -12.44
C PRO D 491 14.51 1.59 -13.72
N ILE D 492 15.78 1.43 -14.08
CA ILE D 492 16.27 0.73 -15.30
C ILE D 492 16.17 -0.79 -15.10
N GLN E 1 37.39 -27.52 -34.61
CA GLN E 1 36.51 -26.31 -34.69
C GLN E 1 35.05 -26.76 -34.87
N VAL E 2 34.10 -25.84 -34.63
CA VAL E 2 32.61 -26.04 -34.66
C VAL E 2 32.10 -26.47 -36.05
N HIS E 3 32.71 -25.99 -37.13
CA HIS E 3 32.20 -26.01 -38.54
C HIS E 3 31.38 -27.26 -38.95
N LEU E 4 30.38 -26.96 -39.78
CA LEU E 4 29.41 -27.93 -40.33
C LEU E 4 30.05 -28.77 -41.44
N VAL E 5 29.66 -30.04 -41.54
CA VAL E 5 30.09 -30.99 -42.60
C VAL E 5 28.85 -31.65 -43.21
N GLN E 6 28.74 -31.63 -44.55
CA GLN E 6 27.56 -32.15 -45.29
C GLN E 6 27.80 -33.50 -45.98
N SER E 7 26.70 -34.20 -46.29
CA SER E 7 26.67 -35.48 -47.04
C SER E 7 27.01 -35.27 -48.53
N GLY E 8 27.44 -36.34 -49.23
CA GLY E 8 27.83 -36.32 -50.66
C GLY E 8 26.69 -36.08 -51.65
N ALA E 9 27.05 -35.79 -52.90
CA ALA E 9 26.13 -35.50 -54.04
C ALA E 9 25.24 -36.70 -54.42
N GLU E 10 24.11 -36.45 -55.09
CA GLU E 10 23.12 -37.51 -55.48
C GLU E 10 22.40 -37.26 -56.81
N VAL E 11 22.08 -38.35 -57.51
CA VAL E 11 21.19 -38.39 -58.71
C VAL E 11 19.93 -39.17 -58.35
N LYS E 12 18.75 -38.61 -58.59
CA LYS E 12 17.46 -39.28 -58.22
C LYS E 12 16.48 -39.17 -59.38
N GLU E 13 15.65 -40.19 -59.59
CA GLU E 13 14.63 -40.17 -60.68
C GLU E 13 13.45 -39.30 -60.27
N PRO E 14 12.73 -38.64 -61.21
CA PRO E 14 11.52 -37.89 -60.87
C PRO E 14 10.48 -38.70 -60.07
N GLY E 15 9.75 -38.02 -59.19
CA GLY E 15 8.76 -38.64 -58.28
C GLY E 15 9.38 -39.28 -57.04
N SER E 16 10.71 -39.42 -56.99
CA SER E 16 11.46 -40.00 -55.84
C SER E 16 11.62 -38.97 -54.69
N SER E 17 12.28 -39.39 -53.60
CA SER E 17 12.65 -38.52 -52.45
C SER E 17 14.15 -38.60 -52.17
N VAL E 18 14.74 -37.56 -51.55
CA VAL E 18 16.20 -37.50 -51.24
C VAL E 18 16.41 -37.06 -49.79
N THR E 19 17.41 -37.64 -49.13
CA THR E 19 17.82 -37.26 -47.75
C THR E 19 19.22 -36.62 -47.81
N VAL E 20 19.35 -35.44 -47.23
CA VAL E 20 20.65 -34.72 -47.10
C VAL E 20 20.91 -34.55 -45.61
N SER E 21 22.17 -34.53 -45.18
CA SER E 21 22.49 -34.38 -43.74
C SER E 21 23.66 -33.42 -43.52
N CYS E 22 23.70 -32.87 -42.30
CA CYS E 22 24.67 -31.85 -41.85
C CYS E 22 25.06 -32.12 -40.40
N LYS E 23 26.37 -32.20 -40.10
CA LYS E 23 26.93 -32.55 -38.77
C LYS E 23 27.90 -31.48 -38.28
N ALA E 24 27.88 -31.16 -36.98
CA ALA E 24 28.82 -30.19 -36.37
C ALA E 24 30.12 -30.90 -36.00
N SER E 25 31.26 -30.44 -36.52
CA SER E 25 32.60 -31.04 -36.24
C SER E 25 32.96 -30.93 -34.76
N GLY E 26 32.51 -29.88 -34.06
CA GLY E 26 32.84 -29.64 -32.65
C GLY E 26 31.93 -30.37 -31.65
N GLY E 27 30.91 -31.10 -32.11
CA GLY E 27 29.93 -31.78 -31.21
C GLY E 27 29.04 -30.78 -30.45
N SER E 28 29.11 -29.49 -30.78
CA SER E 28 28.52 -28.36 -30.01
C SER E 28 27.14 -27.94 -30.57
N PHE E 29 26.16 -28.84 -30.66
CA PHE E 29 24.77 -28.48 -31.06
C PHE E 29 24.07 -27.76 -29.90
N ASN E 30 24.32 -26.47 -29.74
CA ASN E 30 23.53 -25.57 -28.84
C ASN E 30 22.17 -25.35 -29.50
N ASN E 31 21.26 -24.58 -28.90
CA ASN E 31 19.91 -24.46 -29.49
C ASN E 31 19.87 -23.49 -30.69
N GLN E 32 20.99 -22.95 -31.20
CA GLN E 32 20.96 -22.10 -32.43
C GLN E 32 20.40 -22.89 -33.62
N ALA E 33 19.42 -22.34 -34.32
CA ALA E 33 18.70 -23.03 -35.43
C ALA E 33 19.64 -23.38 -36.59
N ILE E 34 19.45 -24.58 -37.13
CA ILE E 34 20.13 -25.05 -38.36
C ILE E 34 19.11 -24.92 -39.49
N SER E 35 19.51 -24.25 -40.55
CA SER E 35 18.61 -23.89 -41.69
C SER E 35 19.15 -24.44 -43.01
N TRP E 36 18.24 -24.74 -43.94
CA TRP E 36 18.60 -25.20 -45.30
C TRP E 36 18.28 -24.11 -46.34
N VAL E 37 19.28 -23.77 -47.15
CA VAL E 37 19.21 -22.74 -48.22
C VAL E 37 19.73 -23.38 -49.51
N ARG E 38 19.05 -23.14 -50.64
CA ARG E 38 19.47 -23.75 -51.93
C ARG E 38 19.78 -22.70 -52.99
N GLN E 39 20.56 -23.14 -53.98
CA GLN E 39 21.04 -22.29 -55.09
C GLN E 39 20.99 -23.09 -56.40
N ALA E 40 20.01 -22.80 -57.25
CA ALA E 40 19.88 -23.41 -58.59
C ALA E 40 20.98 -22.82 -59.49
N PRO E 41 21.45 -23.53 -60.55
CA PRO E 41 22.53 -23.01 -61.41
C PRO E 41 22.23 -21.62 -62.02
N GLY E 42 23.16 -20.68 -61.84
CA GLY E 42 23.06 -19.29 -62.33
C GLY E 42 21.88 -18.52 -61.75
N GLN E 43 21.48 -18.82 -60.51
CA GLN E 43 20.30 -18.18 -59.84
C GLN E 43 20.60 -17.81 -58.37
N GLY E 44 19.78 -16.91 -57.80
CA GLY E 44 19.93 -16.41 -56.42
C GLY E 44 19.58 -17.41 -55.33
N LEU E 45 19.84 -17.02 -54.08
CA LEU E 45 19.67 -17.87 -52.85
C LEU E 45 18.17 -17.99 -52.48
N GLU E 46 17.79 -19.12 -51.90
CA GLU E 46 16.39 -19.43 -51.52
C GLU E 46 16.36 -20.20 -50.20
N TRP E 47 15.74 -19.62 -49.16
CA TRP E 47 15.56 -20.28 -47.85
C TRP E 47 14.44 -21.33 -47.96
N MET E 48 14.65 -22.52 -47.40
CA MET E 48 13.67 -23.64 -47.48
C MET E 48 13.06 -23.97 -46.11
N GLY E 49 13.81 -23.80 -45.02
CA GLY E 49 13.34 -24.12 -43.67
C GLY E 49 14.48 -24.34 -42.68
N GLY E 50 14.14 -24.89 -41.50
CA GLY E 50 15.14 -25.04 -40.41
C GLY E 50 14.54 -25.69 -39.18
N ILE E 51 15.42 -25.98 -38.20
CA ILE E 51 14.99 -26.58 -36.90
C ILE E 51 15.98 -26.19 -35.78
N PHE E 52 15.46 -26.01 -34.56
CA PHE E 52 16.29 -25.81 -33.35
C PHE E 52 16.78 -27.19 -32.90
N PRO E 53 18.10 -27.47 -32.82
CA PRO E 53 18.61 -28.80 -32.46
C PRO E 53 18.14 -29.41 -31.13
N ILE E 54 17.90 -28.60 -30.08
CA ILE E 54 17.49 -29.13 -28.75
C ILE E 54 15.97 -29.02 -28.56
N SER E 55 15.39 -27.83 -28.72
CA SER E 55 13.94 -27.60 -28.46
C SER E 55 13.06 -28.24 -29.56
N GLY E 56 13.62 -28.52 -30.74
CA GLY E 56 12.96 -29.34 -31.79
C GLY E 56 11.78 -28.69 -32.54
N THR E 57 11.65 -27.36 -32.60
CA THR E 57 10.54 -26.72 -33.38
C THR E 57 10.99 -26.55 -34.84
N PRO E 58 10.41 -27.29 -35.83
CA PRO E 58 10.75 -27.12 -37.24
C PRO E 58 9.95 -26.00 -37.94
N THR E 59 10.46 -25.51 -39.06
CA THR E 59 9.81 -24.44 -39.87
C THR E 59 10.15 -24.61 -41.36
N SER E 60 9.25 -24.26 -42.25
CA SER E 60 9.38 -24.49 -43.73
C SER E 60 8.81 -23.33 -44.55
N ALA E 61 9.47 -23.02 -45.66
CA ALA E 61 9.02 -21.98 -46.61
C ALA E 61 7.74 -22.46 -47.30
N GLN E 62 6.82 -21.56 -47.62
CA GLN E 62 5.46 -21.92 -48.11
C GLN E 62 5.52 -22.79 -49.38
N ARG E 63 6.43 -22.48 -50.31
CA ARG E 63 6.60 -23.20 -51.60
C ARG E 63 6.99 -24.68 -51.41
N PHE E 64 7.61 -25.03 -50.28
CA PHE E 64 8.12 -26.38 -49.98
C PHE E 64 7.32 -27.06 -48.84
N GLN E 65 6.26 -26.44 -48.33
CA GLN E 65 5.61 -26.86 -47.06
C GLN E 65 5.02 -28.28 -47.13
N GLY E 66 4.51 -28.71 -48.28
CA GLY E 66 3.97 -30.07 -48.49
C GLY E 66 5.05 -31.13 -48.78
N ARG E 67 6.23 -30.70 -49.23
CA ARG E 67 7.29 -31.54 -49.84
C ARG E 67 8.48 -31.80 -48.90
N VAL E 68 8.76 -30.93 -47.92
CA VAL E 68 10.01 -31.02 -47.11
C VAL E 68 9.70 -31.28 -45.62
N THR E 69 10.59 -32.04 -44.97
CA THR E 69 10.54 -32.31 -43.51
C THR E 69 11.97 -32.31 -42.94
N PHE E 70 12.09 -31.87 -41.69
CA PHE E 70 13.40 -31.74 -40.98
C PHE E 70 13.36 -32.54 -39.67
N THR E 71 14.50 -33.10 -39.29
CA THR E 71 14.67 -33.84 -38.01
C THR E 71 16.12 -33.74 -37.56
N ALA E 72 16.38 -33.95 -36.27
CA ALA E 72 17.72 -33.77 -35.68
C ALA E 72 17.99 -34.81 -34.58
N ASP E 73 19.28 -35.10 -34.37
CA ASP E 73 19.75 -36.05 -33.34
C ASP E 73 21.05 -35.53 -32.71
N GLU E 74 21.00 -35.28 -31.41
CA GLU E 74 22.17 -34.82 -30.62
C GLU E 74 23.25 -35.90 -30.56
N SER E 75 22.90 -37.20 -30.59
CA SER E 75 23.86 -38.32 -30.46
C SER E 75 24.80 -38.32 -31.67
N THR E 76 24.25 -38.40 -32.87
CA THR E 76 25.03 -38.28 -34.13
C THR E 76 25.42 -36.81 -34.34
N THR E 77 24.86 -35.89 -33.55
CA THR E 77 25.04 -34.42 -33.65
C THR E 77 24.83 -34.00 -35.11
N THR E 78 23.75 -34.48 -35.68
CA THR E 78 23.43 -34.32 -37.12
C THR E 78 21.97 -33.92 -37.34
N VAL E 79 21.75 -33.02 -38.30
CA VAL E 79 20.41 -32.60 -38.77
C VAL E 79 20.19 -33.26 -40.13
N TYR E 80 19.00 -33.81 -40.33
CA TYR E 80 18.60 -34.55 -41.55
C TYR E 80 17.43 -33.82 -42.22
N MET E 81 17.55 -33.59 -43.52
CA MET E 81 16.53 -32.89 -44.34
C MET E 81 16.06 -33.81 -45.47
N ASP E 82 14.76 -34.07 -45.52
CA ASP E 82 14.13 -34.96 -46.54
C ASP E 82 13.27 -34.14 -47.50
N LEU E 83 13.56 -34.23 -48.80
CA LEU E 83 12.81 -33.52 -49.87
C LEU E 83 12.11 -34.59 -50.73
N SER E 84 10.78 -34.51 -50.84
CA SER E 84 9.93 -35.52 -51.53
C SER E 84 9.35 -35.01 -52.86
N SER E 85 8.80 -35.93 -53.67
CA SER E 85 8.14 -35.66 -54.98
C SER E 85 9.05 -34.83 -55.88
N LEU E 86 10.29 -35.31 -56.06
CA LEU E 86 11.36 -34.62 -56.84
C LEU E 86 10.97 -34.41 -58.32
N ARG E 87 11.47 -33.31 -58.89
CA ARG E 87 11.31 -32.95 -60.32
C ARG E 87 12.62 -32.31 -60.82
N SER E 88 12.83 -32.25 -62.13
CA SER E 88 14.07 -31.73 -62.78
C SER E 88 14.47 -30.36 -62.21
N ASP E 89 13.49 -29.51 -61.96
CA ASP E 89 13.64 -28.11 -61.43
C ASP E 89 14.35 -28.08 -60.07
N ASP E 90 14.27 -29.15 -59.28
CA ASP E 90 14.93 -29.22 -57.95
C ASP E 90 16.45 -29.39 -58.06
N THR E 91 17.01 -29.55 -59.26
CA THR E 91 18.47 -29.66 -59.44
C THR E 91 19.14 -28.38 -58.94
N ALA E 92 19.84 -28.46 -57.80
CA ALA E 92 20.46 -27.30 -57.13
C ALA E 92 21.50 -27.73 -56.09
N VAL E 93 22.34 -26.79 -55.67
CA VAL E 93 23.25 -27.01 -54.52
C VAL E 93 22.46 -26.69 -53.25
N TYR E 94 22.44 -27.60 -52.29
CA TYR E 94 21.71 -27.45 -50.99
C TYR E 94 22.75 -27.24 -49.89
N TYR E 95 22.72 -26.08 -49.22
CA TYR E 95 23.65 -25.74 -48.12
C TYR E 95 22.92 -25.79 -46.77
N CYS E 96 23.55 -26.37 -45.76
CA CYS E 96 23.08 -26.22 -44.36
C CYS E 96 23.79 -24.99 -43.79
N ALA E 97 23.13 -24.25 -42.91
CA ALA E 97 23.72 -23.04 -42.28
C ALA E 97 23.23 -22.89 -40.84
N ARG E 98 24.01 -22.19 -40.03
CA ARG E 98 23.71 -21.98 -38.59
C ARG E 98 23.29 -20.51 -38.42
N ALA E 99 22.07 -20.33 -37.89
CA ALA E 99 21.48 -19.00 -37.66
C ALA E 99 21.93 -18.40 -36.32
N GLY E 100 21.92 -17.07 -36.20
CA GLY E 100 22.14 -16.34 -34.93
C GLY E 100 20.98 -16.47 -33.92
N SER E 101 19.90 -17.17 -34.28
CA SER E 101 18.64 -17.28 -33.52
C SER E 101 18.56 -18.59 -32.74
N ASP E 102 18.08 -18.56 -31.50
CA ASP E 102 18.04 -19.76 -30.62
C ASP E 102 16.80 -19.82 -29.73
N TYR E 103 15.79 -18.98 -29.96
CA TYR E 103 14.49 -19.04 -29.24
C TYR E 103 13.37 -18.50 -30.13
N PHE E 104 12.16 -19.02 -29.96
CA PHE E 104 10.94 -18.55 -30.66
C PHE E 104 9.89 -18.12 -29.64
N ASN E 105 9.45 -16.84 -29.68
CA ASN E 105 8.32 -16.36 -28.84
C ASN E 105 7.01 -16.70 -29.54
N ARG E 106 6.05 -17.34 -28.86
CA ARG E 106 4.68 -17.57 -29.38
C ARG E 106 4.11 -16.31 -30.04
N ASP E 107 4.30 -15.18 -29.38
CA ASP E 107 3.69 -13.89 -29.77
C ASP E 107 4.61 -13.08 -30.69
N LEU E 108 5.83 -12.81 -30.31
CA LEU E 108 6.77 -11.89 -31.01
C LEU E 108 7.57 -12.56 -32.16
N GLY E 109 7.54 -13.89 -32.33
CA GLY E 109 8.32 -14.55 -33.41
C GLY E 109 9.82 -14.71 -33.12
N TRP E 110 10.66 -14.56 -34.14
CA TRP E 110 12.13 -14.85 -34.09
C TRP E 110 12.96 -13.57 -33.98
N GLU E 111 14.25 -13.72 -33.68
CA GLU E 111 15.22 -12.61 -33.62
C GLU E 111 16.60 -13.09 -34.10
N ASN E 112 17.41 -12.22 -34.72
CA ASN E 112 18.77 -12.49 -35.25
C ASN E 112 18.77 -13.67 -36.26
N TYR E 113 17.74 -13.86 -37.07
CA TYR E 113 17.71 -14.98 -38.05
C TYR E 113 18.53 -14.66 -39.30
N TYR E 114 19.84 -14.55 -39.12
CA TYR E 114 20.82 -14.41 -40.21
C TYR E 114 21.82 -15.56 -40.05
N PHE E 115 22.42 -15.95 -41.17
CA PHE E 115 23.28 -17.15 -41.29
C PHE E 115 24.73 -16.74 -41.04
N ALA E 116 25.32 -17.26 -39.96
CA ALA E 116 26.68 -16.89 -39.50
C ALA E 116 27.71 -17.81 -40.15
N SER E 117 27.37 -19.09 -40.31
CA SER E 117 28.28 -20.16 -40.82
C SER E 117 27.52 -21.10 -41.76
N TRP E 118 28.20 -21.58 -42.80
CA TRP E 118 27.62 -22.40 -43.89
C TRP E 118 28.42 -23.70 -44.10
N GLY E 119 27.73 -24.77 -44.49
CA GLY E 119 28.35 -26.04 -44.92
C GLY E 119 28.99 -25.97 -46.31
N GLN E 120 29.52 -27.09 -46.79
CA GLN E 120 30.23 -27.19 -48.09
C GLN E 120 29.25 -27.12 -49.27
N GLY E 121 27.97 -27.40 -49.05
CA GLY E 121 26.93 -27.50 -50.11
C GLY E 121 26.94 -28.87 -50.76
N THR E 122 25.76 -29.45 -50.95
CA THR E 122 25.55 -30.79 -51.56
C THR E 122 24.82 -30.62 -52.89
N LEU E 123 25.40 -31.07 -54.00
CA LEU E 123 24.71 -31.02 -55.32
C LEU E 123 23.71 -32.18 -55.42
N VAL E 124 22.43 -31.85 -55.57
CA VAL E 124 21.38 -32.87 -55.85
C VAL E 124 20.85 -32.61 -57.26
N THR E 125 20.77 -33.65 -58.09
CA THR E 125 20.19 -33.51 -59.45
C THR E 125 19.10 -34.55 -59.66
N VAL E 126 18.05 -34.14 -60.35
CA VAL E 126 16.88 -35.02 -60.63
C VAL E 126 16.90 -35.33 -62.12
N SER E 127 17.06 -36.62 -62.47
CA SER E 127 17.15 -37.10 -63.86
C SER E 127 16.93 -38.61 -63.97
N SER E 128 16.52 -39.07 -65.15
CA SER E 128 16.33 -40.50 -65.50
C SER E 128 17.68 -41.12 -65.95
N ALA E 129 18.63 -40.31 -66.42
CA ALA E 129 19.92 -40.74 -67.00
C ALA E 129 20.81 -41.47 -65.95
N SER E 130 21.55 -42.49 -66.42
CA SER E 130 22.45 -43.34 -65.60
C SER E 130 23.72 -42.58 -65.20
N GLU F 1 6.60 -12.49 -49.19
CA GLU F 1 5.82 -11.32 -48.66
C GLU F 1 6.64 -10.03 -48.81
N ILE F 2 7.60 -9.75 -47.92
CA ILE F 2 8.48 -8.55 -48.06
C ILE F 2 9.44 -8.79 -49.22
N VAL F 3 9.49 -7.86 -50.17
CA VAL F 3 10.36 -7.96 -51.38
C VAL F 3 11.62 -7.10 -51.20
N MET F 4 12.77 -7.70 -51.51
CA MET F 4 14.08 -7.01 -51.45
C MET F 4 14.55 -6.70 -52.88
N THR F 5 14.80 -5.43 -53.17
CA THR F 5 15.25 -4.94 -54.50
C THR F 5 16.68 -4.44 -54.35
N GLN F 6 17.61 -4.95 -55.15
CA GLN F 6 19.05 -4.61 -55.01
C GLN F 6 19.56 -3.98 -56.31
N SER F 7 20.39 -2.94 -56.22
CA SER F 7 20.91 -2.22 -57.42
C SER F 7 22.26 -1.54 -57.15
N PRO F 8 23.13 -1.34 -58.19
CA PRO F 8 22.93 -1.84 -59.57
C PRO F 8 22.94 -3.37 -59.74
N ALA F 9 22.53 -3.87 -60.91
CA ALA F 9 22.53 -5.31 -61.22
C ALA F 9 23.98 -5.83 -61.37
N THR F 10 24.81 -5.07 -62.08
CA THR F 10 26.25 -5.37 -62.28
C THR F 10 27.05 -4.08 -62.07
N LEU F 11 28.22 -4.19 -61.43
CA LEU F 11 29.11 -3.03 -61.19
C LEU F 11 30.54 -3.39 -61.61
N SER F 12 31.23 -2.48 -62.29
CA SER F 12 32.65 -2.69 -62.66
C SER F 12 33.45 -1.41 -62.50
N LEU F 13 34.58 -1.51 -61.79
CA LEU F 13 35.48 -0.38 -61.45
C LEU F 13 36.93 -0.89 -61.39
N SER F 14 37.90 0.00 -61.59
CA SER F 14 39.35 -0.33 -61.51
C SER F 14 39.79 -0.45 -60.04
N SER F 15 40.90 -1.14 -59.80
CA SER F 15 41.50 -1.30 -58.45
C SER F 15 41.95 0.06 -57.86
N GLY F 16 42.00 0.14 -56.53
CA GLY F 16 42.44 1.35 -55.80
C GLY F 16 41.37 2.43 -55.71
N GLU F 17 40.09 2.11 -55.96
CA GLU F 17 38.96 3.09 -55.92
C GLU F 17 37.77 2.56 -55.10
N ARG F 18 36.87 3.45 -54.69
CA ARG F 18 35.68 3.11 -53.86
C ARG F 18 34.54 2.57 -54.75
N ALA F 19 33.79 1.59 -54.23
CA ALA F 19 32.61 0.97 -54.86
C ALA F 19 31.41 1.01 -53.89
N THR F 20 30.19 1.23 -54.39
CA THR F 20 28.97 1.30 -53.55
C THR F 20 27.81 0.48 -54.13
N LEU F 21 27.11 -0.24 -53.26
CA LEU F 21 25.97 -1.15 -53.58
C LEU F 21 24.76 -0.73 -52.74
N SER F 22 23.54 -0.91 -53.24
CA SER F 22 22.32 -0.43 -52.52
C SER F 22 21.20 -1.48 -52.51
N CYS F 23 20.35 -1.42 -51.48
CA CYS F 23 19.27 -2.41 -51.26
C CYS F 23 18.04 -1.68 -50.67
N ARG F 24 16.85 -2.10 -51.10
CA ARG F 24 15.56 -1.49 -50.70
C ARG F 24 14.55 -2.57 -50.34
N ALA F 25 13.77 -2.33 -49.29
CA ALA F 25 12.73 -3.27 -48.79
C ALA F 25 11.34 -2.68 -49.06
N SER F 26 10.39 -3.51 -49.54
CA SER F 26 9.00 -3.08 -49.86
C SER F 26 8.23 -2.55 -48.63
N ARG F 27 8.67 -2.89 -47.40
CA ARG F 27 8.18 -2.31 -46.12
C ARG F 27 9.40 -2.05 -45.22
N SER F 28 9.26 -1.21 -44.20
CA SER F 28 10.40 -0.90 -43.28
C SER F 28 10.78 -2.14 -42.46
N VAL F 29 12.07 -2.53 -42.49
CA VAL F 29 12.57 -3.73 -41.78
C VAL F 29 13.33 -3.34 -40.50
N SER F 30 13.31 -2.06 -40.08
CA SER F 30 13.84 -1.57 -38.77
C SER F 30 15.28 -2.07 -38.48
N SER F 31 16.19 -1.99 -39.46
CA SER F 31 17.63 -2.36 -39.33
C SER F 31 17.88 -3.88 -39.27
N ASN F 32 16.86 -4.75 -39.43
CA ASN F 32 17.01 -6.22 -39.46
C ASN F 32 17.49 -6.61 -40.87
N LEU F 33 18.70 -6.18 -41.24
CA LEU F 33 19.24 -6.37 -42.61
C LEU F 33 20.70 -6.84 -42.55
N ALA F 34 21.05 -7.84 -43.35
CA ALA F 34 22.42 -8.40 -43.46
C ALA F 34 22.90 -8.42 -44.90
N TRP F 35 24.21 -8.45 -45.10
CA TRP F 35 24.85 -8.54 -46.44
C TRP F 35 25.79 -9.76 -46.49
N TYR F 36 25.79 -10.44 -47.63
CA TYR F 36 26.62 -11.64 -47.90
C TYR F 36 27.48 -11.46 -49.15
N GLN F 37 28.68 -12.04 -49.12
CA GLN F 37 29.60 -12.14 -50.28
C GLN F 37 29.68 -13.61 -50.70
N GLN F 38 29.59 -13.90 -52.00
CA GLN F 38 29.82 -15.28 -52.50
C GLN F 38 30.90 -15.24 -53.58
N LYS F 39 32.03 -15.90 -53.32
CA LYS F 39 33.14 -16.02 -54.30
C LYS F 39 32.82 -17.18 -55.23
N PRO F 40 33.18 -17.15 -56.54
CA PRO F 40 32.81 -18.23 -57.48
C PRO F 40 33.20 -19.64 -57.01
N GLY F 41 32.23 -20.55 -57.09
CA GLY F 41 32.37 -21.98 -56.73
C GLY F 41 32.44 -22.25 -55.24
N GLN F 42 31.99 -21.32 -54.38
CA GLN F 42 32.03 -21.49 -52.90
C GLN F 42 30.70 -21.09 -52.24
N ALA F 43 30.47 -21.57 -51.02
CA ALA F 43 29.28 -21.25 -50.20
C ALA F 43 29.31 -19.76 -49.84
N PRO F 44 28.15 -19.08 -49.65
CA PRO F 44 28.15 -17.67 -49.26
C PRO F 44 28.80 -17.41 -47.89
N ARG F 45 29.19 -16.16 -47.64
CA ARG F 45 29.88 -15.74 -46.40
C ARG F 45 29.25 -14.45 -45.86
N LEU F 46 28.96 -14.39 -44.56
CA LEU F 46 28.37 -13.19 -43.93
C LEU F 46 29.39 -12.05 -43.90
N LEU F 47 29.00 -10.88 -44.40
CA LEU F 47 29.87 -9.69 -44.48
C LEU F 47 29.45 -8.69 -43.40
N ILE F 48 28.16 -8.34 -43.34
CA ILE F 48 27.61 -7.34 -42.36
C ILE F 48 26.26 -7.82 -41.82
N TYR F 49 25.94 -7.44 -40.59
CA TYR F 49 24.61 -7.70 -39.96
C TYR F 49 24.12 -6.44 -39.24
N ASP F 50 22.82 -6.42 -38.94
CA ASP F 50 22.09 -5.27 -38.33
C ASP F 50 22.42 -3.96 -39.08
N ALA F 51 22.64 -4.05 -40.40
CA ALA F 51 22.92 -2.91 -41.32
C ALA F 51 24.16 -2.09 -40.91
N SER F 52 24.88 -2.45 -39.84
CA SER F 52 25.84 -1.53 -39.18
C SER F 52 27.18 -2.17 -38.76
N THR F 53 27.28 -3.49 -38.59
CA THR F 53 28.48 -4.14 -38.00
C THR F 53 28.99 -5.26 -38.91
N ARG F 54 30.31 -5.40 -39.03
CA ARG F 54 30.95 -6.36 -39.98
C ARG F 54 31.50 -7.59 -39.24
N ALA F 55 31.35 -8.75 -39.89
CA ALA F 55 31.81 -10.06 -39.39
C ALA F 55 33.35 -10.11 -39.34
N THR F 56 33.88 -11.06 -38.55
CA THR F 56 35.32 -11.26 -38.25
C THR F 56 36.19 -11.39 -39.51
N GLY F 57 35.67 -11.91 -40.63
CA GLY F 57 36.45 -12.16 -41.86
C GLY F 57 36.80 -10.89 -42.65
N PHE F 58 36.25 -9.72 -42.30
CA PHE F 58 36.40 -8.48 -43.11
C PHE F 58 36.92 -7.31 -42.25
N SER F 59 37.67 -6.40 -42.91
CA SER F 59 38.37 -5.25 -42.27
C SER F 59 37.62 -3.92 -42.48
N ALA F 60 38.18 -2.84 -41.94
CA ALA F 60 37.66 -1.45 -41.95
C ALA F 60 37.29 -0.94 -43.35
N ARG F 61 37.79 -1.54 -44.43
CA ARG F 61 37.51 -1.10 -45.82
C ARG F 61 36.04 -1.34 -46.22
N PHE F 62 35.30 -2.19 -45.49
CA PHE F 62 33.87 -2.48 -45.73
C PHE F 62 33.01 -1.73 -44.71
N ALA F 63 31.99 -1.01 -45.19
CA ALA F 63 31.09 -0.19 -44.34
C ALA F 63 29.62 -0.34 -44.73
N GLY F 64 28.74 -0.43 -43.72
CA GLY F 64 27.28 -0.49 -43.86
C GLY F 64 26.63 0.83 -43.53
N SER F 65 25.45 1.11 -44.13
CA SER F 65 24.71 2.38 -43.93
C SER F 65 23.22 2.22 -44.22
N GLY F 66 22.41 3.12 -43.66
CA GLY F 66 20.94 3.18 -43.90
C GLY F 66 20.12 2.58 -42.77
N SER F 67 18.80 2.77 -42.85
CA SER F 67 17.79 2.30 -41.86
C SER F 67 16.37 2.33 -42.46
N GLY F 68 15.43 1.65 -41.83
CA GLY F 68 14.01 1.63 -42.24
C GLY F 68 13.78 0.85 -43.54
N THR F 69 13.78 1.53 -44.69
CA THR F 69 13.41 0.94 -46.02
C THR F 69 14.57 0.98 -47.02
N GLU F 70 15.64 1.74 -46.77
CA GLU F 70 16.79 1.83 -47.71
C GLU F 70 18.12 1.61 -47.00
N PHE F 71 19.00 0.84 -47.63
CA PHE F 71 20.31 0.40 -47.07
C PHE F 71 21.41 0.51 -48.12
N THR F 72 22.66 0.56 -47.67
CA THR F 72 23.84 0.72 -48.56
C THR F 72 25.06 0.02 -47.99
N LEU F 73 25.89 -0.51 -48.87
CA LEU F 73 27.17 -1.18 -48.58
C LEU F 73 28.26 -0.48 -49.41
N THR F 74 29.40 -0.20 -48.80
CA THR F 74 30.53 0.49 -49.48
C THR F 74 31.83 -0.28 -49.26
N ILE F 75 32.59 -0.46 -50.34
CA ILE F 75 33.93 -1.09 -50.35
C ILE F 75 34.96 0.00 -50.67
N SER F 76 35.99 0.14 -49.85
CA SER F 76 37.03 1.18 -50.03
C SER F 76 38.30 0.57 -50.65
N SER F 77 38.87 1.25 -51.64
CA SER F 77 40.12 0.84 -52.35
C SER F 77 39.99 -0.62 -52.85
N LEU F 78 39.21 -0.82 -53.90
CA LEU F 78 38.91 -2.15 -54.51
C LEU F 78 40.19 -2.92 -54.87
N GLN F 79 40.19 -4.23 -54.63
CA GLN F 79 41.34 -5.16 -54.86
C GLN F 79 40.87 -6.41 -55.62
N SER F 80 41.80 -7.14 -56.23
CA SER F 80 41.57 -8.36 -57.08
C SER F 80 40.60 -9.37 -56.45
N GLU F 81 40.66 -9.58 -55.12
CA GLU F 81 39.84 -10.60 -54.42
C GLU F 81 38.37 -10.16 -54.28
N ASP F 82 38.04 -8.89 -54.54
CA ASP F 82 36.66 -8.35 -54.38
C ASP F 82 35.73 -8.82 -55.51
N SER F 83 36.26 -9.37 -56.60
CA SER F 83 35.48 -9.86 -57.77
C SER F 83 34.60 -11.04 -57.31
N ALA F 84 33.34 -10.75 -56.99
CA ALA F 84 32.36 -11.69 -56.38
C ALA F 84 30.93 -11.15 -56.51
N ILE F 85 29.94 -11.96 -56.15
CA ILE F 85 28.51 -11.53 -56.15
C ILE F 85 28.09 -11.26 -54.69
N TYR F 86 27.36 -10.18 -54.46
CA TYR F 86 26.94 -9.73 -53.11
C TYR F 86 25.41 -9.70 -53.01
N TYR F 87 24.84 -10.15 -51.89
CA TYR F 87 23.36 -10.19 -51.70
C TYR F 87 22.93 -9.59 -50.35
N CYS F 88 21.84 -8.84 -50.32
CA CYS F 88 21.22 -8.34 -49.06
C CYS F 88 20.14 -9.34 -48.59
N GLN F 89 19.84 -9.39 -47.28
CA GLN F 89 18.80 -10.29 -46.72
C GLN F 89 18.11 -9.63 -45.54
N GLN F 90 16.78 -9.69 -45.46
CA GLN F 90 16.04 -9.14 -44.28
C GLN F 90 15.67 -10.25 -43.30
N TYR F 91 15.52 -9.90 -42.03
CA TYR F 91 15.09 -10.86 -40.98
C TYR F 91 14.14 -10.20 -39.98
N ASN F 92 13.14 -9.51 -40.48
CA ASN F 92 12.20 -8.71 -39.64
C ASN F 92 11.10 -9.61 -39.04
N ASN F 93 11.39 -10.20 -37.89
CA ASN F 93 10.45 -10.86 -36.94
C ASN F 93 9.77 -12.15 -37.45
N TRP F 94 9.32 -12.25 -38.70
CA TRP F 94 8.47 -13.38 -39.16
C TRP F 94 8.87 -13.88 -40.55
N PRO F 95 8.76 -15.20 -40.85
CA PRO F 95 9.10 -15.73 -42.16
C PRO F 95 8.24 -15.22 -43.31
N PRO F 96 8.70 -15.31 -44.58
CA PRO F 96 10.01 -15.86 -44.93
C PRO F 96 11.17 -14.85 -44.96
N TRP F 97 12.38 -15.37 -44.80
CA TRP F 97 13.63 -14.56 -44.71
C TRP F 97 14.17 -14.30 -46.13
N THR F 98 13.49 -13.43 -46.87
CA THR F 98 13.76 -13.16 -48.31
C THR F 98 15.11 -12.48 -48.54
N PHE F 99 15.83 -12.97 -49.55
CA PHE F 99 17.11 -12.38 -50.05
C PHE F 99 16.87 -11.46 -51.25
N GLY F 100 17.78 -10.51 -51.47
CA GLY F 100 17.81 -9.70 -52.70
C GLY F 100 18.32 -10.52 -53.88
N GLN F 101 18.12 -10.06 -55.11
CA GLN F 101 18.52 -10.86 -56.30
C GLN F 101 20.04 -10.81 -56.52
N GLY F 102 20.78 -9.97 -55.77
CA GLY F 102 22.26 -9.89 -55.83
C GLY F 102 22.80 -8.90 -56.86
N THR F 103 24.05 -8.49 -56.65
CA THR F 103 24.82 -7.56 -57.51
C THR F 103 26.19 -8.20 -57.79
N LYS F 104 26.61 -8.25 -59.06
CA LYS F 104 27.93 -8.85 -59.41
C LYS F 104 28.99 -7.75 -59.56
N VAL F 105 30.16 -7.96 -58.96
CA VAL F 105 31.32 -7.02 -59.04
C VAL F 105 32.41 -7.69 -59.87
N GLU F 106 32.89 -7.00 -60.91
CA GLU F 106 34.06 -7.44 -61.72
C GLU F 106 35.01 -6.27 -61.88
N ILE F 107 36.30 -6.54 -61.92
CA ILE F 107 37.33 -5.47 -61.81
C ILE F 107 37.82 -5.04 -63.20
N LYS F 108 37.75 -3.73 -63.47
CA LYS F 108 38.12 -3.12 -64.77
C LYS F 108 39.63 -2.87 -64.80
N ARG F 109 40.40 -3.96 -64.97
CA ARG F 109 41.88 -3.92 -65.12
C ARG F 109 42.26 -3.49 -66.56
N THR F 110 43.57 -3.37 -66.81
CA THR F 110 44.13 -3.03 -68.15
C THR F 110 43.90 -4.20 -69.12
N ALA G 105 -20.80 -28.28 10.18
CA ALA G 105 -19.55 -29.07 9.87
C ALA G 105 -19.55 -30.40 10.63
N GLU G 106 -18.76 -31.36 10.14
CA GLU G 106 -18.52 -32.68 10.80
C GLU G 106 -17.02 -33.00 10.75
N TYR G 107 -16.55 -33.88 11.64
CA TYR G 107 -15.13 -34.31 11.63
C TYR G 107 -14.83 -35.08 10.36
N ARG G 108 -13.59 -34.93 9.85
CA ARG G 108 -13.08 -35.73 8.71
C ARG G 108 -13.01 -37.23 9.06
N ASN G 109 -13.22 -38.09 8.08
CA ASN G 109 -13.00 -39.56 8.26
C ASN G 109 -12.14 -40.21 7.15
N TRP G 110 -11.87 -39.56 6.02
CA TRP G 110 -11.03 -40.07 4.90
C TRP G 110 -11.42 -41.50 4.43
N SER G 111 -12.69 -41.92 4.55
CA SER G 111 -13.11 -43.32 4.27
C SER G 111 -13.32 -43.61 2.77
N LYS G 112 -12.94 -42.72 1.86
CA LYS G 112 -12.93 -42.97 0.39
C LYS G 112 -11.68 -43.77 -0.02
N PRO G 113 -11.70 -44.54 -1.14
CA PRO G 113 -10.53 -45.26 -1.64
C PRO G 113 -9.44 -44.35 -2.22
N GLN G 114 -8.21 -44.84 -2.31
CA GLN G 114 -7.06 -44.08 -2.89
C GLN G 114 -7.27 -43.95 -4.41
N CYS G 115 -6.95 -42.80 -5.00
CA CYS G 115 -7.08 -42.54 -6.46
C CYS G 115 -6.06 -43.35 -7.28
N ASP G 116 -6.40 -43.66 -8.54
CA ASP G 116 -5.54 -44.42 -9.48
C ASP G 116 -4.40 -43.55 -10.05
N ILE G 117 -3.32 -43.41 -9.31
CA ILE G 117 -2.18 -42.52 -9.68
C ILE G 117 -1.34 -43.14 -10.82
N THR G 118 -1.01 -42.35 -11.85
CA THR G 118 -0.12 -42.74 -12.99
C THR G 118 1.20 -41.96 -12.97
N GLY G 119 1.32 -41.04 -12.02
CA GLY G 119 2.42 -40.07 -11.84
C GLY G 119 1.82 -38.75 -11.30
N PHE G 120 2.61 -37.67 -11.32
CA PHE G 120 2.30 -36.42 -10.61
C PHE G 120 2.35 -35.24 -11.60
N ALA G 121 1.37 -34.32 -11.50
CA ALA G 121 1.25 -33.08 -12.30
C ALA G 121 1.56 -31.85 -11.45
N PRO G 122 2.16 -30.75 -11.99
CA PRO G 122 2.51 -29.56 -11.21
C PRO G 122 1.27 -28.84 -10.62
N PHE G 123 1.38 -28.33 -9.39
CA PHE G 123 0.25 -27.72 -8.63
C PHE G 123 0.56 -26.32 -8.09
N SER G 124 1.75 -26.00 -7.59
CA SER G 124 2.06 -24.66 -7.00
C SER G 124 3.55 -24.38 -6.87
N LYS G 125 3.93 -23.11 -6.83
CA LYS G 125 5.35 -22.68 -6.62
C LYS G 125 5.38 -21.29 -5.96
N ASP G 126 6.19 -21.03 -4.95
CA ASP G 126 6.07 -19.78 -4.14
C ASP G 126 6.97 -18.68 -4.69
N ASN G 127 8.13 -19.01 -5.23
CA ASN G 127 9.17 -18.05 -5.71
C ASN G 127 9.72 -17.15 -4.59
N SER G 128 9.64 -17.57 -3.32
CA SER G 128 10.04 -16.77 -2.13
C SER G 128 11.44 -16.13 -2.25
N ILE G 129 12.46 -16.86 -2.64
CA ILE G 129 13.84 -16.29 -2.66
C ILE G 129 13.93 -15.22 -3.76
N ARG G 130 13.34 -15.43 -4.95
CA ARG G 130 13.40 -14.45 -6.07
C ARG G 130 12.68 -13.15 -5.66
N LEU G 131 11.51 -13.24 -5.04
CA LEU G 131 10.75 -12.05 -4.54
C LEU G 131 11.54 -11.33 -3.42
N SER G 132 12.22 -12.06 -2.52
CA SER G 132 12.99 -11.50 -1.38
C SER G 132 14.04 -10.48 -1.85
N ALA G 133 14.56 -10.56 -3.07
CA ALA G 133 15.64 -9.66 -3.54
C ALA G 133 15.14 -8.22 -3.73
N GLY G 134 13.81 -7.99 -3.71
CA GLY G 134 13.19 -6.68 -3.89
C GLY G 134 11.80 -6.64 -3.28
N GLY G 135 11.73 -6.75 -1.96
CA GLY G 135 10.49 -6.91 -1.17
C GLY G 135 10.78 -7.27 0.28
N ASP G 136 9.72 -7.33 1.10
CA ASP G 136 9.83 -7.75 2.53
C ASP G 136 9.23 -9.14 2.67
N ILE G 137 10.10 -10.15 2.57
CA ILE G 137 9.72 -11.59 2.71
C ILE G 137 10.44 -12.16 3.95
N TRP G 138 9.72 -12.98 4.72
CA TRP G 138 10.24 -13.74 5.90
C TRP G 138 11.35 -14.74 5.56
N VAL G 139 12.38 -14.89 6.40
CA VAL G 139 13.34 -16.04 6.34
C VAL G 139 12.70 -17.30 6.95
N THR G 140 12.77 -18.45 6.27
CA THR G 140 12.14 -19.71 6.76
C THR G 140 12.99 -20.97 6.51
N ARG G 141 12.61 -22.08 7.16
CA ARG G 141 13.02 -23.48 6.84
C ARG G 141 11.95 -24.43 7.37
N GLU G 142 12.05 -25.70 7.02
CA GLU G 142 11.11 -26.80 7.43
C GLU G 142 9.67 -26.44 7.06
N PRO G 143 9.38 -26.13 5.77
CA PRO G 143 8.00 -25.91 5.33
C PRO G 143 7.18 -27.21 5.20
N TYR G 144 5.88 -27.02 5.12
CA TYR G 144 4.96 -28.11 4.85
C TYR G 144 3.61 -27.55 4.35
N VAL G 145 2.79 -28.47 3.82
CA VAL G 145 1.45 -28.11 3.28
C VAL G 145 0.42 -28.95 3.99
N SER G 146 -0.71 -28.33 4.31
CA SER G 146 -1.88 -29.02 4.88
C SER G 146 -3.12 -28.28 4.43
N CYS G 147 -4.26 -28.94 4.39
CA CYS G 147 -5.47 -28.36 3.73
C CYS G 147 -6.68 -28.54 4.64
N ASP G 148 -7.51 -27.53 4.77
CA ASP G 148 -8.84 -27.67 5.39
C ASP G 148 -9.80 -28.20 4.32
N PRO G 149 -11.09 -28.43 4.62
CA PRO G 149 -12.02 -28.95 3.62
C PRO G 149 -12.24 -28.09 2.36
N ASP G 150 -11.85 -26.81 2.39
CA ASP G 150 -12.07 -25.83 1.29
C ASP G 150 -10.79 -25.44 0.56
N LYS G 151 -9.64 -25.27 1.25
CA LYS G 151 -8.38 -24.87 0.56
C LYS G 151 -7.09 -25.28 1.31
N CYS G 152 -5.97 -25.22 0.62
CA CYS G 152 -4.64 -25.59 1.15
C CYS G 152 -3.87 -24.38 1.69
N TYR G 153 -3.09 -24.62 2.72
CA TYR G 153 -2.25 -23.61 3.39
C TYR G 153 -0.79 -24.05 3.37
N GLN G 154 0.09 -23.09 3.21
CA GLN G 154 1.54 -23.33 3.36
C GLN G 154 1.97 -22.88 4.77
N PHE G 155 2.75 -23.73 5.44
CA PHE G 155 3.31 -23.48 6.79
C PHE G 155 4.83 -23.47 6.72
N ALA G 156 5.47 -22.69 7.57
CA ALA G 156 6.94 -22.76 7.73
C ALA G 156 7.40 -22.28 9.12
N LEU G 157 8.58 -22.68 9.56
CA LEU G 157 9.15 -22.16 10.81
C LEU G 157 9.95 -20.91 10.48
N GLY G 158 9.45 -19.75 10.83
CA GLY G 158 10.16 -18.47 10.58
C GLY G 158 11.38 -18.32 11.47
N GLN G 159 12.32 -17.50 11.08
CA GLN G 159 13.52 -17.20 11.90
C GLN G 159 13.37 -15.83 12.58
N GLY G 160 12.14 -15.35 12.81
CA GLY G 160 11.88 -14.04 13.47
C GLY G 160 12.55 -12.85 12.76
N THR G 161 12.62 -12.84 11.43
CA THR G 161 13.26 -11.78 10.60
C THR G 161 12.81 -11.87 9.12
N THR G 162 12.94 -10.77 8.38
CA THR G 162 12.84 -10.73 6.90
C THR G 162 14.24 -10.97 6.30
N LEU G 163 14.34 -11.21 5.00
CA LEU G 163 15.62 -11.64 4.36
C LEU G 163 16.55 -10.45 4.18
N ASN G 164 16.09 -9.32 3.65
CA ASN G 164 16.93 -8.10 3.49
C ASN G 164 16.93 -7.32 4.80
N ASN G 165 17.61 -7.84 5.83
CA ASN G 165 17.53 -7.38 7.26
C ASN G 165 18.81 -7.81 7.99
N VAL G 166 19.34 -7.01 8.91
CA VAL G 166 20.57 -7.38 9.70
C VAL G 166 20.33 -8.65 10.52
N HIS G 167 19.10 -8.93 10.94
CA HIS G 167 18.77 -10.13 11.75
C HIS G 167 18.74 -11.42 10.88
N SER G 168 18.90 -11.35 9.56
CA SER G 168 18.92 -12.55 8.67
C SER G 168 20.27 -13.30 8.79
N ASN G 169 21.33 -12.64 9.26
CA ASN G 169 22.66 -13.26 9.53
C ASN G 169 22.56 -14.46 10.52
N ASN G 170 23.37 -15.50 10.32
CA ASN G 170 23.43 -16.72 11.16
C ASN G 170 22.06 -17.43 11.25
N THR G 171 21.18 -17.34 10.24
CA THR G 171 19.86 -18.06 10.28
C THR G 171 19.99 -19.55 9.92
N VAL G 172 21.19 -20.12 10.04
CA VAL G 172 21.44 -21.57 9.83
C VAL G 172 21.00 -22.42 11.07
N ARG G 173 20.99 -21.86 12.28
CA ARG G 173 20.61 -22.56 13.54
C ARG G 173 19.13 -22.91 13.57
N ASP G 174 18.80 -24.13 14.00
CA ASP G 174 17.41 -24.64 13.90
C ASP G 174 16.61 -24.27 15.16
N ARG G 175 17.27 -24.02 16.29
CA ARG G 175 16.57 -23.69 17.59
C ARG G 175 17.03 -22.30 18.10
N THR G 176 16.06 -21.36 18.22
CA THR G 176 16.23 -20.03 18.88
C THR G 176 14.89 -19.68 19.56
N PRO G 177 14.87 -18.70 20.51
CA PRO G 177 13.60 -18.25 21.09
C PRO G 177 12.65 -17.50 20.14
N TYR G 178 13.17 -17.01 18.99
CA TYR G 178 12.47 -16.15 18.02
C TYR G 178 11.69 -16.96 16.96
N ARG G 179 11.89 -18.28 16.84
CA ARG G 179 11.18 -19.08 15.81
C ARG G 179 9.69 -19.14 16.12
N THR G 180 8.87 -18.94 15.09
CA THR G 180 7.37 -18.98 15.20
C THR G 180 6.81 -19.75 14.00
N LEU G 181 5.65 -20.35 14.16
CA LEU G 181 4.98 -21.02 13.04
C LEU G 181 4.24 -19.98 12.18
N LEU G 182 4.67 -19.78 10.92
CA LEU G 182 3.96 -18.92 9.92
C LEU G 182 2.83 -19.70 9.22
N MET G 183 1.72 -19.06 8.86
CA MET G 183 0.60 -19.70 8.13
C MET G 183 0.00 -18.74 7.08
N ASN G 184 -0.17 -19.20 5.82
CA ASN G 184 -0.75 -18.46 4.68
C ASN G 184 -1.53 -19.43 3.78
N GLU G 185 -2.47 -18.95 2.96
CA GLU G 185 -3.06 -19.79 1.88
C GLU G 185 -1.98 -20.18 0.87
N LEU G 186 -2.07 -21.39 0.30
CA LEU G 186 -1.03 -21.92 -0.62
C LEU G 186 -0.91 -20.96 -1.82
N GLY G 187 0.29 -20.48 -2.11
CA GLY G 187 0.46 -19.55 -3.22
C GLY G 187 0.70 -18.11 -2.80
N VAL G 188 0.24 -17.69 -1.61
CA VAL G 188 0.56 -16.34 -1.06
C VAL G 188 1.92 -16.36 -0.36
N PRO G 189 2.97 -15.69 -0.85
CA PRO G 189 4.29 -15.80 -0.24
C PRO G 189 4.30 -15.22 1.19
N PHE G 190 5.28 -15.56 2.03
CA PHE G 190 5.34 -15.07 3.43
C PHE G 190 5.86 -13.60 3.42
N HIS G 191 4.93 -12.65 3.23
CA HIS G 191 5.13 -11.17 3.32
C HIS G 191 4.83 -10.68 4.77
N LEU G 192 5.07 -9.38 5.06
CA LEU G 192 4.95 -8.82 6.45
C LEU G 192 3.52 -8.94 7.02
N GLY G 193 2.48 -9.13 6.23
CA GLY G 193 1.13 -9.32 6.78
C GLY G 193 0.81 -10.74 7.22
N THR G 194 1.76 -11.68 7.14
CA THR G 194 1.54 -13.13 7.46
C THR G 194 1.26 -13.29 8.97
N LYS G 195 0.34 -14.18 9.33
CA LYS G 195 0.07 -14.53 10.76
C LYS G 195 1.10 -15.50 11.39
N GLN G 196 1.63 -15.19 12.59
CA GLN G 196 2.39 -16.14 13.42
C GLN G 196 1.44 -16.91 14.35
N VAL G 197 1.18 -18.21 14.16
CA VAL G 197 0.14 -18.92 14.98
C VAL G 197 0.66 -19.41 16.36
N CYS G 198 1.98 -19.54 16.59
CA CYS G 198 2.54 -19.97 17.91
C CYS G 198 4.05 -19.81 18.01
N ILE G 199 4.65 -19.88 19.21
CA ILE G 199 6.15 -19.92 19.32
C ILE G 199 6.58 -21.37 19.10
N ALA G 200 7.54 -21.61 18.19
CA ALA G 200 7.94 -23.00 17.85
C ALA G 200 9.29 -23.05 17.15
N TRP G 201 10.15 -24.00 17.52
CA TRP G 201 11.31 -24.39 16.69
C TRP G 201 11.09 -25.83 16.13
N SER G 202 9.96 -26.48 16.38
CA SER G 202 9.54 -27.72 15.74
C SER G 202 8.00 -27.77 15.77
N SER G 203 7.30 -28.36 14.79
CA SER G 203 5.82 -28.33 14.79
C SER G 203 5.14 -29.33 13.86
N SER G 204 3.85 -29.42 14.02
CA SER G 204 2.94 -30.20 13.16
C SER G 204 1.56 -29.56 13.24
N SER G 205 0.78 -29.54 12.16
CA SER G 205 -0.57 -28.95 12.13
C SER G 205 -1.54 -29.89 11.41
N CYS G 206 -2.81 -29.84 11.74
CA CYS G 206 -3.84 -30.52 10.91
C CYS G 206 -5.23 -29.95 11.22
N HIS G 207 -6.16 -30.14 10.31
CA HIS G 207 -7.54 -29.64 10.44
C HIS G 207 -8.47 -30.84 10.58
N ASP G 208 -9.23 -30.90 11.65
CA ASP G 208 -9.98 -32.13 12.01
C ASP G 208 -11.36 -32.16 11.29
N GLY G 209 -11.66 -31.16 10.47
CA GLY G 209 -12.98 -30.99 9.84
C GLY G 209 -13.83 -29.91 10.51
N LYS G 210 -13.49 -29.51 11.74
CA LYS G 210 -14.14 -28.38 12.47
C LYS G 210 -13.16 -27.25 12.75
N ALA G 211 -11.91 -27.52 13.12
CA ALA G 211 -10.90 -26.46 13.43
C ALA G 211 -9.45 -26.94 13.34
N TRP G 212 -8.52 -26.01 13.29
CA TRP G 212 -7.08 -26.34 13.25
C TRP G 212 -6.57 -26.78 14.63
N LEU G 213 -5.68 -27.78 14.64
CA LEU G 213 -4.78 -28.14 15.78
C LEU G 213 -3.35 -27.78 15.40
N HIS G 214 -2.64 -27.07 16.26
CA HIS G 214 -1.19 -26.83 16.06
C HIS G 214 -0.44 -27.41 17.26
N VAL G 215 0.61 -28.19 16.99
CA VAL G 215 1.49 -28.76 18.05
C VAL G 215 2.80 -28.03 17.95
N CYS G 216 3.13 -27.25 18.97
CA CYS G 216 4.23 -26.25 18.90
C CYS G 216 5.26 -26.55 20.01
N ILE G 217 6.54 -26.66 19.68
CA ILE G 217 7.58 -27.06 20.66
C ILE G 217 8.59 -25.92 20.76
N THR G 218 8.91 -25.49 21.99
CA THR G 218 9.95 -24.44 22.21
C THR G 218 10.54 -24.59 23.61
N GLY G 219 11.62 -23.86 23.88
CA GLY G 219 12.25 -23.85 25.21
C GLY G 219 13.73 -24.20 25.15
N ASP G 220 14.30 -24.55 26.29
CA ASP G 220 15.68 -25.08 26.42
C ASP G 220 15.78 -26.47 25.75
N ASP G 221 16.94 -26.79 25.16
CA ASP G 221 17.19 -28.11 24.51
C ASP G 221 16.90 -29.25 25.52
N LYS G 222 17.38 -29.08 26.75
CA LYS G 222 17.33 -30.14 27.80
C LYS G 222 16.00 -30.10 28.55
N ASN G 223 15.09 -29.13 28.29
CA ASN G 223 13.83 -29.03 29.06
C ASN G 223 12.72 -28.35 28.24
N ALA G 224 12.46 -28.80 27.01
CA ALA G 224 11.48 -28.16 26.08
C ALA G 224 10.04 -28.45 26.51
N THR G 225 9.12 -27.61 26.03
CA THR G 225 7.65 -27.76 26.27
C THR G 225 6.94 -27.96 24.94
N ALA G 226 5.97 -28.85 24.87
CA ALA G 226 5.05 -28.97 23.73
C ALA G 226 3.71 -28.37 24.10
N SER G 227 3.26 -27.32 23.40
CA SER G 227 1.93 -26.68 23.58
C SER G 227 0.93 -27.16 22.51
N PHE G 228 -0.26 -27.53 22.91
CA PHE G 228 -1.34 -27.98 22.02
C PHE G 228 -2.37 -26.83 21.91
N ILE G 229 -2.42 -26.18 20.77
CA ILE G 229 -3.33 -25.04 20.49
C ILE G 229 -4.43 -25.50 19.54
N TYR G 230 -5.68 -25.42 19.95
CA TYR G 230 -6.82 -25.89 19.15
C TYR G 230 -7.92 -24.84 19.15
N ASN G 231 -8.46 -24.57 17.97
CA ASN G 231 -9.50 -23.53 17.73
C ASN G 231 -9.02 -22.17 18.31
N GLY G 232 -7.74 -21.85 18.16
CA GLY G 232 -7.26 -20.50 18.51
C GLY G 232 -6.75 -20.35 19.93
N ARG G 233 -6.87 -21.37 20.79
CA ARG G 233 -6.52 -21.23 22.24
C ARG G 233 -5.72 -22.42 22.78
N LEU G 234 -4.85 -22.18 23.76
CA LEU G 234 -3.98 -23.24 24.35
C LEU G 234 -4.83 -24.16 25.21
N VAL G 235 -4.86 -25.47 24.90
CA VAL G 235 -5.74 -26.46 25.58
C VAL G 235 -4.94 -27.42 26.45
N ASP G 236 -3.65 -27.68 26.14
CA ASP G 236 -2.84 -28.68 26.88
C ASP G 236 -1.35 -28.44 26.68
N SER G 237 -0.51 -29.03 27.53
CA SER G 237 0.97 -28.98 27.34
C SER G 237 1.71 -30.10 28.07
N VAL G 238 2.87 -30.49 27.56
CA VAL G 238 3.64 -31.65 28.08
C VAL G 238 5.14 -31.34 27.99
N VAL G 239 5.93 -31.84 28.94
CA VAL G 239 7.39 -31.49 29.04
C VAL G 239 8.24 -32.65 28.47
N SER G 240 9.43 -32.31 27.97
CA SER G 240 10.47 -33.26 27.49
C SER G 240 10.64 -34.45 28.45
N TRP G 241 10.40 -35.69 27.99
CA TRP G 241 10.48 -36.91 28.84
C TRP G 241 11.90 -37.51 28.89
N SER G 242 12.77 -37.23 27.94
CA SER G 242 14.17 -37.76 27.90
C SER G 242 15.19 -36.64 28.03
N LYS G 243 14.76 -35.39 28.19
CA LYS G 243 15.65 -34.19 28.37
C LYS G 243 16.69 -34.06 27.26
N GLU G 244 16.32 -34.33 25.99
CA GLU G 244 17.29 -34.24 24.87
C GLU G 244 16.59 -33.92 23.55
N ILE G 245 16.22 -32.66 23.37
CA ILE G 245 15.55 -32.05 22.19
C ILE G 245 14.25 -32.80 21.80
N LEU G 246 13.18 -32.57 22.54
CA LEU G 246 11.82 -33.04 22.18
C LEU G 246 11.50 -32.51 20.77
N ARG G 247 10.97 -33.36 19.86
CA ARG G 247 10.76 -32.95 18.43
C ARG G 247 9.56 -33.68 17.83
N THR G 248 9.02 -33.14 16.72
CA THR G 248 7.87 -33.77 16.01
C THR G 248 8.06 -33.78 14.47
N GLN G 249 6.97 -34.01 13.72
CA GLN G 249 6.94 -34.46 12.29
C GLN G 249 7.46 -33.43 11.25
N GLU G 250 7.45 -32.10 11.51
CA GLU G 250 7.74 -31.04 10.52
C GLU G 250 6.85 -31.25 9.25
N SER G 251 5.61 -31.73 9.44
CA SER G 251 4.62 -31.95 8.37
C SER G 251 3.23 -32.15 8.98
N GLU G 252 2.19 -32.33 8.18
CA GLU G 252 0.83 -32.42 8.71
C GLU G 252 0.60 -33.67 9.57
N CYS G 253 -0.16 -33.53 10.65
CA CYS G 253 -0.69 -34.65 11.47
C CYS G 253 -1.94 -35.22 10.75
N VAL G 254 -2.55 -36.28 11.25
CA VAL G 254 -3.73 -36.89 10.57
C VAL G 254 -4.83 -37.10 11.61
N CYS G 255 -6.08 -36.74 11.27
CA CYS G 255 -7.23 -36.80 12.19
C CYS G 255 -8.32 -37.68 11.57
N ILE G 256 -8.84 -38.66 12.33
CA ILE G 256 -10.02 -39.46 11.92
C ILE G 256 -11.05 -39.39 13.06
N ASN G 257 -12.31 -39.07 12.73
CA ASN G 257 -13.44 -38.96 13.69
C ASN G 257 -13.06 -38.08 14.91
N GLY G 258 -12.32 -37.00 14.70
CA GLY G 258 -12.01 -36.05 15.78
C GLY G 258 -10.76 -36.41 16.59
N THR G 259 -10.19 -37.62 16.42
CA THR G 259 -8.94 -38.00 17.13
C THR G 259 -7.77 -37.74 16.18
N CYS G 260 -6.92 -36.79 16.52
CA CYS G 260 -5.68 -36.50 15.74
C CYS G 260 -4.53 -37.33 16.32
N THR G 261 -3.59 -37.76 15.49
CA THR G 261 -2.38 -38.51 15.92
C THR G 261 -1.14 -37.73 15.55
N VAL G 262 -0.18 -37.72 16.46
CA VAL G 262 1.13 -37.08 16.16
C VAL G 262 2.25 -37.96 16.69
N VAL G 263 3.35 -38.04 15.95
CA VAL G 263 4.56 -38.82 16.38
C VAL G 263 5.54 -37.82 17.00
N MET G 264 6.02 -38.12 18.20
CA MET G 264 7.02 -37.27 18.91
C MET G 264 8.20 -38.10 19.43
N THR G 265 9.39 -37.56 19.35
CA THR G 265 10.63 -38.28 19.74
C THR G 265 11.43 -37.39 20.71
N ASP G 266 12.05 -38.05 21.70
CA ASP G 266 12.99 -37.37 22.63
C ASP G 266 14.18 -38.29 22.87
N GLY G 267 15.39 -37.75 23.01
CA GLY G 267 16.58 -38.60 23.11
C GLY G 267 17.49 -38.51 21.90
N SER G 268 18.54 -39.35 21.88
CA SER G 268 19.71 -39.27 20.95
C SER G 268 19.31 -39.39 19.46
N ALA G 269 20.06 -38.72 18.59
CA ALA G 269 19.90 -38.87 17.11
C ALA G 269 20.81 -40.00 16.57
N SER G 270 21.82 -40.43 17.32
CA SER G 270 22.86 -41.42 16.90
C SER G 270 22.89 -42.67 17.82
N GLY G 271 21.72 -43.02 18.38
CA GLY G 271 21.51 -44.09 19.34
C GLY G 271 20.04 -44.24 19.68
N LYS G 272 19.69 -45.19 20.54
CA LYS G 272 18.28 -45.48 20.91
C LYS G 272 17.60 -44.23 21.50
N ALA G 273 16.35 -43.99 21.11
CA ALA G 273 15.56 -42.80 21.48
C ALA G 273 14.13 -43.20 21.90
N ASP G 274 13.42 -42.33 22.60
CA ASP G 274 12.10 -42.61 23.20
C ASP G 274 11.01 -41.98 22.32
N THR G 275 10.52 -42.73 21.35
CA THR G 275 9.42 -42.27 20.46
C THR G 275 8.06 -42.62 21.07
N LYS G 276 7.15 -41.66 21.08
CA LYS G 276 5.75 -41.88 21.55
C LYS G 276 4.75 -41.34 20.51
N ILE G 277 3.57 -41.92 20.52
CA ILE G 277 2.45 -41.52 19.63
C ILE G 277 1.37 -40.95 20.55
N LEU G 278 1.02 -39.68 20.36
CA LEU G 278 0.02 -38.97 21.20
C LEU G 278 -1.31 -38.91 20.46
N PHE G 279 -2.38 -39.22 21.16
CA PHE G 279 -3.75 -39.15 20.61
C PHE G 279 -4.43 -37.92 21.22
N ILE G 280 -4.85 -36.98 20.37
CA ILE G 280 -5.38 -35.65 20.80
C ILE G 280 -6.82 -35.48 20.32
N GLU G 281 -7.72 -35.03 21.21
CA GLU G 281 -9.12 -34.71 20.88
C GLU G 281 -9.44 -33.28 21.31
N GLU G 282 -9.70 -32.40 20.34
CA GLU G 282 -10.01 -30.96 20.55
C GLU G 282 -8.93 -30.30 21.41
N GLY G 283 -7.68 -30.63 21.13
CA GLY G 283 -6.48 -30.08 21.79
C GLY G 283 -6.07 -30.81 23.07
N LYS G 284 -6.92 -31.63 23.67
CA LYS G 284 -6.67 -32.38 24.94
C LYS G 284 -5.92 -33.68 24.62
N ILE G 285 -4.81 -34.00 25.31
CA ILE G 285 -4.13 -35.32 25.17
C ILE G 285 -5.01 -36.40 25.84
N VAL G 286 -5.56 -37.35 25.09
CA VAL G 286 -6.47 -38.41 25.66
C VAL G 286 -5.76 -39.75 25.86
N HIS G 287 -4.65 -40.00 25.17
CA HIS G 287 -3.86 -41.27 25.29
C HIS G 287 -2.43 -41.06 24.83
N THR G 288 -1.51 -41.91 25.28
CA THR G 288 -0.12 -41.93 24.75
C THR G 288 0.37 -43.38 24.67
N SER G 289 0.88 -43.81 23.51
CA SER G 289 1.44 -45.15 23.22
C SER G 289 2.94 -45.06 22.94
N THR G 290 3.74 -45.98 23.45
CA THR G 290 5.21 -46.02 23.15
C THR G 290 5.42 -46.74 21.82
N LEU G 291 6.44 -46.37 21.04
CA LEU G 291 6.76 -47.07 19.76
C LEU G 291 7.01 -48.58 20.03
N SER G 292 6.50 -49.43 19.15
CA SER G 292 6.54 -50.91 19.24
C SER G 292 6.78 -51.52 17.86
N GLY G 293 7.26 -52.77 17.78
CA GLY G 293 7.70 -53.40 16.51
C GLY G 293 9.20 -53.27 16.25
N SER G 294 9.64 -53.49 15.01
CA SER G 294 11.08 -53.66 14.68
C SER G 294 11.75 -52.37 14.23
N ALA G 295 11.06 -51.23 14.08
CA ALA G 295 11.74 -49.96 13.71
C ALA G 295 12.70 -49.56 14.85
N GLN G 296 13.96 -49.25 14.56
CA GLN G 296 14.94 -48.96 15.64
C GLN G 296 15.23 -47.47 15.84
N HIS G 297 14.90 -46.60 14.89
CA HIS G 297 15.04 -45.13 15.06
C HIS G 297 13.95 -44.44 14.24
N VAL G 298 13.17 -43.53 14.84
CA VAL G 298 12.01 -42.88 14.18
C VAL G 298 12.06 -41.35 14.39
N GLU G 299 12.26 -40.61 13.29
CA GLU G 299 12.33 -39.14 13.21
C GLU G 299 11.41 -38.62 12.09
N GLU G 300 10.84 -37.42 12.27
CA GLU G 300 10.22 -36.53 11.24
C GLU G 300 9.22 -37.30 10.33
N CYS G 301 8.37 -38.14 10.88
CA CYS G 301 7.44 -38.93 10.05
C CYS G 301 6.62 -38.11 9.04
N SER G 302 6.42 -38.67 7.83
CA SER G 302 5.44 -38.19 6.83
C SER G 302 4.24 -39.14 6.89
N CYS G 303 3.12 -38.67 7.40
CA CYS G 303 1.96 -39.55 7.70
C CYS G 303 0.79 -39.29 6.75
N TYR G 304 0.02 -40.32 6.45
CA TYR G 304 -1.17 -40.21 5.56
C TYR G 304 -2.30 -41.06 6.05
N PRO G 305 -3.57 -40.60 5.88
CA PRO G 305 -4.73 -41.41 6.24
C PRO G 305 -4.85 -42.61 5.31
N ARG G 306 -5.06 -43.78 5.93
CA ARG G 306 -5.16 -45.10 5.27
C ARG G 306 -6.26 -45.86 5.99
N TYR G 307 -7.47 -45.34 5.86
CA TYR G 307 -8.66 -45.69 6.65
C TYR G 307 -8.78 -47.21 6.76
N PRO G 308 -9.06 -47.80 7.95
CA PRO G 308 -9.39 -47.07 9.19
C PRO G 308 -8.21 -46.52 10.02
N GLY G 309 -6.97 -46.70 9.60
CA GLY G 309 -5.81 -46.23 10.42
C GLY G 309 -5.02 -45.10 9.80
N VAL G 310 -3.83 -44.89 10.34
CA VAL G 310 -2.85 -43.90 9.83
C VAL G 310 -1.53 -44.63 9.58
N ARG G 311 -0.85 -44.31 8.49
CA ARG G 311 0.44 -44.94 8.11
C ARG G 311 1.49 -43.84 7.98
N CYS G 312 2.70 -44.11 8.45
CA CYS G 312 3.77 -43.09 8.48
C CYS G 312 5.08 -43.68 7.92
N VAL G 313 5.75 -42.96 7.04
CA VAL G 313 7.07 -43.37 6.51
C VAL G 313 8.05 -42.30 7.02
N CYS G 314 9.10 -42.71 7.70
CA CYS G 314 9.89 -41.81 8.59
C CYS G 314 11.39 -41.84 8.25
N ARG G 315 12.21 -41.18 9.06
CA ARG G 315 13.68 -41.06 8.88
C ARG G 315 14.36 -41.90 9.96
N ASP G 316 15.40 -42.67 9.64
CA ASP G 316 16.27 -43.40 10.59
C ASP G 316 17.67 -42.76 10.53
N ASN G 317 18.04 -41.98 11.55
CA ASN G 317 19.33 -41.25 11.60
C ASN G 317 20.45 -42.15 12.11
N TRP G 318 20.15 -43.35 12.59
CA TRP G 318 21.11 -44.20 13.35
C TRP G 318 21.76 -45.30 12.48
N LYS G 319 20.98 -46.19 11.85
CA LYS G 319 21.54 -47.38 11.14
C LYS G 319 20.89 -47.69 9.77
N GLY G 320 19.69 -47.19 9.44
CA GLY G 320 19.03 -47.50 8.16
C GLY G 320 19.27 -46.46 7.07
N SER G 321 19.52 -46.85 5.81
CA SER G 321 19.25 -45.98 4.63
C SER G 321 17.92 -46.41 3.98
N ASN G 322 17.36 -47.53 4.38
CA ASN G 322 15.94 -47.88 4.11
C ASN G 322 15.07 -47.09 5.11
N ARG G 323 13.83 -46.72 4.76
CA ARG G 323 12.96 -45.89 5.64
C ARG G 323 12.14 -46.78 6.57
N PRO G 324 11.99 -46.43 7.89
CA PRO G 324 11.05 -47.11 8.77
C PRO G 324 9.60 -46.80 8.40
N ILE G 325 8.74 -47.76 8.72
CA ILE G 325 7.27 -47.64 8.62
C ILE G 325 6.70 -47.71 10.04
N VAL G 326 5.73 -46.86 10.37
CA VAL G 326 4.94 -46.99 11.63
C VAL G 326 3.46 -47.01 11.26
N ASP G 327 2.75 -48.03 11.69
CA ASP G 327 1.28 -48.16 11.45
C ASP G 327 0.56 -47.92 12.78
N ILE G 328 -0.43 -47.03 12.79
CA ILE G 328 -1.08 -46.53 14.03
C ILE G 328 -2.55 -46.90 13.97
N ASN G 329 -3.08 -47.52 15.00
CA ASN G 329 -4.51 -47.89 15.10
C ASN G 329 -5.26 -46.81 15.90
N ILE G 330 -6.24 -46.15 15.29
CA ILE G 330 -7.01 -45.02 15.92
C ILE G 330 -8.02 -45.58 16.96
N LYS G 331 -8.52 -46.80 16.83
CA LYS G 331 -9.62 -47.31 17.68
C LYS G 331 -9.10 -47.91 18.99
N ASP G 332 -7.91 -48.52 19.00
CA ASP G 332 -7.38 -49.21 20.21
C ASP G 332 -5.97 -48.71 20.60
N HIS G 333 -5.47 -47.68 19.94
CA HIS G 333 -4.16 -47.01 20.21
C HIS G 333 -2.96 -47.95 20.03
N SER G 334 -3.12 -49.13 19.42
CA SER G 334 -1.99 -50.08 19.18
C SER G 334 -1.02 -49.57 18.09
N ILE G 335 0.25 -49.94 18.20
CA ILE G 335 1.34 -49.48 17.29
C ILE G 335 2.13 -50.71 16.78
N VAL G 336 2.54 -50.71 15.52
CA VAL G 336 3.46 -51.74 14.93
C VAL G 336 4.41 -51.06 13.95
N SER G 337 5.59 -51.61 13.73
CA SER G 337 6.62 -50.92 12.91
C SER G 337 7.60 -51.89 12.26
N SER G 338 8.21 -51.44 11.17
CA SER G 338 8.98 -52.26 10.20
C SER G 338 9.74 -51.34 9.24
N TYR G 339 10.23 -51.82 8.09
CA TYR G 339 10.96 -50.99 7.10
C TYR G 339 10.39 -51.17 5.68
N VAL G 340 10.53 -50.15 4.82
CA VAL G 340 10.12 -50.19 3.39
C VAL G 340 11.02 -51.24 2.67
N CYS G 341 10.40 -52.28 2.14
CA CYS G 341 11.08 -53.46 1.55
C CYS G 341 11.95 -53.10 0.32
N SER G 342 11.50 -52.24 -0.59
CA SER G 342 12.15 -51.83 -1.87
C SER G 342 13.68 -51.88 -1.86
N GLY G 343 14.28 -52.54 -2.86
CA GLY G 343 15.75 -52.64 -2.99
C GLY G 343 16.35 -51.30 -3.41
N LEU G 344 15.55 -50.43 -4.00
CA LEU G 344 15.89 -49.00 -4.24
C LEU G 344 15.48 -48.24 -2.97
N VAL G 345 16.44 -47.75 -2.18
CA VAL G 345 16.15 -47.13 -0.85
C VAL G 345 15.94 -45.60 -0.96
N GLY G 346 15.12 -45.02 -0.06
CA GLY G 346 14.64 -43.62 -0.09
C GLY G 346 15.46 -42.56 0.70
N ASP G 347 16.39 -42.95 1.55
CA ASP G 347 17.13 -42.00 2.43
C ASP G 347 18.37 -41.42 1.74
N THR G 348 18.96 -40.40 2.33
CA THR G 348 20.19 -39.75 1.84
C THR G 348 21.01 -39.39 3.07
N PRO G 349 22.27 -39.86 3.27
CA PRO G 349 23.02 -40.70 2.31
C PRO G 349 22.49 -42.15 2.21
N ARG G 350 22.94 -42.83 1.15
CA ARG G 350 22.59 -44.24 0.80
C ARG G 350 23.66 -44.80 -0.16
N LYS G 351 23.70 -46.11 -0.40
CA LYS G 351 24.54 -46.71 -1.48
C LYS G 351 23.83 -46.53 -2.83
N ASN G 352 24.57 -46.58 -3.93
CA ASN G 352 24.00 -46.46 -5.31
C ASN G 352 23.08 -47.65 -5.62
N ASP G 353 22.20 -47.52 -6.62
CA ASP G 353 21.16 -48.53 -6.93
C ASP G 353 21.79 -49.86 -7.37
N SER G 354 23.01 -49.85 -7.89
CA SER G 354 23.77 -51.07 -8.29
C SER G 354 24.16 -51.94 -7.09
N SER G 355 24.31 -51.36 -5.90
CA SER G 355 24.91 -52.04 -4.71
C SER G 355 24.04 -51.94 -3.45
N SER G 356 23.03 -51.07 -3.39
CA SER G 356 22.07 -50.97 -2.25
C SER G 356 21.27 -52.27 -2.07
N SER G 357 20.85 -52.52 -0.84
CA SER G 357 19.94 -53.62 -0.46
C SER G 357 19.02 -53.16 0.67
N SER G 358 17.99 -53.95 0.96
CA SER G 358 17.02 -53.61 2.03
C SER G 358 16.51 -54.88 2.71
N HIS G 359 15.84 -54.68 3.83
CA HIS G 359 15.25 -55.73 4.70
C HIS G 359 13.87 -55.24 5.11
N CYS G 360 12.87 -56.11 5.18
CA CYS G 360 11.48 -55.71 5.54
C CYS G 360 11.35 -55.42 7.05
N LEU G 361 12.27 -55.89 7.90
CA LEU G 361 12.16 -55.74 9.39
C LEU G 361 13.29 -54.92 10.02
N ASP G 362 14.49 -54.89 9.43
CA ASP G 362 15.71 -54.32 10.09
C ASP G 362 16.32 -53.17 9.31
N PRO G 363 17.07 -52.26 9.97
CA PRO G 363 17.86 -51.27 9.24
C PRO G 363 18.89 -52.01 8.39
N ASN G 364 19.05 -51.60 7.14
CA ASN G 364 19.92 -52.29 6.16
C ASN G 364 21.42 -52.14 6.50
N ASN G 365 21.81 -51.26 7.43
CA ASN G 365 23.23 -51.04 7.86
C ASN G 365 24.13 -50.60 6.69
N GLU G 366 23.57 -49.97 5.65
CA GLU G 366 24.35 -49.41 4.51
C GLU G 366 24.24 -47.89 4.59
N GLU G 367 25.35 -47.16 4.79
CA GLU G 367 25.34 -45.67 4.93
C GLU G 367 24.22 -45.22 5.89
N GLY G 368 24.02 -45.92 7.01
CA GLY G 368 22.82 -45.76 7.88
C GLY G 368 22.79 -44.40 8.59
N GLY G 369 23.93 -43.90 9.07
CA GLY G 369 24.01 -42.65 9.84
C GLY G 369 23.53 -41.45 9.06
N HIS G 370 22.85 -40.50 9.72
CA HIS G 370 22.23 -39.31 9.09
C HIS G 370 21.08 -39.73 8.16
N GLY G 371 20.42 -38.73 7.56
CA GLY G 371 19.20 -38.93 6.74
C GLY G 371 18.62 -37.62 6.23
N VAL G 372 17.44 -37.71 5.62
CA VAL G 372 16.64 -36.51 5.20
C VAL G 372 15.15 -36.87 5.30
N LYS G 373 14.30 -35.89 5.64
CA LYS G 373 12.84 -36.14 5.74
C LYS G 373 12.30 -36.43 4.32
N GLY G 374 11.57 -37.56 4.19
CA GLY G 374 11.07 -38.00 2.88
C GLY G 374 9.74 -38.69 2.99
N TRP G 375 9.29 -39.38 1.96
CA TRP G 375 7.94 -40.02 1.96
C TRP G 375 7.90 -41.23 1.02
N ALA G 376 6.92 -42.11 1.22
CA ALA G 376 6.58 -43.20 0.25
C ALA G 376 5.13 -43.61 0.51
N PHE G 377 4.42 -44.17 -0.45
CA PHE G 377 3.06 -44.71 -0.15
C PHE G 377 2.77 -45.96 -0.98
N ASP G 378 1.93 -46.83 -0.43
CA ASP G 378 1.65 -48.16 -1.02
C ASP G 378 0.58 -48.01 -2.12
N ASP G 379 0.71 -48.87 -3.13
CA ASP G 379 -0.19 -48.97 -4.30
C ASP G 379 -0.33 -50.47 -4.62
N GLY G 380 -1.16 -51.20 -3.86
CA GLY G 380 -1.17 -52.68 -3.87
C GLY G 380 0.17 -53.22 -3.38
N ASN G 381 0.87 -54.04 -4.16
CA ASN G 381 2.22 -54.52 -3.80
C ASN G 381 3.31 -53.53 -4.22
N ASP G 382 2.97 -52.55 -5.04
CA ASP G 382 3.97 -51.56 -5.54
C ASP G 382 4.15 -50.43 -4.52
N VAL G 383 5.22 -49.68 -4.65
CA VAL G 383 5.41 -48.44 -3.83
C VAL G 383 5.71 -47.25 -4.77
N TRP G 384 5.06 -46.13 -4.51
CA TRP G 384 5.44 -44.79 -5.06
C TRP G 384 6.34 -44.10 -4.05
N MET G 385 7.43 -43.51 -4.51
CA MET G 385 8.32 -42.82 -3.55
C MET G 385 9.10 -41.69 -4.22
N GLY G 386 9.49 -40.70 -3.43
CA GLY G 386 10.35 -39.58 -3.88
C GLY G 386 11.70 -39.62 -3.17
N ARG G 387 12.77 -39.21 -3.84
CA ARG G 387 14.11 -39.11 -3.20
C ARG G 387 15.04 -38.13 -3.94
N THR G 388 16.12 -37.70 -3.30
CA THR G 388 17.13 -36.85 -3.95
C THR G 388 17.75 -37.64 -5.10
N ILE G 389 18.08 -36.99 -6.22
CA ILE G 389 18.68 -37.72 -7.38
C ILE G 389 20.10 -38.17 -7.00
N ASN G 390 20.85 -37.32 -6.32
CA ASN G 390 22.22 -37.63 -5.85
C ASN G 390 22.12 -38.54 -4.60
N GLU G 391 23.07 -39.45 -4.41
CA GLU G 391 23.04 -40.47 -3.32
C GLU G 391 23.63 -39.96 -1.99
N THR G 392 24.46 -38.92 -2.00
CA THR G 392 25.25 -38.50 -0.80
C THR G 392 25.08 -37.02 -0.44
N SER G 393 24.20 -36.29 -1.12
CA SER G 393 23.88 -34.87 -0.86
C SER G 393 22.47 -34.53 -1.34
N ARG G 394 21.89 -33.45 -0.84
CA ARG G 394 20.49 -33.08 -1.15
C ARG G 394 20.43 -32.30 -2.48
N LEU G 395 20.82 -32.94 -3.58
CA LEU G 395 20.79 -32.37 -4.96
C LEU G 395 19.77 -33.14 -5.83
N GLY G 396 19.01 -32.39 -6.63
CA GLY G 396 17.93 -32.91 -7.48
C GLY G 396 16.81 -33.56 -6.69
N TYR G 397 15.77 -33.97 -7.40
CA TYR G 397 14.66 -34.72 -6.80
C TYR G 397 13.94 -35.50 -7.89
N GLU G 398 13.62 -36.76 -7.61
CA GLU G 398 12.94 -37.68 -8.56
C GLU G 398 11.84 -38.45 -7.86
N THR G 399 10.84 -38.88 -8.62
CA THR G 399 9.81 -39.82 -8.13
C THR G 399 9.73 -41.01 -9.10
N PHE G 400 9.34 -42.18 -8.61
CA PHE G 400 9.09 -43.36 -9.44
C PHE G 400 8.25 -44.40 -8.74
N LYS G 401 7.76 -45.38 -9.49
CA LYS G 401 7.08 -46.56 -8.93
C LYS G 401 8.06 -47.75 -8.92
N VAL G 402 8.10 -48.53 -7.85
CA VAL G 402 8.89 -49.80 -7.79
C VAL G 402 7.93 -50.96 -7.78
N ILE G 403 8.05 -51.87 -8.73
CA ILE G 403 7.14 -53.04 -8.87
C ILE G 403 7.38 -54.02 -7.72
N GLU G 404 6.32 -54.39 -6.97
CA GLU G 404 6.41 -55.21 -5.73
C GLU G 404 7.27 -54.55 -4.63
N GLY G 405 7.66 -53.28 -4.75
CA GLY G 405 8.58 -52.64 -3.79
C GLY G 405 8.01 -52.49 -2.38
N TRP G 406 6.70 -52.67 -2.18
CA TRP G 406 6.12 -52.64 -0.81
C TRP G 406 6.19 -53.99 -0.09
N SER G 407 6.37 -55.09 -0.82
CA SER G 407 6.32 -56.47 -0.26
C SER G 407 7.58 -57.34 -0.53
N ASN G 408 8.37 -57.03 -1.55
CA ASN G 408 9.51 -57.89 -1.99
C ASN G 408 10.81 -57.13 -1.75
N PRO G 409 11.69 -57.58 -0.81
CA PRO G 409 12.92 -56.83 -0.50
C PRO G 409 14.03 -56.91 -1.55
N LYS G 410 13.86 -57.76 -2.57
CA LYS G 410 14.88 -57.99 -3.63
C LYS G 410 14.54 -57.26 -4.93
N SER G 411 13.34 -56.68 -5.05
CA SER G 411 12.89 -55.96 -6.26
C SER G 411 13.68 -54.65 -6.49
N LYS G 412 14.14 -54.42 -7.72
CA LYS G 412 14.77 -53.14 -8.18
C LYS G 412 14.17 -52.69 -9.53
N LEU G 413 12.95 -53.14 -9.82
CA LEU G 413 12.27 -52.90 -11.13
C LEU G 413 11.48 -51.59 -11.05
N GLN G 414 12.05 -50.48 -11.51
CA GLN G 414 11.33 -49.16 -11.45
C GLN G 414 10.70 -48.78 -12.80
N ILE G 415 9.66 -47.95 -12.75
CA ILE G 415 8.87 -47.46 -13.91
C ILE G 415 8.25 -46.08 -13.58
N ASN G 416 7.82 -45.33 -14.59
CA ASN G 416 7.12 -44.02 -14.43
C ASN G 416 8.03 -42.99 -13.74
N ARG G 417 9.34 -43.00 -13.96
CA ARG G 417 10.20 -41.97 -13.38
C ARG G 417 9.80 -40.56 -13.86
N GLN G 418 9.83 -39.57 -12.97
CA GLN G 418 9.77 -38.12 -13.29
C GLN G 418 10.88 -37.39 -12.55
N VAL G 419 11.60 -36.50 -13.21
CA VAL G 419 12.43 -35.47 -12.54
C VAL G 419 11.52 -34.31 -12.09
N ILE G 420 11.65 -33.88 -10.83
CA ILE G 420 10.93 -32.68 -10.31
C ILE G 420 11.92 -31.52 -10.26
N VAL G 421 13.12 -31.77 -9.76
CA VAL G 421 14.23 -30.79 -9.70
C VAL G 421 15.43 -31.50 -10.31
N ASP G 422 16.10 -30.87 -11.27
CA ASP G 422 17.21 -31.55 -11.97
C ASP G 422 18.45 -31.68 -11.03
N ARG G 423 19.34 -32.64 -11.34
CA ARG G 423 20.48 -33.01 -10.47
C ARG G 423 21.46 -31.85 -10.16
N GLY G 424 21.41 -30.71 -10.83
CA GLY G 424 22.34 -29.60 -10.53
C GLY G 424 21.76 -28.58 -9.56
N ASN G 425 20.51 -28.73 -9.15
CA ASN G 425 19.79 -27.77 -8.26
C ASN G 425 19.49 -28.39 -6.88
N ARG G 426 19.56 -27.56 -5.83
CA ARG G 426 19.36 -27.98 -4.40
C ARG G 426 17.92 -28.41 -4.14
N SER G 427 17.77 -29.44 -3.33
CA SER G 427 16.47 -29.85 -2.73
C SER G 427 16.58 -29.76 -1.19
N GLY G 428 15.86 -30.59 -0.45
CA GLY G 428 15.77 -30.46 1.01
C GLY G 428 14.75 -31.43 1.55
N TYR G 429 14.00 -31.05 2.58
CA TYR G 429 12.94 -31.93 3.13
C TYR G 429 11.83 -32.12 2.10
N SER G 430 11.10 -33.21 2.20
CA SER G 430 9.93 -33.43 1.34
C SER G 430 8.91 -34.24 2.13
N GLY G 431 7.61 -34.09 1.82
CA GLY G 431 6.60 -34.69 2.67
C GLY G 431 5.31 -34.89 1.91
N ILE G 432 4.49 -35.83 2.36
CA ILE G 432 3.20 -36.12 1.69
C ILE G 432 2.09 -35.26 2.32
N PHE G 433 1.03 -34.95 1.57
CA PHE G 433 -0.24 -34.43 2.14
C PHE G 433 -1.38 -35.03 1.34
N SER G 434 -2.54 -35.17 1.92
CA SER G 434 -3.64 -35.91 1.24
C SER G 434 -4.81 -34.98 1.02
N VAL G 435 -5.43 -35.08 -0.15
CA VAL G 435 -6.53 -34.15 -0.55
C VAL G 435 -7.75 -34.99 -0.87
N GLU G 436 -8.89 -34.65 -0.28
CA GLU G 436 -10.13 -35.43 -0.57
C GLU G 436 -10.78 -34.93 -1.87
N GLY G 437 -10.97 -35.85 -2.82
CA GLY G 437 -11.73 -35.59 -4.06
C GLY G 437 -13.20 -35.99 -3.98
N LYS G 438 -13.90 -35.94 -5.10
CA LYS G 438 -15.36 -36.23 -5.18
C LYS G 438 -15.63 -37.72 -4.88
N SER G 439 -14.71 -38.62 -5.21
CA SER G 439 -14.89 -40.09 -5.01
C SER G 439 -13.62 -40.84 -4.56
N CYS G 440 -12.48 -40.18 -4.37
CA CYS G 440 -11.23 -40.86 -3.95
C CYS G 440 -10.29 -39.90 -3.22
N ILE G 441 -9.35 -40.42 -2.43
CA ILE G 441 -8.32 -39.61 -1.72
C ILE G 441 -7.09 -39.54 -2.61
N ASN G 442 -6.63 -38.35 -2.94
CA ASN G 442 -5.43 -38.16 -3.75
C ASN G 442 -4.19 -37.95 -2.86
N ARG G 443 -2.99 -38.31 -3.37
CA ARG G 443 -1.71 -38.06 -2.68
C ARG G 443 -0.98 -36.94 -3.40
N CYS G 444 -0.44 -36.00 -2.66
CA CYS G 444 0.33 -34.86 -3.20
C CYS G 444 1.61 -34.76 -2.39
N PHE G 445 2.62 -34.07 -2.89
CA PHE G 445 3.86 -33.92 -2.12
C PHE G 445 4.45 -32.53 -2.36
N TYR G 446 5.33 -32.10 -1.46
CA TYR G 446 6.01 -30.79 -1.53
C TYR G 446 7.52 -31.02 -1.46
N VAL G 447 8.33 -30.12 -2.00
CA VAL G 447 9.80 -30.26 -1.90
C VAL G 447 10.37 -28.92 -1.43
N GLU G 448 11.10 -28.91 -0.31
CA GLU G 448 11.78 -27.70 0.19
C GLU G 448 13.00 -27.43 -0.70
N LEU G 449 13.17 -26.20 -1.18
CA LEU G 449 14.31 -25.88 -2.07
C LEU G 449 15.22 -24.95 -1.24
N ILE G 450 16.18 -25.56 -0.53
CA ILE G 450 17.03 -24.82 0.45
C ILE G 450 18.09 -24.01 -0.30
N ARG G 451 18.36 -22.79 0.11
CA ARG G 451 19.38 -21.90 -0.49
C ARG G 451 20.21 -21.18 0.59
N GLY G 452 21.42 -20.77 0.24
CA GLY G 452 22.33 -20.04 1.17
C GLY G 452 23.24 -20.94 2.03
N ARG G 453 23.63 -20.44 3.20
CA ARG G 453 24.59 -21.13 4.11
C ARG G 453 24.07 -22.50 4.54
N LYS G 454 24.96 -23.50 4.73
CA LYS G 454 26.42 -23.41 4.72
C LYS G 454 27.06 -23.74 3.35
N GLU G 455 26.33 -24.38 2.43
CA GLU G 455 26.84 -24.85 1.12
C GLU G 455 27.12 -23.68 0.16
N GLU G 456 26.24 -22.68 0.13
CA GLU G 456 26.40 -21.45 -0.71
C GLU G 456 26.88 -20.32 0.20
N THR G 457 28.06 -19.74 -0.03
CA THR G 457 28.68 -18.73 0.87
C THR G 457 28.64 -17.30 0.27
N GLU G 458 27.94 -17.09 -0.85
CA GLU G 458 27.63 -15.77 -1.45
C GLU G 458 26.82 -14.89 -0.47
N VAL G 459 26.10 -15.50 0.47
CA VAL G 459 25.14 -14.81 1.39
C VAL G 459 25.42 -15.24 2.83
N LEU G 460 24.88 -14.51 3.81
CA LEU G 460 25.02 -14.84 5.26
C LEU G 460 23.80 -15.61 5.77
N TRP G 461 22.70 -15.60 5.02
CA TRP G 461 21.42 -16.18 5.50
C TRP G 461 21.24 -17.63 4.98
N THR G 462 20.25 -18.32 5.51
CA THR G 462 19.79 -19.64 5.03
C THR G 462 18.27 -19.52 4.88
N SER G 463 17.70 -19.91 3.75
CA SER G 463 16.23 -19.80 3.56
C SER G 463 15.74 -20.78 2.49
N ASN G 464 14.44 -20.88 2.25
CA ASN G 464 13.94 -21.84 1.24
C ASN G 464 12.79 -21.29 0.38
N SER G 465 12.62 -21.84 -0.82
CA SER G 465 11.35 -21.77 -1.61
C SER G 465 10.64 -23.12 -1.50
N ILE G 466 9.49 -23.29 -2.13
CA ILE G 466 8.83 -24.61 -2.29
C ILE G 466 8.28 -24.78 -3.71
N VAL G 467 8.12 -26.05 -4.09
CA VAL G 467 7.35 -26.50 -5.29
C VAL G 467 6.41 -27.62 -4.84
N VAL G 468 5.24 -27.70 -5.43
CA VAL G 468 4.19 -28.67 -4.97
C VAL G 468 3.61 -29.42 -6.18
N PHE G 469 3.40 -30.74 -6.07
CA PHE G 469 2.90 -31.65 -7.13
C PHE G 469 1.76 -32.52 -6.61
N CYS G 470 0.80 -32.86 -7.46
CA CYS G 470 -0.34 -33.73 -7.04
C CYS G 470 -0.52 -34.94 -7.98
N GLY G 471 -0.94 -36.05 -7.43
CA GLY G 471 -1.18 -37.30 -8.16
C GLY G 471 -2.26 -37.14 -9.21
N THR G 472 -2.02 -37.68 -10.40
CA THR G 472 -2.96 -37.57 -11.55
C THR G 472 -3.28 -38.97 -12.08
N SER G 473 -4.51 -39.18 -12.52
CA SER G 473 -4.91 -40.42 -13.24
C SER G 473 -4.90 -40.17 -14.75
N GLY G 474 -4.63 -38.94 -15.18
CA GLY G 474 -4.50 -38.55 -16.59
C GLY G 474 -3.08 -38.74 -17.11
N THR G 475 -2.63 -37.80 -17.93
CA THR G 475 -1.31 -37.88 -18.63
C THR G 475 -0.50 -36.60 -18.39
N TYR G 476 0.80 -36.66 -18.63
CA TYR G 476 1.73 -35.58 -18.25
C TYR G 476 3.00 -35.64 -19.11
N GLY G 477 3.79 -34.58 -19.09
CA GLY G 477 4.98 -34.45 -19.92
C GLY G 477 6.26 -34.44 -19.09
N THR G 478 7.14 -33.46 -19.27
CA THR G 478 8.41 -33.35 -18.54
C THR G 478 8.75 -31.89 -18.17
N GLY G 479 9.71 -31.68 -17.27
CA GLY G 479 10.30 -30.35 -16.96
C GLY G 479 11.29 -30.39 -15.80
N SER G 480 11.65 -29.23 -15.26
CA SER G 480 12.40 -29.07 -14.01
C SER G 480 11.97 -27.75 -13.37
N TRP G 481 11.67 -27.71 -12.07
CA TRP G 481 11.14 -26.48 -11.43
C TRP G 481 11.94 -26.10 -10.18
N PRO G 482 13.20 -25.65 -10.33
CA PRO G 482 14.05 -25.30 -9.19
C PRO G 482 13.70 -23.96 -8.52
N ASP G 483 14.49 -23.55 -7.53
CA ASP G 483 14.31 -22.29 -6.76
C ASP G 483 14.41 -21.09 -7.72
N GLY G 484 15.51 -20.95 -8.43
CA GLY G 484 15.61 -19.91 -9.49
C GLY G 484 16.23 -18.58 -9.06
N ALA G 485 16.62 -18.37 -7.81
CA ALA G 485 17.26 -17.09 -7.39
C ALA G 485 18.76 -17.04 -7.74
N ASP G 486 19.27 -15.85 -8.04
CA ASP G 486 20.71 -15.62 -8.32
C ASP G 486 21.43 -15.04 -7.09
N LEU G 487 21.98 -15.92 -6.25
CA LEU G 487 22.58 -15.52 -4.95
C LEU G 487 23.81 -14.64 -5.15
N ASN G 488 24.38 -14.62 -6.35
CA ASN G 488 25.58 -13.78 -6.64
C ASN G 488 25.18 -12.29 -6.66
N LEU G 489 23.92 -11.97 -6.95
CA LEU G 489 23.46 -10.58 -7.19
C LEU G 489 22.62 -10.03 -6.02
N MET G 490 21.79 -10.85 -5.38
CA MET G 490 20.84 -10.39 -4.33
C MET G 490 21.52 -10.09 -2.99
N PRO G 491 20.81 -9.49 -2.00
CA PRO G 491 21.41 -9.09 -0.71
C PRO G 491 22.11 -10.20 0.11
N ILE G 492 23.27 -9.83 0.66
CA ILE G 492 24.19 -10.71 1.43
C ILE G 492 23.64 -10.92 2.85
N ALA H 105 -26.60 -14.81 18.31
CA ALA H 105 -25.57 -14.45 19.34
C ALA H 105 -26.23 -14.00 20.65
N GLU H 106 -25.49 -14.11 21.77
CA GLU H 106 -25.94 -13.68 23.12
C GLU H 106 -24.81 -12.96 23.84
N TYR H 107 -25.13 -12.11 24.82
CA TYR H 107 -24.09 -11.41 25.61
C TYR H 107 -23.28 -12.43 26.44
N ARG H 108 -22.00 -12.15 26.66
CA ARG H 108 -21.12 -12.96 27.54
C ARG H 108 -21.57 -12.92 29.00
N ASN H 109 -21.40 -14.04 29.73
CA ASN H 109 -21.70 -14.07 31.19
C ASN H 109 -20.56 -14.65 32.06
N TRP H 110 -19.54 -15.30 31.51
CA TRP H 110 -18.38 -15.88 32.26
C TRP H 110 -18.77 -16.76 33.47
N SER H 111 -19.92 -17.43 33.44
CA SER H 111 -20.44 -18.20 34.62
C SER H 111 -19.78 -19.59 34.80
N LYS H 112 -18.74 -19.93 34.05
CA LYS H 112 -17.96 -21.19 34.24
C LYS H 112 -16.95 -21.04 35.38
N PRO H 113 -16.54 -22.14 36.07
CA PRO H 113 -15.49 -22.09 37.10
C PRO H 113 -14.09 -21.83 36.56
N GLN H 114 -13.17 -21.38 37.40
CA GLN H 114 -11.76 -21.10 36.99
C GLN H 114 -11.02 -22.44 36.79
N CYS H 115 -10.16 -22.53 35.77
CA CYS H 115 -9.37 -23.75 35.45
C CYS H 115 -8.27 -24.01 36.51
N ASP H 116 -7.89 -25.28 36.69
CA ASP H 116 -6.86 -25.71 37.67
C ASP H 116 -5.44 -25.44 37.15
N ILE H 117 -4.95 -24.23 37.33
CA ILE H 117 -3.62 -23.79 36.83
C ILE H 117 -2.47 -24.40 37.67
N THR H 118 -1.44 -24.94 37.00
CA THR H 118 -0.18 -25.46 37.58
C THR H 118 1.01 -24.62 37.16
N GLY H 119 0.79 -23.66 36.25
CA GLY H 119 1.82 -22.74 35.73
C GLY H 119 1.40 -22.22 34.37
N PHE H 120 2.34 -21.61 33.65
CA PHE H 120 2.04 -20.92 32.36
C PHE H 120 2.92 -21.47 31.23
N ALA H 121 2.31 -21.72 30.08
CA ALA H 121 2.97 -22.24 28.83
C ALA H 121 3.01 -21.15 27.77
N PRO H 122 4.00 -21.09 26.86
CA PRO H 122 4.07 -20.06 25.82
C PRO H 122 2.88 -20.12 24.82
N PHE H 123 2.40 -18.96 24.39
CA PHE H 123 1.24 -18.84 23.46
C PHE H 123 1.55 -17.96 22.23
N SER H 124 2.29 -16.84 22.33
CA SER H 124 2.54 -15.96 21.15
C SER H 124 3.68 -14.97 21.37
N LYS H 125 4.24 -14.46 20.28
CA LYS H 125 5.33 -13.45 20.27
C LYS H 125 5.23 -12.64 18.97
N ASP H 126 5.61 -11.36 18.95
CA ASP H 126 5.35 -10.50 17.76
C ASP H 126 6.63 -10.25 16.93
N ASN H 127 7.78 -10.13 17.56
CA ASN H 127 9.09 -9.87 16.89
C ASN H 127 9.12 -8.48 16.24
N SER H 128 8.28 -7.53 16.65
CA SER H 128 8.14 -6.19 16.01
C SER H 128 9.47 -5.45 15.83
N ILE H 129 10.34 -5.37 16.84
CA ILE H 129 11.58 -4.55 16.67
C ILE H 129 12.52 -5.24 15.67
N ARG H 130 12.64 -6.57 15.67
CA ARG H 130 13.53 -7.31 14.71
C ARG H 130 13.04 -7.11 13.27
N LEU H 131 11.72 -7.21 13.03
CA LEU H 131 11.10 -6.96 11.69
C LEU H 131 11.31 -5.49 11.25
N SER H 132 11.23 -4.54 12.18
CA SER H 132 11.36 -3.08 11.89
C SER H 132 12.69 -2.72 11.25
N ALA H 133 13.75 -3.49 11.44
CA ALA H 133 15.08 -3.16 10.86
C ALA H 133 15.08 -3.28 9.31
N GLY H 134 14.04 -3.90 8.73
CA GLY H 134 13.87 -4.02 7.27
C GLY H 134 12.41 -4.27 6.92
N GLY H 135 11.57 -3.26 7.14
CA GLY H 135 10.10 -3.33 6.98
C GLY H 135 9.40 -2.08 7.51
N ASP H 136 8.15 -1.84 7.13
CA ASP H 136 7.37 -0.65 7.58
C ASP H 136 6.44 -1.04 8.73
N ILE H 137 6.92 -0.84 9.97
CA ILE H 137 6.20 -1.22 11.22
C ILE H 137 5.94 0.06 12.05
N TRP H 138 4.74 0.13 12.64
CA TRP H 138 4.30 1.26 13.52
C TRP H 138 5.10 1.36 14.82
N VAL H 139 5.43 2.57 15.31
CA VAL H 139 5.99 2.81 16.67
C VAL H 139 4.86 2.76 17.72
N THR H 140 5.03 2.03 18.80
CA THR H 140 3.98 1.86 19.85
C THR H 140 4.52 1.83 21.29
N ARG H 141 3.61 1.96 22.25
CA ARG H 141 3.77 1.64 23.70
C ARG H 141 2.40 1.31 24.28
N GLU H 142 2.38 0.83 25.52
CA GLU H 142 1.15 0.50 26.30
C GLU H 142 0.27 -0.50 25.55
N PRO H 143 0.80 -1.67 25.12
CA PRO H 143 -0.01 -2.69 24.46
C PRO H 143 -0.90 -3.51 25.41
N TYR H 144 -1.86 -4.19 24.82
CA TYR H 144 -2.74 -5.11 25.57
C TYR H 144 -3.38 -6.14 24.63
N VAL H 145 -4.00 -7.18 25.19
CA VAL H 145 -4.63 -8.27 24.41
C VAL H 145 -6.06 -8.44 24.92
N SER H 146 -6.99 -8.75 24.02
CA SER H 146 -8.38 -9.09 24.34
C SER H 146 -8.92 -10.05 23.29
N CYS H 147 -9.98 -10.79 23.56
CA CYS H 147 -10.48 -11.83 22.63
C CYS H 147 -11.99 -11.73 22.46
N ASP H 148 -12.48 -11.91 21.24
CA ASP H 148 -13.93 -12.11 20.97
C ASP H 148 -14.25 -13.58 21.18
N PRO H 149 -15.50 -14.06 21.00
CA PRO H 149 -15.81 -15.48 21.18
C PRO H 149 -15.05 -16.48 20.29
N ASP H 150 -14.45 -16.02 19.19
CA ASP H 150 -13.76 -16.86 18.18
C ASP H 150 -12.24 -16.69 18.20
N LYS H 151 -11.69 -15.49 18.37
CA LYS H 151 -10.21 -15.27 18.31
C LYS H 151 -9.71 -14.04 19.09
N CYS H 152 -8.41 -13.98 19.31
CA CYS H 152 -7.76 -12.91 20.09
C CYS H 152 -7.15 -11.82 19.20
N TYR H 153 -7.16 -10.59 19.70
CA TYR H 153 -6.62 -9.39 19.03
C TYR H 153 -5.56 -8.73 19.91
N GLN H 154 -4.59 -8.12 19.29
CA GLN H 154 -3.56 -7.32 19.98
C GLN H 154 -3.87 -5.83 19.73
N PHE H 155 -3.78 -5.01 20.77
CA PHE H 155 -4.03 -3.54 20.72
C PHE H 155 -2.79 -2.79 21.17
N ALA H 156 -2.60 -1.59 20.70
CA ALA H 156 -1.49 -0.70 21.14
C ALA H 156 -1.79 0.77 20.82
N LEU H 157 -1.21 1.69 21.57
CA LEU H 157 -1.34 3.13 21.25
C LEU H 157 -0.20 3.52 20.35
N GLY H 158 -0.49 3.78 19.09
CA GLY H 158 0.52 4.23 18.12
C GLY H 158 1.02 5.64 18.41
N GLN H 159 2.19 5.97 17.92
CA GLN H 159 2.76 7.34 18.00
C GLN H 159 2.58 8.07 16.65
N GLY H 160 1.60 7.67 15.82
CA GLY H 160 1.37 8.30 14.50
C GLY H 160 2.59 8.28 13.56
N THR H 161 3.42 7.23 13.58
CA THR H 161 4.62 7.11 12.69
C THR H 161 5.10 5.65 12.59
N THR H 162 5.81 5.32 11.51
CA THR H 162 6.56 4.03 11.38
C THR H 162 7.92 4.22 12.04
N LEU H 163 8.68 3.14 12.28
CA LEU H 163 9.94 3.22 13.04
C LEU H 163 11.06 3.80 12.18
N ASN H 164 11.29 3.32 10.95
CA ASN H 164 12.34 3.89 10.06
C ASN H 164 11.77 5.11 9.34
N ASN H 165 11.60 6.22 10.06
CA ASN H 165 10.87 7.45 9.61
C ASN H 165 11.41 8.66 10.38
N VAL H 166 11.50 9.86 9.79
CA VAL H 166 11.96 11.09 10.52
C VAL H 166 11.01 11.41 11.69
N HIS H 167 9.74 11.06 11.61
CA HIS H 167 8.75 11.32 12.69
C HIS H 167 8.92 10.37 13.87
N SER H 168 9.81 9.38 13.82
CA SER H 168 10.06 8.44 14.95
C SER H 168 10.89 9.11 16.06
N ASN H 169 11.62 10.18 15.78
CA ASN H 169 12.42 10.93 16.80
C ASN H 169 11.52 11.50 17.93
N ASN H 170 12.03 11.55 19.17
CA ASN H 170 11.33 12.09 20.37
C ASN H 170 9.99 11.38 20.65
N THR H 171 9.83 10.10 20.29
CA THR H 171 8.57 9.34 20.53
C THR H 171 8.38 8.90 22.00
N VAL H 172 9.08 9.55 22.94
CA VAL H 172 9.07 9.17 24.39
C VAL H 172 7.83 9.74 25.11
N ARG H 173 7.28 10.88 24.71
CA ARG H 173 6.13 11.54 25.42
C ARG H 173 4.85 10.71 25.28
N ASP H 174 4.08 10.63 26.35
CA ASP H 174 2.91 9.71 26.41
C ASP H 174 1.66 10.37 25.83
N ARG H 175 1.58 11.71 25.82
CA ARG H 175 0.40 12.46 25.33
C ARG H 175 0.81 13.42 24.20
N THR H 176 0.21 13.23 23.01
CA THR H 176 0.33 14.08 21.79
C THR H 176 -0.98 14.01 21.01
N PRO H 177 -1.28 14.95 20.06
CA PRO H 177 -2.54 14.90 19.33
C PRO H 177 -2.67 13.73 18.32
N TYR H 178 -1.55 13.08 17.96
CA TYR H 178 -1.42 12.11 16.85
C TYR H 178 -1.65 10.67 17.30
N ARG H 179 -1.65 10.35 18.60
CA ARG H 179 -1.79 8.97 19.09
C ARG H 179 -3.16 8.41 18.72
N THR H 180 -3.19 7.17 18.26
CA THR H 180 -4.42 6.44 17.87
C THR H 180 -4.37 5.00 18.39
N LEU H 181 -5.50 4.39 18.59
CA LEU H 181 -5.58 2.98 19.01
C LEU H 181 -5.46 2.08 17.77
N LEU H 182 -4.37 1.28 17.68
CA LEU H 182 -4.16 0.25 16.63
C LEU H 182 -4.85 -1.08 17.02
N MET H 183 -5.35 -1.84 16.05
CA MET H 183 -5.98 -3.17 16.31
C MET H 183 -5.59 -4.18 15.21
N ASN H 184 -5.16 -5.39 15.56
CA ASN H 184 -4.83 -6.51 14.65
C ASN H 184 -5.25 -7.85 15.29
N GLU H 185 -5.40 -8.92 14.51
CA GLU H 185 -5.48 -10.29 15.09
C GLU H 185 -4.15 -10.64 15.76
N LEU H 186 -4.21 -11.42 16.84
CA LEU H 186 -2.99 -11.74 17.64
C LEU H 186 -1.96 -12.45 16.76
N GLY H 187 -0.74 -11.94 16.71
CA GLY H 187 0.30 -12.59 15.90
C GLY H 187 0.63 -11.84 14.62
N VAL H 188 -0.28 -11.02 14.09
CA VAL H 188 0.00 -10.18 12.88
C VAL H 188 0.69 -8.88 13.31
N PRO H 189 1.95 -8.61 12.96
CA PRO H 189 2.63 -7.40 13.42
C PRO H 189 1.96 -6.11 12.89
N PHE H 190 2.21 -4.97 13.52
CA PHE H 190 1.57 -3.69 13.12
C PHE H 190 2.29 -3.10 11.89
N HIS H 191 1.89 -3.58 10.70
CA HIS H 191 2.33 -3.11 9.34
C HIS H 191 1.41 -1.96 8.85
N LEU H 192 1.73 -1.34 7.70
CA LEU H 192 0.96 -0.14 7.19
C LEU H 192 -0.52 -0.46 6.90
N GLY H 193 -0.94 -1.70 6.73
CA GLY H 193 -2.36 -2.02 6.53
C GLY H 193 -3.17 -2.10 7.81
N THR H 194 -2.59 -1.80 8.97
CA THR H 194 -3.27 -1.91 10.31
C THR H 194 -4.42 -0.89 10.40
N LYS H 195 -5.56 -1.27 10.98
CA LYS H 195 -6.69 -0.35 11.28
C LYS H 195 -6.47 0.54 12.53
N GLN H 196 -6.68 1.86 12.43
CA GLN H 196 -6.76 2.80 13.58
C GLN H 196 -8.21 2.92 14.05
N VAL H 197 -8.61 2.43 15.22
CA VAL H 197 -10.06 2.44 15.61
C VAL H 197 -10.53 3.75 16.27
N CYS H 198 -9.67 4.61 16.83
CA CYS H 198 -10.08 5.92 17.42
C CYS H 198 -8.89 6.83 17.72
N ILE H 199 -9.11 8.12 17.99
CA ILE H 199 -7.99 9.02 18.42
C ILE H 199 -7.86 8.83 19.93
N ALA H 200 -6.64 8.56 20.45
CA ALA H 200 -6.47 8.24 21.89
C ALA H 200 -5.04 8.37 22.36
N TRP H 201 -4.78 8.98 23.55
CA TRP H 201 -3.49 8.78 24.25
C TRP H 201 -3.68 7.90 25.52
N SER H 202 -4.89 7.40 25.77
CA SER H 202 -5.18 6.39 26.80
C SER H 202 -6.42 5.61 26.36
N SER H 203 -6.57 4.33 26.69
CA SER H 203 -7.73 3.54 26.20
C SER H 203 -8.00 2.22 26.93
N SER H 204 -9.10 1.61 26.57
CA SER H 204 -9.52 0.28 27.04
C SER H 204 -10.50 -0.28 26.00
N SER H 205 -10.59 -1.59 25.85
CA SER H 205 -11.49 -2.23 24.87
C SER H 205 -12.08 -3.52 25.45
N CYS H 206 -13.26 -3.93 24.99
CA CYS H 206 -13.80 -5.25 25.32
C CYS H 206 -14.93 -5.65 24.36
N HIS H 207 -15.25 -6.93 24.27
CA HIS H 207 -16.31 -7.46 23.40
C HIS H 207 -17.41 -8.05 24.29
N ASP H 208 -18.64 -7.60 24.11
CA ASP H 208 -19.75 -7.93 25.04
C ASP H 208 -20.43 -9.27 24.65
N GLY H 209 -19.99 -9.92 23.58
CA GLY H 209 -20.65 -11.12 23.03
C GLY H 209 -21.41 -10.82 21.75
N LYS H 210 -21.71 -9.54 21.47
CA LYS H 210 -22.36 -9.07 20.22
C LYS H 210 -21.45 -8.12 19.44
N ALA H 211 -20.73 -7.20 20.09
CA ALA H 211 -19.85 -6.22 19.39
C ALA H 211 -18.79 -5.61 20.30
N TRP H 212 -17.79 -4.99 19.68
CA TRP H 212 -16.69 -4.33 20.42
C TRP H 212 -17.14 -2.99 21.01
N LEU H 213 -16.66 -2.68 22.21
CA LEU H 213 -16.68 -1.35 22.86
C LEU H 213 -15.24 -0.84 22.96
N HIS H 214 -14.99 0.38 22.52
CA HIS H 214 -13.69 1.06 22.72
C HIS H 214 -13.89 2.34 23.52
N VAL H 215 -13.03 2.57 24.50
CA VAL H 215 -13.06 3.79 25.37
C VAL H 215 -11.81 4.55 25.04
N CYS H 216 -11.95 5.77 24.52
CA CYS H 216 -10.82 6.50 23.91
C CYS H 216 -10.70 7.87 24.58
N ILE H 217 -9.50 8.29 24.98
CA ILE H 217 -9.33 9.58 25.71
C ILE H 217 -8.34 10.44 24.94
N THR H 218 -8.71 11.71 24.71
CA THR H 218 -7.81 12.67 24.01
C THR H 218 -8.18 14.12 24.36
N GLY H 219 -7.29 15.05 24.02
CA GLY H 219 -7.53 16.48 24.23
C GLY H 219 -6.44 17.15 25.04
N ASP H 220 -6.73 18.33 25.56
CA ASP H 220 -5.80 19.10 26.43
C ASP H 220 -5.65 18.40 27.79
N ASP H 221 -4.44 18.48 28.40
CA ASP H 221 -4.16 17.86 29.73
C ASP H 221 -5.22 18.26 30.76
N LYS H 222 -5.60 19.54 30.77
CA LYS H 222 -6.53 20.09 31.79
C LYS H 222 -7.98 20.14 31.31
N ASN H 223 -8.31 19.64 30.11
CA ASN H 223 -9.73 19.60 29.63
C ASN H 223 -9.94 18.46 28.62
N ALA H 224 -9.57 17.24 28.97
CA ALA H 224 -9.65 16.05 28.09
C ALA H 224 -11.08 15.53 27.96
N THR H 225 -11.32 14.79 26.87
CA THR H 225 -12.62 14.17 26.53
C THR H 225 -12.47 12.65 26.47
N ALA H 226 -13.49 11.91 26.94
CA ALA H 226 -13.56 10.45 26.77
C ALA H 226 -14.70 10.11 25.83
N SER H 227 -14.41 9.43 24.72
CA SER H 227 -15.40 8.99 23.69
C SER H 227 -15.72 7.50 23.83
N PHE H 228 -16.96 7.12 23.79
CA PHE H 228 -17.42 5.71 23.87
C PHE H 228 -17.89 5.28 22.49
N ILE H 229 -17.15 4.38 21.85
CA ILE H 229 -17.43 3.88 20.47
C ILE H 229 -17.88 2.42 20.56
N TYR H 230 -19.05 2.11 20.08
CA TYR H 230 -19.65 0.77 20.17
C TYR H 230 -20.27 0.38 18.84
N ASN H 231 -20.00 -0.85 18.39
CA ASN H 231 -20.43 -1.40 17.08
C ASN H 231 -20.05 -0.42 15.94
N GLY H 232 -18.85 0.18 16.02
CA GLY H 232 -18.30 0.95 14.90
C GLY H 232 -18.63 2.42 14.94
N ARG H 233 -19.46 2.90 15.88
CA ARG H 233 -19.93 4.32 15.88
C ARG H 233 -19.89 4.97 17.26
N LEU H 234 -19.68 6.28 17.32
CA LEU H 234 -19.63 7.03 18.60
C LEU H 234 -21.05 7.10 19.21
N VAL H 235 -21.21 6.64 20.46
CA VAL H 235 -22.53 6.54 21.15
C VAL H 235 -22.62 7.51 22.33
N ASP H 236 -21.50 7.91 22.95
CA ASP H 236 -21.53 8.75 24.19
C ASP H 236 -20.19 9.42 24.42
N SER H 237 -20.14 10.44 25.27
CA SER H 237 -18.88 11.15 25.64
C SER H 237 -19.00 11.89 26.98
N VAL H 238 -17.88 12.07 27.67
CA VAL H 238 -17.82 12.69 29.04
C VAL H 238 -16.51 13.45 29.17
N VAL H 239 -16.47 14.45 30.05
CA VAL H 239 -15.31 15.40 30.14
C VAL H 239 -14.62 15.26 31.51
N SER H 240 -13.31 15.54 31.53
CA SER H 240 -12.45 15.54 32.74
C SER H 240 -13.14 16.24 33.91
N TRP H 241 -13.37 15.55 35.03
CA TRP H 241 -14.08 16.08 36.23
C TRP H 241 -13.15 16.80 37.20
N SER H 242 -11.85 16.52 37.19
CA SER H 242 -10.89 17.18 38.12
C SER H 242 -9.86 18.01 37.37
N LYS H 243 -9.98 18.11 36.04
CA LYS H 243 -9.12 18.97 35.16
C LYS H 243 -7.63 18.65 35.34
N GLU H 244 -7.26 17.37 35.47
CA GLU H 244 -5.82 17.02 35.64
C GLU H 244 -5.54 15.59 35.12
N ILE H 245 -5.47 15.46 33.79
CA ILE H 245 -5.11 14.23 33.02
C ILE H 245 -6.07 13.08 33.32
N LEU H 246 -7.26 13.11 32.74
CA LEU H 246 -8.23 11.99 32.79
C LEU H 246 -7.54 10.76 32.19
N ARG H 247 -7.66 9.58 32.83
CA ARG H 247 -6.93 8.35 32.36
C ARG H 247 -7.70 7.07 32.69
N THR H 248 -7.35 5.97 32.02
CA THR H 248 -8.04 4.65 32.22
C THR H 248 -7.03 3.47 32.23
N GLN H 249 -7.54 2.24 32.08
CA GLN H 249 -6.87 0.94 32.38
C GLN H 249 -5.67 0.54 31.50
N GLU H 250 -5.51 1.05 30.26
CA GLU H 250 -4.48 0.56 29.29
C GLU H 250 -4.52 -0.98 29.16
N SER H 251 -5.72 -1.57 29.24
CA SER H 251 -5.95 -3.03 29.24
C SER H 251 -7.45 -3.32 29.06
N GLU H 252 -7.85 -4.55 28.88
CA GLU H 252 -9.26 -4.82 28.52
C GLU H 252 -10.23 -4.50 29.66
N CYS H 253 -11.42 -4.04 29.30
CA CYS H 253 -12.57 -3.87 30.21
C CYS H 253 -13.26 -5.24 30.36
N VAL H 254 -14.29 -5.35 31.20
CA VAL H 254 -15.00 -6.64 31.41
C VAL H 254 -16.50 -6.40 31.28
N CYS H 255 -17.23 -7.30 30.63
CA CYS H 255 -18.68 -7.17 30.40
C CYS H 255 -19.41 -8.42 30.89
N ILE H 256 -20.49 -8.26 31.64
CA ILE H 256 -21.39 -9.38 32.06
C ILE H 256 -22.84 -8.99 31.71
N ASN H 257 -23.58 -9.89 31.06
CA ASN H 257 -24.99 -9.68 30.65
C ASN H 257 -25.18 -8.34 29.91
N GLY H 258 -24.22 -7.93 29.10
CA GLY H 258 -24.33 -6.70 28.30
C GLY H 258 -23.83 -5.46 28.98
N THR H 259 -23.62 -5.48 30.30
CA THR H 259 -23.13 -4.29 31.06
C THR H 259 -21.61 -4.36 31.17
N CYS H 260 -20.92 -3.45 30.53
CA CYS H 260 -19.44 -3.35 30.61
C CYS H 260 -19.04 -2.41 31.74
N THR H 261 -17.85 -2.59 32.30
CA THR H 261 -17.36 -1.71 33.40
C THR H 261 -15.96 -1.24 33.11
N VAL H 262 -15.67 -0.01 33.48
CA VAL H 262 -14.34 0.58 33.25
C VAL H 262 -13.98 1.48 34.43
N VAL H 263 -12.70 1.46 34.80
CA VAL H 263 -12.17 2.27 35.93
C VAL H 263 -11.50 3.49 35.31
N MET H 264 -11.81 4.68 35.84
CA MET H 264 -11.24 5.95 35.33
C MET H 264 -10.79 6.84 36.49
N THR H 265 -9.69 7.55 36.33
CA THR H 265 -9.09 8.39 37.39
C THR H 265 -8.78 9.77 36.80
N ASP H 266 -8.88 10.79 37.63
CA ASP H 266 -8.50 12.20 37.31
C ASP H 266 -7.81 12.78 38.55
N GLY H 267 -6.86 13.68 38.40
CA GLY H 267 -6.14 14.29 39.54
C GLY H 267 -4.70 13.84 39.69
N SER H 268 -4.08 14.19 40.83
CA SER H 268 -2.62 14.02 41.10
C SER H 268 -2.15 12.56 41.15
N ALA H 269 -0.90 12.34 40.74
CA ALA H 269 -0.20 11.04 40.83
C ALA H 269 0.53 10.86 42.20
N SER H 270 0.78 11.95 42.93
CA SER H 270 1.58 11.94 44.21
C SER H 270 0.74 12.55 45.35
N GLY H 271 -0.57 12.31 45.34
CA GLY H 271 -1.53 12.79 46.33
C GLY H 271 -2.92 12.22 46.08
N LYS H 272 -3.91 12.62 46.86
CA LYS H 272 -5.31 12.12 46.69
C LYS H 272 -5.82 12.44 45.28
N ALA H 273 -6.54 11.50 44.66
CA ALA H 273 -7.08 11.62 43.28
C ALA H 273 -8.54 11.14 43.24
N ASP H 274 -9.26 11.52 42.19
CA ASP H 274 -10.70 11.17 42.02
C ASP H 274 -10.85 9.97 41.10
N THR H 275 -11.27 8.83 41.64
CA THR H 275 -11.46 7.58 40.85
C THR H 275 -12.94 7.23 40.78
N LYS H 276 -13.43 6.94 39.58
CA LYS H 276 -14.85 6.54 39.36
C LYS H 276 -14.93 5.26 38.54
N ILE H 277 -15.99 4.52 38.74
CA ILE H 277 -16.28 3.26 38.00
C ILE H 277 -17.54 3.55 37.18
N LEU H 278 -17.42 3.43 35.87
CA LEU H 278 -18.53 3.73 34.91
C LEU H 278 -19.14 2.43 34.42
N PHE H 279 -20.45 2.34 34.43
CA PHE H 279 -21.22 1.18 33.94
C PHE H 279 -21.80 1.57 32.58
N ILE H 280 -21.54 0.77 31.55
CA ILE H 280 -21.87 1.09 30.12
C ILE H 280 -22.70 -0.02 29.49
N GLU H 281 -23.74 0.34 28.73
CA GLU H 281 -24.61 -0.63 27.99
C GLU H 281 -24.72 -0.18 26.53
N GLU H 282 -24.16 -0.96 25.60
CA GLU H 282 -24.16 -0.70 24.15
C GLU H 282 -23.60 0.71 23.86
N GLY H 283 -22.57 1.10 24.59
CA GLY H 283 -21.87 2.39 24.46
C GLY H 283 -22.47 3.54 25.28
N LYS H 284 -23.72 3.43 25.76
CA LYS H 284 -24.41 4.45 26.60
C LYS H 284 -23.98 4.35 28.06
N ILE H 285 -23.54 5.44 28.71
CA ILE H 285 -23.20 5.42 30.17
C ILE H 285 -24.52 5.32 30.97
N VAL H 286 -24.72 4.27 31.76
CA VAL H 286 -26.01 4.03 32.50
C VAL H 286 -25.89 4.33 34.00
N HIS H 287 -24.69 4.27 34.58
CA HIS H 287 -24.46 4.53 36.03
C HIS H 287 -23.02 4.91 36.32
N THR H 288 -22.76 5.58 37.43
CA THR H 288 -21.40 5.91 37.89
C THR H 288 -21.30 5.78 39.41
N SER H 289 -20.24 5.13 39.90
CA SER H 289 -19.94 4.95 41.34
C SER H 289 -18.57 5.55 41.65
N THR H 290 -18.44 6.26 42.77
CA THR H 290 -17.12 6.79 43.24
C THR H 290 -16.37 5.68 43.99
N LEU H 291 -15.03 5.66 43.93
CA LEU H 291 -14.20 4.66 44.65
C LEU H 291 -14.51 4.69 46.15
N SER H 292 -14.57 3.51 46.77
CA SER H 292 -14.91 3.30 48.20
C SER H 292 -14.01 2.21 48.81
N GLY H 293 -13.91 2.16 50.15
CA GLY H 293 -13.00 1.25 50.89
C GLY H 293 -11.66 1.90 51.20
N SER H 294 -10.64 1.09 51.53
CA SER H 294 -9.35 1.58 52.07
C SER H 294 -8.28 1.80 51.00
N ALA H 295 -8.51 1.53 49.71
CA ALA H 295 -7.50 1.86 48.66
C ALA H 295 -7.32 3.39 48.60
N GLN H 296 -6.09 3.88 48.66
CA GLN H 296 -5.82 5.35 48.73
C GLN H 296 -5.33 5.93 47.39
N HIS H 297 -4.85 5.11 46.47
CA HIS H 297 -4.44 5.54 45.11
C HIS H 297 -4.77 4.41 44.14
N VAL H 298 -5.35 4.70 42.97
CA VAL H 298 -5.75 3.64 42.00
C VAL H 298 -5.47 4.08 40.57
N GLU H 299 -4.49 3.45 39.93
CA GLU H 299 -4.03 3.71 38.54
C GLU H 299 -3.95 2.40 37.73
N GLU H 300 -4.20 2.45 36.43
CA GLU H 300 -3.88 1.38 35.44
C GLU H 300 -4.37 -0.02 35.86
N CYS H 301 -5.56 -0.13 36.40
CA CYS H 301 -6.06 -1.45 36.85
C CYS H 301 -6.06 -2.53 35.76
N SER H 302 -5.80 -3.76 36.18
CA SER H 302 -5.89 -5.02 35.39
C SER H 302 -7.08 -5.79 35.96
N CYS H 303 -8.09 -6.10 35.17
CA CYS H 303 -9.38 -6.63 35.68
C CYS H 303 -9.73 -7.99 35.09
N TYR H 304 -10.45 -8.82 35.84
CA TYR H 304 -10.86 -10.17 35.38
C TYR H 304 -12.24 -10.53 35.88
N PRO H 305 -13.04 -11.26 35.10
CA PRO H 305 -14.37 -11.70 35.52
C PRO H 305 -14.23 -12.76 36.62
N ARG H 306 -15.07 -12.61 37.63
CA ARG H 306 -15.15 -13.47 38.83
C ARG H 306 -16.63 -13.55 39.20
N TYR H 307 -17.39 -14.19 38.32
CA TYR H 307 -18.87 -14.24 38.35
C TYR H 307 -19.35 -14.54 39.78
N PRO H 308 -20.39 -13.86 40.32
CA PRO H 308 -21.18 -12.82 39.62
C PRO H 308 -20.57 -11.41 39.52
N GLY H 309 -19.38 -11.18 40.04
CA GLY H 309 -18.78 -9.83 39.99
C GLY H 309 -17.54 -9.71 39.10
N VAL H 310 -16.84 -8.59 39.26
CA VAL H 310 -15.57 -8.28 38.57
C VAL H 310 -14.54 -7.89 39.62
N ARG H 311 -13.28 -8.26 39.43
CA ARG H 311 -12.18 -7.99 40.39
C ARG H 311 -11.02 -7.35 39.64
N CYS H 312 -10.36 -6.38 40.26
CA CYS H 312 -9.28 -5.60 39.61
C CYS H 312 -8.08 -5.44 40.55
N VAL H 313 -6.87 -5.58 40.03
CA VAL H 313 -5.63 -5.37 40.80
C VAL H 313 -4.88 -4.20 40.10
N CYS H 314 -4.37 -3.24 40.86
CA CYS H 314 -4.02 -1.90 40.30
C CYS H 314 -2.64 -1.42 40.72
N ARG H 315 -2.28 -0.20 40.35
CA ARG H 315 -0.96 0.44 40.61
C ARG H 315 -1.20 1.57 41.63
N ASP H 316 -0.34 1.69 42.64
CA ASP H 316 -0.38 2.77 43.66
C ASP H 316 0.90 3.58 43.51
N ASN H 317 0.80 4.78 42.92
CA ASN H 317 1.97 5.64 42.63
C ASN H 317 2.35 6.49 43.84
N TRP H 318 1.53 6.48 44.90
CA TRP H 318 1.63 7.45 46.02
C TRP H 318 2.36 6.86 47.24
N LYS H 319 1.88 5.74 47.82
CA LYS H 319 2.42 5.23 49.11
C LYS H 319 2.63 3.72 49.18
N GLY H 320 1.88 2.90 48.44
CA GLY H 320 2.02 1.42 48.49
C GLY H 320 3.05 0.85 47.51
N SER H 321 3.83 -0.14 47.93
CA SER H 321 4.56 -1.07 47.01
C SER H 321 3.79 -2.41 46.98
N ASN H 322 2.84 -2.59 47.86
CA ASN H 322 1.79 -3.62 47.78
C ASN H 322 0.74 -3.11 46.78
N ARG H 323 0.03 -3.99 46.07
CA ARG H 323 -0.96 -3.55 45.03
C ARG H 323 -2.35 -3.40 45.63
N PRO H 324 -3.13 -2.34 45.26
CA PRO H 324 -4.55 -2.25 45.65
C PRO H 324 -5.42 -3.25 44.91
N ILE H 325 -6.53 -3.61 45.55
CA ILE H 325 -7.57 -4.51 44.98
C ILE H 325 -8.89 -3.73 44.97
N VAL H 326 -9.70 -3.88 43.94
CA VAL H 326 -11.05 -3.26 43.85
C VAL H 326 -12.03 -4.34 43.41
N ASP H 327 -13.10 -4.53 44.17
CA ASP H 327 -14.18 -5.47 43.83
C ASP H 327 -15.42 -4.68 43.40
N ILE H 328 -16.02 -5.08 42.28
CA ILE H 328 -17.12 -4.30 41.64
C ILE H 328 -18.35 -5.21 41.56
N ASN H 329 -19.48 -4.72 42.02
CA ASN H 329 -20.77 -5.45 41.94
C ASN H 329 -21.57 -4.98 40.73
N ILE H 330 -21.92 -5.86 39.80
CA ILE H 330 -22.64 -5.49 38.54
C ILE H 330 -24.13 -5.32 38.79
N LYS H 331 -24.72 -5.97 39.79
CA LYS H 331 -26.20 -5.95 40.02
C LYS H 331 -26.65 -4.71 40.81
N ASP H 332 -25.80 -4.11 41.64
CA ASP H 332 -26.20 -2.94 42.48
C ASP H 332 -25.17 -1.79 42.43
N HIS H 333 -24.17 -1.90 41.56
CA HIS H 333 -23.12 -0.88 41.28
C HIS H 333 -22.28 -0.54 42.53
N SER H 334 -22.33 -1.35 43.61
CA SER H 334 -21.51 -1.10 44.84
C SER H 334 -20.02 -1.42 44.60
N ILE H 335 -19.16 -0.74 45.33
CA ILE H 335 -17.68 -0.84 45.22
C ILE H 335 -17.05 -1.06 46.61
N VAL H 336 -16.02 -1.90 46.70
CA VAL H 336 -15.17 -2.06 47.92
C VAL H 336 -13.71 -2.20 47.50
N SER H 337 -12.78 -1.91 48.40
CA SER H 337 -11.34 -1.99 48.06
C SER H 337 -10.45 -2.33 49.27
N SER H 338 -9.23 -2.77 49.00
CA SER H 338 -8.23 -3.27 49.98
C SER H 338 -6.86 -3.40 49.31
N TYR H 339 -5.91 -4.15 49.89
CA TYR H 339 -4.58 -4.38 49.29
C TYR H 339 -4.24 -5.89 49.29
N VAL H 340 -3.33 -6.30 48.40
CA VAL H 340 -2.81 -7.70 48.31
C VAL H 340 -2.01 -8.02 49.57
N CYS H 341 -2.46 -9.02 50.32
CA CYS H 341 -1.88 -9.41 51.64
C CYS H 341 -0.42 -9.89 51.55
N SER H 342 -0.06 -10.70 50.55
CA SER H 342 1.28 -11.34 50.35
C SER H 342 2.48 -10.52 50.86
N GLY H 343 3.38 -11.15 51.62
CA GLY H 343 4.63 -10.52 52.08
C GLY H 343 5.62 -10.28 50.94
N LEU H 344 5.47 -11.06 49.87
CA LEU H 344 6.19 -10.86 48.60
C LEU H 344 5.37 -9.87 47.77
N VAL H 345 5.87 -8.64 47.61
CA VAL H 345 5.09 -7.54 46.98
C VAL H 345 5.38 -7.46 45.46
N GLY H 346 4.37 -6.98 44.70
CA GLY H 346 4.32 -6.98 43.21
C GLY H 346 4.74 -5.68 42.51
N ASP H 347 4.89 -4.54 43.18
CA ASP H 347 5.19 -3.25 42.53
C ASP H 347 6.71 -3.06 42.34
N THR H 348 7.10 -2.05 41.57
CA THR H 348 8.51 -1.70 41.31
C THR H 348 8.60 -0.18 41.26
N PRO H 349 9.47 0.50 42.07
CA PRO H 349 10.39 -0.11 43.02
C PRO H 349 9.71 -0.73 44.25
N ARG H 350 10.49 -1.53 44.99
CA ARG H 350 10.08 -2.24 46.23
C ARG H 350 11.34 -2.60 47.06
N LYS H 351 11.16 -2.99 48.32
CA LYS H 351 12.25 -3.52 49.17
C LYS H 351 12.48 -4.99 48.81
N ASN H 352 13.67 -5.52 49.08
CA ASN H 352 14.03 -6.94 48.78
C ASN H 352 13.17 -7.92 49.61
N ASP H 353 13.06 -9.17 49.20
CA ASP H 353 12.17 -10.17 49.84
C ASP H 353 12.60 -10.46 51.28
N SER H 354 13.87 -10.23 51.62
CA SER H 354 14.45 -10.38 52.99
C SER H 354 13.88 -9.35 53.96
N SER H 355 13.36 -8.21 53.50
CA SER H 355 12.95 -7.06 54.36
C SER H 355 11.57 -6.47 54.02
N SER H 356 10.97 -6.80 52.87
CA SER H 356 9.62 -6.31 52.47
C SER H 356 8.53 -6.79 53.43
N SER H 357 7.45 -6.02 53.53
CA SER H 357 6.24 -6.39 54.31
C SER H 357 4.97 -5.86 53.63
N SER H 358 3.81 -6.28 54.08
CA SER H 358 2.52 -5.85 53.50
C SER H 358 1.44 -5.79 54.58
N HIS H 359 0.31 -5.20 54.23
CA HIS H 359 -0.89 -5.04 55.07
C HIS H 359 -2.11 -5.34 54.19
N CYS H 360 -3.14 -5.99 54.70
CA CYS H 360 -4.34 -6.33 53.89
C CYS H 360 -5.22 -5.10 53.62
N LEU H 361 -5.10 -4.02 54.40
CA LEU H 361 -5.99 -2.83 54.29
C LEU H 361 -5.25 -1.54 53.88
N ASP H 362 -3.98 -1.36 54.22
CA ASP H 362 -3.27 -0.06 54.06
C ASP H 362 -2.04 -0.17 53.15
N PRO H 363 -1.60 0.94 52.53
CA PRO H 363 -0.34 0.94 51.81
C PRO H 363 0.80 0.63 52.80
N ASN H 364 1.71 -0.24 52.39
CA ASN H 364 2.82 -0.69 53.27
C ASN H 364 3.84 0.42 53.58
N ASN H 365 3.82 1.56 52.88
CA ASN H 365 4.73 2.72 53.09
C ASN H 365 6.21 2.32 52.89
N GLU H 366 6.51 1.28 52.11
CA GLU H 366 7.90 0.86 51.80
C GLU H 366 8.17 1.20 50.33
N GLU H 367 9.11 2.09 50.00
CA GLU H 367 9.42 2.48 48.59
C GLU H 367 8.11 2.77 47.82
N GLY H 368 7.16 3.47 48.44
CA GLY H 368 5.77 3.61 47.95
C GLY H 368 5.65 4.40 46.66
N GLY H 369 6.40 5.49 46.51
CA GLY H 369 6.32 6.39 45.34
C GLY H 369 6.66 5.70 44.05
N HIS H 370 5.97 6.06 42.95
CA HIS H 370 6.13 5.47 41.59
C HIS H 370 5.65 4.01 41.59
N GLY H 371 5.73 3.36 40.44
CA GLY H 371 5.21 1.97 40.28
C GLY H 371 5.25 1.48 38.85
N VAL H 372 4.62 0.34 38.60
CA VAL H 372 4.48 -0.23 37.23
C VAL H 372 3.19 -1.04 37.12
N LYS H 373 2.56 -1.06 35.95
CA LYS H 373 1.30 -1.80 35.73
C LYS H 373 1.57 -3.30 35.87
N GLY H 374 0.74 -4.02 36.64
CA GLY H 374 0.94 -5.46 36.84
C GLY H 374 -0.34 -6.22 37.05
N TRP H 375 -0.24 -7.43 37.57
CA TRP H 375 -1.42 -8.31 37.78
C TRP H 375 -1.18 -9.31 38.92
N ALA H 376 -2.28 -9.87 39.44
CA ALA H 376 -2.28 -10.97 40.42
C ALA H 376 -3.67 -11.59 40.43
N PHE H 377 -3.84 -12.85 40.78
CA PHE H 377 -5.21 -13.41 40.89
C PHE H 377 -5.29 -14.47 42.00
N ASP H 378 -6.50 -14.62 42.54
CA ASP H 378 -6.76 -15.54 43.67
C ASP H 378 -6.93 -16.97 43.18
N ASP H 379 -6.47 -17.91 44.01
CA ASP H 379 -6.58 -19.38 43.81
C ASP H 379 -6.84 -19.99 45.19
N GLY H 380 -8.09 -19.91 45.67
CA GLY H 380 -8.43 -20.19 47.08
C GLY H 380 -7.73 -19.21 48.01
N ASN H 381 -6.92 -19.66 48.96
CA ASN H 381 -6.12 -18.76 49.83
C ASN H 381 -4.81 -18.38 49.17
N ASP H 382 -4.39 -19.06 48.10
CA ASP H 382 -3.10 -18.78 47.44
C ASP H 382 -3.24 -17.64 46.42
N VAL H 383 -2.13 -17.03 46.04
CA VAL H 383 -2.14 -15.98 44.99
C VAL H 383 -1.09 -16.30 43.91
N TRP H 384 -1.49 -16.19 42.65
CA TRP H 384 -0.58 -16.23 41.48
C TRP H 384 -0.25 -14.79 41.10
N MET H 385 1.00 -14.50 40.84
CA MET H 385 1.37 -13.11 40.48
C MET H 385 2.66 -13.04 39.65
N GLY H 386 2.89 -11.94 38.96
CA GLY H 386 4.10 -11.71 38.18
C GLY H 386 4.75 -10.40 38.55
N ARG H 387 6.07 -10.28 38.39
CA ARG H 387 6.80 -9.04 38.73
C ARG H 387 8.16 -8.95 38.03
N THR H 388 8.75 -7.76 37.97
CA THR H 388 10.13 -7.60 37.43
C THR H 388 11.09 -8.37 38.33
N ILE H 389 12.12 -8.99 37.78
CA ILE H 389 13.10 -9.77 38.61
C ILE H 389 13.90 -8.78 39.46
N ASN H 390 14.30 -7.67 38.90
CA ASN H 390 15.04 -6.61 39.62
C ASN H 390 14.05 -5.79 40.46
N GLU H 391 14.48 -5.28 41.62
CA GLU H 391 13.60 -4.56 42.59
C GLU H 391 13.53 -3.05 42.32
N THR H 392 14.46 -2.45 41.59
CA THR H 392 14.54 -0.97 41.43
C THR H 392 14.60 -0.51 39.96
N SER H 393 14.36 -1.41 39.01
CA SER H 393 14.34 -1.11 37.54
C SER H 393 13.51 -2.16 36.80
N ARG H 394 13.04 -1.84 35.59
CA ARG H 394 12.13 -2.74 34.84
C ARG H 394 12.97 -3.77 34.05
N LEU H 395 13.72 -4.62 34.76
CA LEU H 395 14.57 -5.68 34.14
C LEU H 395 14.09 -7.07 34.55
N GLY H 396 14.07 -7.98 33.59
CA GLY H 396 13.59 -9.38 33.75
C GLY H 396 12.13 -9.45 34.10
N TYR H 397 11.62 -10.67 34.16
CA TYR H 397 10.23 -10.90 34.58
C TYR H 397 10.08 -12.34 35.08
N GLU H 398 9.39 -12.51 36.20
CA GLU H 398 9.16 -13.83 36.85
C GLU H 398 7.71 -13.98 37.28
N THR H 399 7.24 -15.20 37.41
CA THR H 399 5.90 -15.48 38.00
C THR H 399 6.04 -16.58 39.05
N PHE H 400 5.14 -16.64 40.03
CA PHE H 400 5.13 -17.69 41.07
C PHE H 400 3.83 -17.74 41.84
N LYS H 401 3.64 -18.79 42.61
CA LYS H 401 2.47 -18.93 43.51
C LYS H 401 2.96 -18.67 44.95
N VAL H 402 2.21 -17.92 45.74
CA VAL H 402 2.52 -17.69 47.19
C VAL H 402 1.46 -18.39 48.01
N ILE H 403 1.88 -19.28 48.90
CA ILE H 403 0.94 -20.12 49.72
C ILE H 403 0.26 -19.19 50.74
N GLU H 404 -1.08 -19.22 50.81
CA GLU H 404 -1.90 -18.33 51.68
C GLU H 404 -1.68 -16.83 51.37
N GLY H 405 -1.00 -16.43 50.30
CA GLY H 405 -0.68 -15.00 50.04
C GLY H 405 -1.90 -14.12 49.76
N TRP H 406 -3.10 -14.68 49.55
CA TRP H 406 -4.32 -13.87 49.38
C TRP H 406 -4.99 -13.52 50.71
N SER H 407 -4.68 -14.23 51.81
CA SER H 407 -5.36 -14.03 53.12
C SER H 407 -4.40 -13.84 54.31
N ASN H 408 -3.14 -14.26 54.22
CA ASN H 408 -2.16 -14.18 55.33
C ASN H 408 -1.13 -13.12 54.99
N PRO H 409 -1.08 -11.96 55.71
CA PRO H 409 -0.14 -10.88 55.39
C PRO H 409 1.33 -11.14 55.74
N LYS H 410 1.63 -12.24 56.44
CA LYS H 410 3.01 -12.56 56.89
C LYS H 410 3.65 -13.65 56.03
N SER H 411 2.89 -14.29 55.12
CA SER H 411 3.38 -15.41 54.28
C SER H 411 4.42 -14.96 53.26
N LYS H 412 5.53 -15.71 53.15
CA LYS H 412 6.60 -15.55 52.11
C LYS H 412 7.00 -16.92 51.52
N LEU H 413 6.08 -17.88 51.57
CA LEU H 413 6.31 -19.27 51.10
C LEU H 413 5.95 -19.35 49.62
N GLN H 414 6.94 -19.25 48.71
CA GLN H 414 6.65 -19.36 47.25
C GLN H 414 6.94 -20.76 46.68
N ILE H 415 6.29 -21.07 45.55
CA ILE H 415 6.47 -22.34 44.79
C ILE H 415 6.18 -22.10 43.30
N ASN H 416 6.59 -23.01 42.42
CA ASN H 416 6.25 -22.98 40.97
C ASN H 416 6.78 -21.71 40.29
N ARG H 417 7.95 -21.22 40.68
CA ARG H 417 8.55 -20.07 39.97
C ARG H 417 8.82 -20.42 38.50
N GLN H 418 8.59 -19.47 37.59
CA GLN H 418 9.05 -19.49 36.17
C GLN H 418 9.74 -18.17 35.83
N VAL H 419 10.89 -18.18 35.21
CA VAL H 419 11.44 -16.98 34.50
C VAL H 419 10.79 -16.85 33.12
N ILE H 420 10.29 -15.68 32.77
CA ILE H 420 9.73 -15.39 31.41
C ILE H 420 10.77 -14.62 30.60
N VAL H 421 11.41 -13.63 31.22
CA VAL H 421 12.51 -12.85 30.62
C VAL H 421 13.62 -12.83 31.65
N ASP H 422 14.84 -13.14 31.28
CA ASP H 422 15.95 -13.19 32.27
C ASP H 422 16.36 -11.78 32.73
N ARG H 423 17.04 -11.70 33.87
CA ARG H 423 17.41 -10.45 34.56
C ARG H 423 18.26 -9.49 33.73
N GLY H 424 18.85 -9.89 32.61
CA GLY H 424 19.69 -8.95 31.81
C GLY H 424 18.90 -8.24 30.72
N ASN H 425 17.62 -8.57 30.53
CA ASN H 425 16.77 -8.06 29.43
C ASN H 425 15.61 -7.20 29.94
N ARG H 426 15.26 -6.14 29.21
CA ARG H 426 14.21 -5.15 29.60
C ARG H 426 12.81 -5.75 29.56
N SER H 427 11.96 -5.30 30.48
CA SER H 427 10.51 -5.64 30.49
C SER H 427 9.68 -4.33 30.49
N GLY H 428 8.49 -4.32 31.08
CA GLY H 428 7.60 -3.15 31.04
C GLY H 428 6.25 -3.45 31.63
N TYR H 429 5.19 -2.87 31.09
CA TYR H 429 3.82 -3.14 31.59
C TYR H 429 3.44 -4.61 31.38
N SER H 430 2.54 -5.12 32.16
CA SER H 430 2.02 -6.51 32.01
C SER H 430 0.57 -6.55 32.50
N GLY H 431 -0.24 -7.48 32.00
CA GLY H 431 -1.65 -7.50 32.38
C GLY H 431 -2.34 -8.80 32.09
N ILE H 432 -3.41 -9.06 32.79
CA ILE H 432 -4.13 -10.36 32.68
C ILE H 432 -5.22 -10.24 31.59
N PHE H 433 -5.60 -11.35 30.97
CA PHE H 433 -6.84 -11.49 30.16
C PHE H 433 -7.40 -12.89 30.36
N SER H 434 -8.68 -13.06 30.12
CA SER H 434 -9.40 -14.30 30.38
C SER H 434 -9.94 -14.88 29.09
N VAL H 435 -9.88 -16.20 28.98
CA VAL H 435 -10.29 -16.95 27.76
C VAL H 435 -11.27 -18.03 28.18
N GLU H 436 -12.38 -18.15 27.49
CA GLU H 436 -13.38 -19.19 27.86
C GLU H 436 -13.04 -20.52 27.18
N GLY H 437 -12.92 -21.59 27.96
CA GLY H 437 -12.73 -22.97 27.47
C GLY H 437 -14.03 -23.76 27.40
N LYS H 438 -13.91 -25.06 27.13
CA LYS H 438 -15.07 -25.97 26.96
C LYS H 438 -15.82 -26.14 28.29
N SER H 439 -15.14 -26.06 29.44
CA SER H 439 -15.78 -26.25 30.78
C SER H 439 -15.23 -25.33 31.88
N CYS H 440 -14.26 -24.44 31.61
CA CYS H 440 -13.68 -23.55 32.65
C CYS H 440 -13.11 -22.27 32.04
N ILE H 441 -12.91 -21.23 32.84
CA ILE H 441 -12.30 -19.94 32.40
C ILE H 441 -10.80 -20.00 32.67
N ASN H 442 -9.99 -19.79 31.66
CA ASN H 442 -8.51 -19.76 31.82
C ASN H 442 -8.00 -18.33 31.99
N ARG H 443 -6.87 -18.16 32.66
CA ARG H 443 -6.19 -16.86 32.83
C ARG H 443 -4.88 -16.87 32.04
N CYS H 444 -4.63 -15.81 31.32
CA CYS H 444 -3.46 -15.65 30.42
C CYS H 444 -2.87 -14.26 30.68
N PHE H 445 -1.63 -14.02 30.32
CA PHE H 445 -1.03 -12.69 30.58
C PHE H 445 -0.10 -12.31 29.45
N TYR H 446 0.23 -11.03 29.35
CA TYR H 446 1.13 -10.49 28.32
C TYR H 446 2.23 -9.65 28.99
N VAL H 447 3.34 -9.43 28.32
CA VAL H 447 4.44 -8.60 28.87
C VAL H 447 4.94 -7.65 27.78
N GLU H 448 5.03 -6.36 28.08
CA GLU H 448 5.53 -5.33 27.14
C GLU H 448 7.05 -5.39 27.21
N LEU H 449 7.73 -5.45 26.08
CA LEU H 449 9.21 -5.52 26.03
C LEU H 449 9.71 -4.20 25.46
N ILE H 450 9.96 -3.22 26.32
CA ILE H 450 10.30 -1.84 25.89
C ILE H 450 11.76 -1.78 25.44
N ARG H 451 12.06 -1.04 24.37
CA ARG H 451 13.45 -0.80 23.87
C ARG H 451 13.65 0.66 23.48
N GLY H 452 14.90 1.11 23.42
CA GLY H 452 15.28 2.47 23.00
C GLY H 452 15.35 3.50 24.13
N ARG H 453 15.18 4.78 23.80
CA ARG H 453 15.26 5.94 24.73
C ARG H 453 14.28 5.77 25.91
N LYS H 454 14.64 6.22 27.12
CA LYS H 454 15.79 7.05 27.47
C LYS H 454 17.04 6.25 27.89
N GLU H 455 16.90 4.96 28.21
CA GLU H 455 17.99 4.08 28.73
C GLU H 455 18.97 3.73 27.61
N GLU H 456 18.47 3.34 26.43
CA GLU H 456 19.29 2.87 25.30
C GLU H 456 19.46 4.06 24.35
N THR H 457 20.53 4.82 24.53
CA THR H 457 20.81 6.05 23.71
C THR H 457 21.45 5.75 22.33
N GLU H 458 21.56 4.47 21.94
CA GLU H 458 22.08 4.08 20.59
C GLU H 458 21.09 4.52 19.49
N VAL H 459 19.84 4.80 19.82
CA VAL H 459 18.74 5.16 18.86
C VAL H 459 18.02 6.43 19.34
N LEU H 460 17.21 7.05 18.48
CA LEU H 460 16.42 8.27 18.83
C LEU H 460 14.99 7.89 19.25
N TRP H 461 14.54 6.68 18.96
CA TRP H 461 13.13 6.27 19.15
C TRP H 461 12.94 5.46 20.44
N THR H 462 11.68 5.24 20.81
CA THR H 462 11.25 4.37 21.91
C THR H 462 10.14 3.50 21.36
N SER H 463 10.17 2.19 21.56
CA SER H 463 9.09 1.30 21.06
C SER H 463 9.03 -0.01 21.84
N ASN H 464 8.11 -0.92 21.51
CA ASN H 464 8.03 -2.20 22.24
C ASN H 464 7.69 -3.41 21.36
N SER H 465 8.08 -4.60 21.80
CA SER H 465 7.61 -5.93 21.32
C SER H 465 6.67 -6.49 22.37
N ILE H 466 6.10 -7.67 22.17
CA ILE H 466 5.30 -8.36 23.22
C ILE H 466 5.53 -9.88 23.21
N VAL H 467 5.20 -10.51 24.34
CA VAL H 467 5.19 -11.98 24.50
C VAL H 467 3.98 -12.36 25.34
N VAL H 468 3.36 -13.49 25.04
CA VAL H 468 2.06 -13.87 25.66
C VAL H 468 2.12 -15.34 26.16
N PHE H 469 1.57 -15.60 27.34
CA PHE H 469 1.58 -16.91 28.04
C PHE H 469 0.16 -17.26 28.54
N CYS H 470 -0.19 -18.53 28.62
CA CYS H 470 -1.51 -18.96 29.10
C CYS H 470 -1.39 -20.03 30.19
N GLY H 471 -2.34 -20.01 31.13
CA GLY H 471 -2.38 -20.98 32.23
C GLY H 471 -2.62 -22.37 31.72
N THR H 472 -1.89 -23.35 32.26
CA THR H 472 -1.95 -24.78 31.85
C THR H 472 -2.20 -25.64 33.08
N SER H 473 -2.96 -26.72 32.93
CA SER H 473 -3.13 -27.75 33.98
C SER H 473 -2.17 -28.92 33.76
N GLY H 474 -1.42 -28.91 32.64
CA GLY H 474 -0.44 -29.93 32.25
C GLY H 474 0.93 -29.64 32.81
N THR H 475 1.98 -29.85 32.01
CA THR H 475 3.40 -29.70 32.44
C THR H 475 4.17 -28.80 31.48
N TYR H 476 5.33 -28.35 31.92
CA TYR H 476 6.12 -27.34 31.20
C TYR H 476 7.58 -27.43 31.62
N GLY H 477 8.46 -26.83 30.83
CA GLY H 477 9.92 -26.88 31.03
C GLY H 477 10.44 -25.49 31.41
N THR H 478 11.46 -25.02 30.73
CA THR H 478 12.14 -23.74 31.01
C THR H 478 12.60 -23.05 29.71
N GLY H 479 12.88 -21.75 29.81
CA GLY H 479 13.43 -20.91 28.74
C GLY H 479 13.48 -19.43 29.14
N SER H 480 13.82 -18.58 28.18
CA SER H 480 13.78 -17.11 28.28
C SER H 480 13.40 -16.57 26.90
N TRP H 481 12.45 -15.65 26.82
CA TRP H 481 11.97 -15.11 25.52
C TRP H 481 12.02 -13.59 25.50
N PRO H 482 13.23 -12.99 25.40
CA PRO H 482 13.40 -11.54 25.33
C PRO H 482 12.99 -10.95 23.97
N ASP H 483 13.17 -9.64 23.84
CA ASP H 483 12.91 -8.87 22.61
C ASP H 483 13.81 -9.38 21.47
N GLY H 484 15.11 -9.38 21.65
CA GLY H 484 16.05 -9.98 20.68
C GLY H 484 16.58 -9.04 19.61
N ALA H 485 16.24 -7.76 19.58
CA ALA H 485 16.73 -6.84 18.52
C ALA H 485 18.12 -6.31 18.87
N ASP H 486 18.94 -6.06 17.85
CA ASP H 486 20.32 -5.54 18.04
C ASP H 486 20.37 -4.04 17.72
N LEU H 487 20.16 -3.20 18.74
CA LEU H 487 20.05 -1.74 18.57
C LEU H 487 21.39 -1.16 18.11
N ASN H 488 22.50 -1.89 18.26
CA ASN H 488 23.82 -1.38 17.83
C ASN H 488 23.91 -1.33 16.29
N LEU H 489 23.10 -2.15 15.59
CA LEU H 489 23.19 -2.31 14.11
C LEU H 489 22.04 -1.61 13.37
N MET H 490 20.81 -1.68 13.89
CA MET H 490 19.60 -1.22 13.17
C MET H 490 19.47 0.32 13.18
N PRO H 491 18.54 0.92 12.39
CA PRO H 491 18.44 2.38 12.23
C PRO H 491 18.25 3.21 13.51
N ILE H 492 18.97 4.34 13.54
CA ILE H 492 19.04 5.32 14.68
C ILE H 492 17.75 6.15 14.70
N GLN I 1 14.90 41.89 31.56
CA GLN I 1 15.37 40.46 31.73
C GLN I 1 14.21 39.61 32.28
N VAL I 2 14.32 38.28 32.16
CA VAL I 2 13.30 37.25 32.55
C VAL I 2 12.99 37.27 34.06
N HIS I 3 13.97 37.56 34.91
CA HIS I 3 13.97 37.31 36.38
C HIS I 3 12.63 37.52 37.12
N LEU I 4 12.45 36.65 38.11
CA LEU I 4 11.25 36.56 38.98
C LEU I 4 11.25 37.71 40.01
N VAL I 5 10.06 38.23 40.33
CA VAL I 5 9.84 39.29 41.35
C VAL I 5 8.76 38.83 42.32
N GLN I 6 9.04 38.90 43.62
CA GLN I 6 8.13 38.38 44.70
C GLN I 6 7.39 39.51 45.46
N SER I 7 6.30 39.13 46.12
CA SER I 7 5.48 40.00 47.01
C SER I 7 6.23 40.31 48.33
N GLY I 8 5.82 41.38 49.03
CA GLY I 8 6.42 41.85 50.29
C GLY I 8 6.21 40.93 51.51
N ALA I 9 6.96 41.18 52.58
CA ALA I 9 6.95 40.43 53.86
C ALA I 9 5.60 40.54 54.60
N GLU I 10 5.32 39.59 55.51
CA GLU I 10 4.02 39.54 56.26
C GLU I 10 4.15 39.01 57.70
N VAL I 11 3.29 39.54 58.58
CA VAL I 11 3.04 39.01 59.96
C VAL I 11 1.62 38.48 60.01
N LYS I 12 1.42 37.24 60.45
CA LYS I 12 0.06 36.64 60.55
C LYS I 12 -0.11 35.95 61.91
N GLU I 13 -1.32 35.97 62.44
CA GLU I 13 -1.62 35.31 63.75
C GLU I 13 -1.75 33.80 63.54
N PRO I 14 -1.42 32.96 64.54
CA PRO I 14 -1.63 31.51 64.42
C PRO I 14 -3.07 31.13 64.03
N GLY I 15 -3.20 30.03 63.28
CA GLY I 15 -4.49 29.55 62.74
C GLY I 15 -4.95 30.28 61.48
N SER I 16 -4.28 31.39 61.10
CA SER I 16 -4.60 32.19 59.88
C SER I 16 -3.99 31.55 58.62
N SER I 17 -4.21 32.19 57.46
CA SER I 17 -3.63 31.78 56.15
C SER I 17 -2.88 32.96 55.49
N VAL I 18 -1.91 32.68 54.62
CA VAL I 18 -1.08 33.73 53.93
C VAL I 18 -1.00 33.44 52.43
N THR I 19 -1.02 34.49 51.61
CA THR I 19 -0.83 34.41 50.15
C THR I 19 0.48 35.07 49.77
N VAL I 20 1.31 34.36 49.00
CA VAL I 20 2.59 34.87 48.47
C VAL I 20 2.50 34.80 46.95
N SER I 21 3.13 35.71 46.22
CA SER I 21 3.07 35.70 44.74
C SER I 21 4.44 35.96 44.11
N CYS I 22 4.57 35.51 42.87
CA CYS I 22 5.83 35.57 42.08
C CYS I 22 5.48 35.87 40.61
N LYS I 23 6.12 36.88 40.02
CA LYS I 23 5.84 37.37 38.63
C LYS I 23 7.13 37.41 37.80
N ALA I 24 7.06 37.04 36.52
CA ALA I 24 8.22 37.09 35.60
C ALA I 24 8.37 38.50 35.02
N SER I 25 9.52 39.15 35.20
CA SER I 25 9.78 40.52 34.68
C SER I 25 9.73 40.56 33.14
N GLY I 26 10.10 39.47 32.46
CA GLY I 26 10.14 39.39 30.99
C GLY I 26 8.80 39.02 30.35
N GLY I 27 7.74 38.74 31.13
CA GLY I 27 6.44 38.31 30.59
C GLY I 27 6.48 36.91 29.97
N SER I 28 7.60 36.19 30.12
CA SER I 28 7.94 34.94 29.38
C SER I 28 7.58 33.66 30.19
N PHE I 29 6.31 33.49 30.62
CA PHE I 29 5.87 32.25 31.30
C PHE I 29 5.71 31.12 30.25
N ASN I 30 6.82 30.48 29.89
CA ASN I 30 6.81 29.21 29.12
C ASN I 30 6.34 28.09 30.05
N ASN I 31 6.23 26.84 29.59
CA ASN I 31 5.66 25.80 30.49
C ASN I 31 6.67 25.29 31.53
N GLN I 32 7.88 25.87 31.68
CA GLN I 32 8.82 25.45 32.76
C GLN I 32 8.18 25.68 34.14
N ALA I 33 8.19 24.65 34.99
CA ALA I 33 7.50 24.68 36.31
C ALA I 33 8.09 25.76 37.23
N ILE I 34 7.19 26.44 37.94
CA ILE I 34 7.54 27.42 39.01
C ILE I 34 7.32 26.69 40.33
N SER I 35 8.34 26.70 41.17
CA SER I 35 8.40 25.92 42.43
C SER I 35 8.61 26.83 43.63
N TRP I 36 8.11 26.43 44.80
CA TRP I 36 8.31 27.16 46.07
C TRP I 36 9.24 26.37 47.00
N VAL I 37 10.27 27.03 47.48
CA VAL I 37 11.30 26.47 48.40
C VAL I 37 11.44 27.42 49.59
N ARG I 38 11.51 26.89 50.82
CA ARG I 38 11.62 27.76 52.03
C ARG I 38 12.88 27.46 52.84
N GLN I 39 13.25 28.44 53.65
CA GLN I 39 14.47 28.41 54.50
C GLN I 39 14.15 29.03 55.86
N ALA I 40 14.01 28.18 56.89
CA ALA I 40 13.81 28.62 58.28
C ALA I 40 15.13 29.22 58.81
N PRO I 41 15.10 30.14 59.80
CA PRO I 41 16.34 30.75 60.32
C PRO I 41 17.37 29.72 60.81
N GLY I 42 18.60 29.82 60.30
CA GLY I 42 19.74 28.93 60.62
C GLY I 42 19.48 27.47 60.26
N GLN I 43 18.72 27.21 59.19
CA GLN I 43 18.35 25.83 58.75
C GLN I 43 18.45 25.66 57.22
N GLY I 44 18.52 24.41 56.76
CA GLY I 44 18.65 24.04 55.33
C GLY I 44 17.41 24.28 54.49
N LEU I 45 17.54 24.10 53.18
CA LEU I 45 16.48 24.34 52.15
C LEU I 45 15.42 23.22 52.18
N GLU I 46 14.18 23.57 51.85
CA GLU I 46 13.02 22.64 51.87
C GLU I 46 12.07 22.94 50.71
N TRP I 47 11.91 22.00 49.78
CA TRP I 47 10.95 22.10 48.66
C TRP I 47 9.52 21.89 49.18
N MET I 48 8.58 22.73 48.74
CA MET I 48 7.17 22.68 49.18
C MET I 48 6.21 22.24 48.08
N GLY I 49 6.50 22.58 46.82
CA GLY I 49 5.63 22.24 45.69
C GLY I 49 5.86 23.13 44.47
N GLY I 50 4.93 23.10 43.52
CA GLY I 50 5.06 23.90 42.29
C GLY I 50 3.93 23.64 41.29
N ILE I 51 3.98 24.37 40.16
CA ILE I 51 2.96 24.24 39.08
C ILE I 51 3.56 24.61 37.72
N PHE I 52 3.09 23.96 36.66
CA PHE I 52 3.41 24.33 35.25
C PHE I 52 2.53 25.52 34.87
N PRO I 53 3.10 26.71 34.51
CA PRO I 53 2.29 27.89 34.20
C PRO I 53 1.20 27.74 33.11
N ILE I 54 1.42 26.94 32.06
CA ILE I 54 0.43 26.80 30.94
C ILE I 54 -0.42 25.54 31.15
N SER I 55 0.19 24.35 31.30
CA SER I 55 -0.55 23.07 31.36
C SER I 55 -1.29 22.91 32.71
N GLY I 56 -0.88 23.63 33.76
CA GLY I 56 -1.62 23.75 35.03
C GLY I 56 -1.62 22.52 35.94
N THR I 57 -0.66 21.59 35.88
CA THR I 57 -0.62 20.44 36.83
C THR I 57 0.13 20.84 38.10
N PRO I 58 -0.53 20.99 39.28
CA PRO I 58 0.16 21.32 40.53
C PRO I 58 0.73 20.10 41.27
N THR I 59 1.70 20.33 42.15
CA THR I 59 2.34 19.27 42.96
C THR I 59 2.78 19.83 44.33
N SER I 60 2.76 19.00 45.37
CA SER I 60 3.03 19.44 46.77
C SER I 60 3.82 18.38 47.57
N ALA I 61 4.72 18.83 48.43
CA ALA I 61 5.51 17.96 49.32
C ALA I 61 4.56 17.35 50.37
N GLN I 62 4.82 16.11 50.79
CA GLN I 62 3.86 15.34 51.64
C GLN I 62 3.55 16.09 52.96
N ARG I 63 4.56 16.71 53.58
CA ARG I 63 4.43 17.43 54.88
C ARG I 63 3.45 18.62 54.79
N PHE I 64 3.27 19.20 53.61
CA PHE I 64 2.42 20.40 53.37
C PHE I 64 1.15 20.07 52.57
N GLN I 65 0.89 18.81 52.24
CA GLN I 65 -0.13 18.42 51.23
C GLN I 65 -1.55 18.86 51.62
N GLY I 66 -1.90 18.85 52.91
CA GLY I 66 -3.22 19.31 53.40
C GLY I 66 -3.34 20.83 53.56
N ARG I 67 -2.20 21.53 53.67
CA ARG I 67 -2.10 22.95 54.11
C ARG I 67 -1.82 23.92 52.94
N VAL I 68 -1.23 23.49 51.82
CA VAL I 68 -0.79 24.41 50.73
C VAL I 68 -1.56 24.15 49.43
N THR I 69 -1.80 25.23 48.68
CA THR I 69 -2.41 25.18 47.33
C THR I 69 -1.72 26.19 46.42
N PHE I 70 -1.63 25.87 45.12
CA PHE I 70 -0.94 26.69 44.09
C PHE I 70 -1.90 27.00 42.94
N THR I 71 -1.75 28.18 42.35
CA THR I 71 -2.53 28.62 41.17
C THR I 71 -1.70 29.60 40.34
N ALA I 72 -2.03 29.76 39.06
CA ALA I 72 -1.24 30.61 38.14
C ALA I 72 -2.14 31.33 37.13
N ASP I 73 -1.66 32.47 36.63
CA ASP I 73 -2.37 33.29 35.62
C ASP I 73 -1.36 33.88 34.64
N GLU I 74 -1.49 33.54 33.36
CA GLU I 74 -0.63 34.06 32.28
C GLU I 74 -0.87 35.57 32.07
N SER I 75 -2.08 36.07 32.31
CA SER I 75 -2.43 37.50 32.07
C SER I 75 -1.61 38.40 33.01
N THR I 76 -1.71 38.17 34.32
CA THR I 76 -0.85 38.86 35.33
C THR I 76 0.57 38.30 35.27
N THR I 77 0.77 37.19 34.55
CA THR I 77 2.05 36.44 34.42
C THR I 77 2.60 36.22 35.82
N THR I 78 1.74 35.73 36.70
CA THR I 78 2.03 35.57 38.15
C THR I 78 1.54 34.21 38.67
N VAL I 79 2.34 33.61 39.55
CA VAL I 79 2.00 32.36 40.28
C VAL I 79 1.70 32.77 41.72
N TYR I 80 0.62 32.21 42.28
CA TYR I 80 0.13 32.51 43.64
C TYR I 80 0.19 31.24 44.49
N MET I 81 0.75 31.36 45.70
CA MET I 81 0.89 30.23 46.65
C MET I 81 0.19 30.59 47.96
N ASP I 82 -0.77 29.76 48.38
CA ASP I 82 -1.54 29.98 49.63
C ASP I 82 -1.18 28.92 50.67
N LEU I 83 -0.75 29.35 51.85
CA LEU I 83 -0.37 28.47 52.98
C LEU I 83 -1.38 28.69 54.12
N SER I 84 -2.08 27.63 54.55
CA SER I 84 -3.17 27.69 55.56
C SER I 84 -2.76 27.09 56.91
N SER I 85 -3.60 27.34 57.95
CA SER I 85 -3.45 26.82 59.34
C SER I 85 -2.03 27.12 59.87
N LEU I 86 -1.62 28.39 59.78
CA LEU I 86 -0.26 28.87 60.17
C LEU I 86 0.06 28.63 61.64
N ARG I 87 1.34 28.38 61.92
CA ARG I 87 1.91 28.20 63.28
C ARG I 87 3.29 28.87 63.35
N SER I 88 3.80 29.14 64.56
CA SER I 88 5.10 29.82 64.79
C SER I 88 6.22 29.19 63.96
N ASP I 89 6.22 27.86 63.85
CA ASP I 89 7.22 27.04 63.11
C ASP I 89 7.33 27.43 61.63
N ASP I 90 6.27 27.96 61.04
CA ASP I 90 6.24 28.37 59.61
C ASP I 90 7.04 29.66 59.36
N THR I 91 7.56 30.31 60.40
CA THR I 91 8.39 31.54 60.23
C THR I 91 9.63 31.19 59.41
N ALA I 92 9.69 31.65 58.16
CA ALA I 92 10.78 31.32 57.21
C ALA I 92 10.81 32.28 56.01
N VAL I 93 11.91 32.29 55.28
CA VAL I 93 11.99 33.00 53.97
C VAL I 93 11.45 32.03 52.91
N TYR I 94 10.48 32.47 52.11
CA TYR I 94 9.85 31.66 51.03
C TYR I 94 10.34 32.20 49.68
N TYR I 95 11.04 31.36 48.90
CA TYR I 95 11.55 31.74 47.57
C TYR I 95 10.75 31.04 46.46
N CYS I 96 10.40 31.76 45.40
CA CYS I 96 9.90 31.14 44.16
C CYS I 96 11.11 30.84 43.28
N ALA I 97 11.07 29.77 42.51
CA ALA I 97 12.19 29.38 41.63
C ALA I 97 11.67 28.73 40.34
N ARG I 98 12.47 28.79 39.28
CA ARG I 98 12.10 28.26 37.94
C ARG I 98 12.91 26.98 37.71
N ALA I 99 12.20 25.88 37.48
CA ALA I 99 12.81 24.55 37.27
C ALA I 99 13.19 24.34 35.78
N GLY I 100 14.17 23.46 35.52
CA GLY I 100 14.53 23.02 34.16
C GLY I 100 13.49 22.09 33.52
N SER I 101 12.41 21.76 34.21
CA SER I 101 11.39 20.77 33.82
C SER I 101 10.15 21.44 33.22
N ASP I 102 9.59 20.90 32.14
CA ASP I 102 8.41 21.51 31.47
C ASP I 102 7.39 20.48 30.94
N TYR I 103 7.49 19.21 31.31
CA TYR I 103 6.51 18.15 30.96
C TYR I 103 6.49 17.07 32.05
N PHE I 104 5.35 16.44 32.25
CA PHE I 104 5.17 15.30 33.19
C PHE I 104 4.62 14.08 32.44
N ASN I 105 5.34 12.96 32.44
CA ASN I 105 4.85 11.66 31.89
C ASN I 105 3.97 10.95 32.91
N ARG I 106 2.75 10.51 32.57
CA ARG I 106 1.91 9.65 33.45
C ARG I 106 2.72 8.50 34.06
N ASP I 107 3.56 7.86 33.26
CA ASP I 107 4.31 6.66 33.66
C ASP I 107 5.70 6.99 34.23
N LEU I 108 6.53 7.74 33.52
CA LEU I 108 7.95 7.98 33.85
C LEU I 108 8.18 9.16 34.82
N GLY I 109 7.16 9.98 35.15
CA GLY I 109 7.36 11.13 36.06
C GLY I 109 8.05 12.34 35.42
N TRP I 110 8.91 13.04 36.16
CA TRP I 110 9.53 14.34 35.76
C TRP I 110 10.98 14.16 35.32
N GLU I 111 11.54 15.19 34.69
CA GLU I 111 12.95 15.21 34.23
C GLU I 111 13.51 16.63 34.38
N ASN I 112 14.82 16.76 34.65
CA ASN I 112 15.56 18.05 34.83
C ASN I 112 14.92 18.92 35.94
N TYR I 113 14.39 18.35 37.03
CA TYR I 113 13.76 19.17 38.11
C TYR I 113 14.84 19.73 39.06
N TYR I 114 15.65 20.63 38.52
CA TYR I 114 16.62 21.45 39.29
C TYR I 114 16.28 22.91 39.03
N PHE I 115 16.62 23.77 39.99
CA PHE I 115 16.23 25.20 40.02
C PHE I 115 17.34 26.01 39.36
N ALA I 116 17.01 26.66 38.25
CA ALA I 116 17.97 27.46 37.44
C ALA I 116 18.02 28.90 37.95
N SER I 117 16.87 29.46 38.35
CA SER I 117 16.72 30.89 38.73
C SER I 117 15.78 31.03 39.93
N TRP I 118 16.08 32.00 40.81
CA TRP I 118 15.39 32.20 42.11
C TRP I 118 14.90 33.65 42.27
N GLY I 119 13.76 33.83 42.96
CA GLY I 119 13.26 35.17 43.36
C GLY I 119 14.03 35.78 44.52
N GLN I 120 13.59 36.94 45.00
CA GLN I 120 14.26 37.72 46.09
C GLN I 120 14.04 37.05 47.45
N GLY I 121 13.01 36.20 47.59
CA GLY I 121 12.60 35.61 48.88
C GLY I 121 11.70 36.55 49.67
N THR I 122 10.62 36.02 50.23
CA THR I 122 9.62 36.77 51.03
C THR I 122 9.68 36.26 52.47
N LEU I 123 9.96 37.12 53.44
CA LEU I 123 9.94 36.71 54.88
C LEU I 123 8.50 36.69 55.38
N VAL I 124 8.03 35.52 55.82
CA VAL I 124 6.70 35.37 56.47
C VAL I 124 6.96 34.97 57.93
N THR I 125 6.32 35.65 58.87
CA THR I 125 6.44 35.28 60.31
C THR I 125 5.06 35.13 60.92
N VAL I 126 4.93 34.13 61.79
CA VAL I 126 3.64 33.82 62.47
C VAL I 126 3.79 34.20 63.93
N SER I 127 2.99 35.17 64.38
CA SER I 127 3.05 35.71 65.77
C SER I 127 1.77 36.48 66.13
N SER I 128 1.49 36.57 67.43
CA SER I 128 0.37 37.33 68.01
C SER I 128 0.75 38.81 68.20
N ALA I 129 2.04 39.13 68.27
CA ALA I 129 2.58 40.49 68.53
C ALA I 129 2.22 41.48 67.41
N SER I 130 1.96 42.74 67.80
CA SER I 130 1.56 43.86 66.89
C SER I 130 2.76 44.34 66.06
N GLU J 1 12.03 10.36 51.31
CA GLU J 1 12.33 8.98 50.79
C GLU J 1 13.85 8.85 50.54
N ILE J 2 14.38 9.35 49.42
CA ILE J 2 15.85 9.32 49.19
C ILE J 2 16.51 10.37 50.11
N VAL J 3 17.50 9.94 50.89
CA VAL J 3 18.22 10.81 51.86
C VAL J 3 19.57 11.21 51.27
N MET J 4 19.88 12.50 51.34
CA MET J 4 21.17 13.07 50.88
C MET J 4 22.04 13.41 52.09
N THR J 5 23.23 12.83 52.16
CA THR J 5 24.21 13.04 53.25
C THR J 5 25.40 13.80 52.68
N GLN J 6 25.76 14.92 53.26
CA GLN J 6 26.83 15.80 52.72
C GLN J 6 27.94 15.97 53.77
N SER J 7 29.21 15.93 53.35
CA SER J 7 30.36 16.01 54.29
C SER J 7 31.62 16.57 53.62
N PRO J 8 32.53 17.24 54.37
CA PRO J 8 32.38 17.57 55.80
C PRO J 8 31.26 18.57 56.13
N ALA J 9 30.92 18.73 57.40
CA ALA J 9 29.88 19.68 57.88
C ALA J 9 30.39 21.13 57.71
N THR J 10 31.64 21.38 58.10
CA THR J 10 32.32 22.70 57.95
C THR J 10 33.72 22.46 57.39
N LEU J 11 34.17 23.35 56.49
CA LEU J 11 35.52 23.28 55.89
C LEU J 11 36.20 24.64 55.97
N SER J 12 37.47 24.68 56.33
CA SER J 12 38.25 25.95 56.34
C SER J 12 39.66 25.74 55.82
N LEU J 13 40.06 26.58 54.85
CA LEU J 13 41.37 26.53 54.15
C LEU J 13 41.82 27.94 53.79
N SER J 14 43.12 28.15 53.63
CA SER J 14 43.71 29.46 53.21
C SER J 14 43.50 29.70 51.71
N SER J 15 43.57 30.96 51.28
CA SER J 15 43.46 31.36 49.84
C SER J 15 44.62 30.77 49.01
N GLY J 16 44.39 30.60 47.71
CA GLY J 16 45.40 30.10 46.75
C GLY J 16 45.59 28.59 46.81
N GLU J 17 44.66 27.84 47.41
CA GLU J 17 44.74 26.34 47.54
C GLU J 17 43.42 25.67 47.13
N ARG J 18 43.47 24.36 46.86
CA ARG J 18 42.30 23.55 46.42
C ARG J 18 41.45 23.12 47.63
N ALA J 19 40.12 23.10 47.45
CA ALA J 19 39.12 22.66 48.44
C ALA J 19 38.19 21.60 47.82
N THR J 20 37.75 20.60 48.59
CA THR J 20 36.88 19.50 48.08
C THR J 20 35.71 19.22 49.06
N LEU J 21 34.53 19.00 48.48
CA LEU J 21 33.24 18.73 49.19
C LEU J 21 32.66 17.42 48.65
N SER J 22 31.92 16.66 49.46
CA SER J 22 31.36 15.34 49.02
C SER J 22 29.88 15.18 49.40
N CYS J 23 29.16 14.38 48.63
CA CYS J 23 27.71 14.12 48.81
C CYS J 23 27.39 12.65 48.48
N ARG J 24 26.47 12.05 49.24
CA ARG J 24 26.09 10.62 49.10
C ARG J 24 24.56 10.48 49.16
N ALA J 25 24.01 9.59 48.33
CA ALA J 25 22.56 9.32 48.23
C ALA J 25 22.25 7.92 48.77
N SER J 26 21.17 7.78 49.55
CA SER J 26 20.75 6.49 50.17
C SER J 26 20.39 5.42 49.11
N ARG J 27 20.11 5.81 47.86
CA ARG J 27 19.95 4.91 46.68
C ARG J 27 20.64 5.57 45.48
N SER J 28 20.96 4.82 44.43
CA SER J 28 21.64 5.39 43.23
C SER J 28 20.70 6.36 42.49
N VAL J 29 21.17 7.58 42.25
CA VAL J 29 20.38 8.66 41.58
C VAL J 29 20.81 8.83 40.12
N SER J 30 21.68 7.97 39.57
CA SER J 30 22.04 7.89 38.12
C SER J 30 22.43 9.27 37.52
N SER J 31 23.26 10.05 38.21
CA SER J 31 23.79 11.37 37.75
C SER J 31 22.74 12.50 37.82
N ASN J 32 21.53 12.29 38.35
CA ASN J 32 20.50 13.35 38.52
C ASN J 32 20.84 14.12 39.80
N LEU J 33 21.97 14.83 39.79
CA LEU J 33 22.50 15.53 40.99
C LEU J 33 22.99 16.94 40.60
N ALA J 34 22.62 17.94 41.41
CA ALA J 34 23.01 19.35 41.21
C ALA J 34 23.64 19.94 42.49
N TRP J 35 24.44 20.99 42.32
CA TRP J 35 25.07 21.70 43.46
C TRP J 35 24.68 23.18 43.44
N TYR J 36 24.44 23.75 44.61
CA TYR J 36 24.09 25.18 44.81
C TYR J 36 25.05 25.87 45.77
N GLN J 37 25.32 27.15 45.50
CA GLN J 37 26.07 28.06 46.40
C GLN J 37 25.11 29.10 46.96
N GLN J 38 25.15 29.37 48.26
CA GLN J 38 24.35 30.46 48.86
C GLN J 38 25.28 31.41 49.60
N LYS J 39 25.36 32.66 49.13
CA LYS J 39 26.19 33.71 49.75
C LYS J 39 25.38 34.34 50.90
N PRO J 40 25.99 34.78 52.02
CA PRO J 40 25.22 35.29 53.16
C PRO J 40 24.21 36.40 52.82
N GLY J 41 22.97 36.22 53.29
CA GLY J 41 21.84 37.15 53.13
C GLY J 41 21.26 37.19 51.73
N GLN J 42 21.48 36.17 50.90
CA GLN J 42 20.99 36.14 49.48
C GLN J 42 20.37 34.77 49.13
N ALA J 43 19.57 34.76 48.06
CA ALA J 43 18.93 33.54 47.51
C ALA J 43 20.01 32.58 46.99
N PRO J 44 19.79 31.24 47.00
CA PRO J 44 20.76 30.29 46.44
C PRO J 44 20.99 30.49 44.93
N ARG J 45 22.10 29.97 44.44
CA ARG J 45 22.52 30.08 43.01
C ARG J 45 23.00 28.71 42.51
N LEU J 46 22.54 28.30 41.31
CA LEU J 46 22.94 27.00 40.72
C LEU J 46 24.41 27.06 40.29
N LEU J 47 25.20 26.10 40.73
CA LEU J 47 26.66 26.03 40.42
C LEU J 47 26.90 24.94 39.37
N ILE J 48 26.39 23.72 39.59
CA ILE J 48 26.58 22.55 38.67
C ILE J 48 25.29 21.74 38.58
N TYR J 49 25.07 21.10 37.43
CA TYR J 49 23.94 20.16 37.22
C TYR J 49 24.43 18.90 36.50
N ASP J 50 23.60 17.85 36.54
CA ASP J 50 23.90 16.50 36.01
C ASP J 50 25.29 16.02 36.47
N ALA J 51 25.69 16.41 37.69
CA ALA J 51 26.97 16.02 38.35
C ALA J 51 28.21 16.41 37.53
N SER J 52 28.08 17.07 36.38
CA SER J 52 29.18 17.15 35.37
C SER J 52 29.36 18.52 34.70
N THR J 53 28.35 19.40 34.68
CA THR J 53 28.41 20.67 33.89
C THR J 53 28.09 21.87 34.78
N ARG J 54 28.81 22.98 34.59
CA ARG J 54 28.72 24.19 35.44
C ARG J 54 27.93 25.30 34.73
N ALA J 55 27.14 26.04 35.53
CA ALA J 55 26.31 27.18 35.07
C ALA J 55 27.18 28.36 34.62
N THR J 56 26.60 29.25 33.82
CA THR J 56 27.27 30.42 33.17
C THR J 56 28.01 31.33 34.18
N GLY J 57 27.54 31.43 35.43
CA GLY J 57 28.12 32.32 36.45
C GLY J 57 29.48 31.87 36.99
N PHE J 58 29.95 30.66 36.68
CA PHE J 58 31.19 30.08 37.28
C PHE J 58 32.17 29.61 36.20
N SER J 59 33.46 29.67 36.52
CA SER J 59 34.60 29.39 35.60
C SER J 59 35.22 28.00 35.84
N ALA J 60 36.24 27.66 35.04
CA ALA J 60 36.97 26.37 35.04
C ALA J 60 37.49 25.95 36.43
N ARG J 61 37.61 26.86 37.39
CA ARG J 61 38.12 26.54 38.76
C ARG J 61 37.15 25.64 39.55
N PHE J 62 35.89 25.53 39.13
CA PHE J 62 34.87 24.66 39.78
C PHE J 62 34.68 23.39 38.94
N ALA J 63 34.73 22.22 39.58
CA ALA J 63 34.61 20.91 38.89
C ALA J 63 33.72 19.93 39.67
N GLY J 64 32.87 19.20 38.94
CA GLY J 64 31.99 18.14 39.46
C GLY J 64 32.55 16.76 39.13
N SER J 65 32.22 15.77 39.96
CA SER J 65 32.73 14.37 39.81
C SER J 65 31.80 13.35 40.48
N GLY J 66 31.89 12.09 40.05
CA GLY J 66 31.14 10.96 40.65
C GLY J 66 29.90 10.56 39.85
N SER J 67 29.29 9.44 40.25
CA SER J 67 28.10 8.84 39.61
C SER J 67 27.43 7.81 40.55
N GLY J 68 26.18 7.45 40.25
CA GLY J 68 25.44 6.43 41.02
C GLY J 68 25.03 6.90 42.42
N THR J 69 25.84 6.62 43.45
CA THR J 69 25.49 6.86 44.88
C THR J 69 26.48 7.85 45.54
N GLU J 70 27.62 8.17 44.94
CA GLU J 70 28.60 9.11 45.55
C GLU J 70 29.03 10.18 44.53
N PHE J 71 29.12 11.42 45.01
CA PHE J 71 29.42 12.63 44.20
C PHE J 71 30.42 13.53 44.91
N THR J 72 31.08 14.39 44.15
CA THR J 72 32.14 15.28 44.68
C THR J 72 32.17 16.61 43.91
N LEU J 73 32.48 17.68 44.63
CA LEU J 73 32.65 19.04 44.09
C LEU J 73 34.03 19.54 44.52
N THR J 74 34.77 20.17 43.61
CA THR J 74 36.14 20.69 43.90
C THR J 74 36.26 22.14 43.44
N ILE J 75 36.84 22.97 44.30
CA ILE J 75 37.14 24.41 44.03
C ILE J 75 38.67 24.55 43.95
N SER J 76 39.18 25.13 42.87
CA SER J 76 40.64 25.30 42.66
C SER J 76 41.07 26.73 42.98
N SER J 77 42.18 26.88 43.70
CA SER J 77 42.77 28.18 44.11
C SER J 77 41.70 29.06 44.79
N LEU J 78 41.34 28.72 46.02
CA LEU J 78 40.29 29.39 46.84
C LEU J 78 40.54 30.91 46.97
N GLN J 79 39.48 31.71 46.89
CA GLN J 79 39.50 33.20 46.94
C GLN J 79 38.45 33.72 47.94
N SER J 80 38.59 34.96 48.38
CA SER J 80 37.73 35.65 49.39
C SER J 80 36.23 35.48 49.15
N GLU J 81 35.77 35.49 47.90
CA GLU J 81 34.33 35.43 47.55
C GLU J 81 33.76 34.00 47.72
N ASP J 82 34.61 32.99 47.90
CA ASP J 82 34.16 31.57 48.01
C ASP J 82 33.56 31.27 49.40
N SER J 83 33.73 32.16 50.39
CA SER J 83 33.19 32.01 51.76
C SER J 83 31.65 32.04 51.70
N ALA J 84 31.04 30.84 51.68
CA ALA J 84 29.59 30.62 51.47
C ALA J 84 29.18 29.21 51.91
N ILE J 85 27.88 28.93 51.94
CA ILE J 85 27.36 27.57 52.25
C ILE J 85 26.96 26.89 50.93
N TYR J 86 27.28 25.62 50.77
CA TYR J 86 27.05 24.84 49.52
C TYR J 86 26.13 23.65 49.83
N TYR J 87 25.18 23.35 48.94
CA TYR J 87 24.23 22.20 49.12
C TYR J 87 24.13 21.34 47.86
N CYS J 88 24.07 20.02 48.00
CA CYS J 88 23.77 19.09 46.89
C CYS J 88 22.26 18.82 46.83
N GLN J 89 21.70 18.48 45.66
CA GLN J 89 20.25 18.18 45.50
C GLN J 89 20.05 17.08 44.46
N GLN J 90 19.21 16.09 44.76
CA GLN J 90 18.90 15.03 43.76
C GLN J 90 17.57 15.31 43.04
N TYR J 91 17.44 14.80 41.82
CA TYR J 91 16.19 14.94 41.03
C TYR J 91 15.90 13.67 40.22
N ASN J 92 15.98 12.53 40.87
CA ASN J 92 15.81 11.21 40.22
C ASN J 92 14.33 10.86 40.02
N ASN J 93 13.75 11.29 38.91
CA ASN J 93 12.44 10.86 38.32
C ASN J 93 11.19 11.22 39.14
N TRP J 94 11.16 11.09 40.47
CA TRP J 94 9.90 11.20 41.26
C TRP J 94 10.11 12.02 42.55
N PRO J 95 9.10 12.81 43.01
CA PRO J 95 9.22 13.59 44.23
C PRO J 95 9.39 12.75 45.50
N PRO J 96 9.89 13.32 46.61
CA PRO J 96 10.35 14.72 46.69
C PRO J 96 11.81 14.97 46.29
N TRP J 97 12.09 16.20 45.90
CA TRP J 97 13.42 16.64 45.41
C TRP J 97 14.29 17.06 46.61
N THR J 98 14.74 16.08 47.38
CA THR J 98 15.48 16.31 48.66
C THR J 98 16.86 16.94 48.44
N PHE J 99 17.17 17.92 49.29
CA PHE J 99 18.49 18.60 49.36
C PHE J 99 19.37 17.99 50.47
N GLY J 100 20.68 18.11 50.35
CA GLY J 100 21.63 17.76 51.42
C GLY J 100 21.59 18.81 52.52
N GLN J 101 22.13 18.50 53.71
CA GLN J 101 22.04 19.44 54.87
C GLN J 101 23.04 20.60 54.70
N GLY J 102 23.93 20.56 53.70
CA GLY J 102 24.86 21.66 53.37
C GLY J 102 26.21 21.58 54.08
N THR J 103 27.20 22.27 53.51
CA THR J 103 28.60 22.39 54.01
C THR J 103 28.97 23.88 54.02
N LYS J 104 29.52 24.39 55.12
CA LYS J 104 29.93 25.81 55.19
C LYS J 104 31.44 25.95 54.92
N VAL J 105 31.80 26.91 54.06
CA VAL J 105 33.22 27.20 53.73
C VAL J 105 33.58 28.57 54.32
N GLU J 106 34.64 28.62 55.12
CA GLU J 106 35.19 29.90 55.65
C GLU J 106 36.70 29.91 55.41
N ILE J 107 37.26 31.08 55.15
CA ILE J 107 38.65 31.18 54.64
C ILE J 107 39.63 31.47 55.80
N LYS J 108 40.66 30.62 55.92
CA LYS J 108 41.69 30.70 56.98
C LYS J 108 42.76 31.71 56.59
N ARG J 109 42.41 33.00 56.66
CA ARG J 109 43.33 34.15 56.39
C ARG J 109 44.27 34.38 57.60
N THR J 110 45.19 35.33 57.45
CA THR J 110 46.15 35.75 58.52
C THR J 110 45.39 36.43 59.66
#